data_9DWE
#
_entry.id   9DWE
#
loop_
_entity.id
_entity.type
_entity.pdbx_description
1 polymer 'CR9114 Fab light chain'
2 polymer 'CR9114 Fab Fab heavy chain'
3 polymer Hemagglutinin
4 branched 'N-acetyl-alpha-neuraminic acid-(2-3)-beta-D-galactopyranose'
5 non-polymer 2-acetamido-2-deoxy-beta-D-glucopyranose
#
loop_
_entity_poly.entity_id
_entity_poly.type
_entity_poly.pdbx_seq_one_letter_code
_entity_poly.pdbx_strand_id
1 'polypeptide(L)'
;SALTQPPAVSGTPGQRVTISCSGSDSNIGRRSVNWYQQFPGTAPKLLIYSNDQRPSVVPDRFSGSKSGTSASLAISGLQS
EDEAEYYCAAWDDSLKGAVFGGGTQLTVLG
;
L,M,N
2 'polypeptide(L)'
;QVQLVQSGAEVKKPGSSVKVSCKSSGGTSNNYAISWVRQAPGQGLDWMGGISPIFGSTAYAQKFQGRVTISADIFSNTAY
MELNSLTSEDTAVYFCARHGNYYYYSGMDVWGQGTTVTVS
;
H,I,J
3 'polypeptide(L)'
;MENIVLLLAIVSLVKSDQICIGYHANNSTEQVDTIMEKNVTVTHAQDILEKTHNGKLCDLNGVKPLILKDCSVAGWLLGN
PMCDEFIRVPEWSYIVERANPANDLCYPGSLNDYEELKHMLSRINHFEKIQIIPKSSWPNHETSLGVSAACPYQGAPSFF
RNVVWLIKKNDAYPTIKISYNNTNREDLLILWGIHHSNNAEEQTNLYKNPITYISVGTSTLNQRLAPKIATRSQVNGQRG
RMDFFWTILKPDDAIHFESNGNFIAPEYAYKIVKKGDSTIMKSGVEYGHCNTKCQTPVGAINSSMPFHNIHPLTIGECPK
YVKSNKLVLATGLRNSPLREKRRKRGLFGAIAGFIEGGWQGMVDGWYGYHHSNEQGSGYAADKESTQKAIDGVTNKVNSI
IDKMNTQFEAVGREFNNLERRIENLNKKMEDGFLDVWTYNAELLVLMENERTLDFHDSNVKNLYDKVRLQLRDNAKELGN
GCFEFYHKCDNECMESVRNGTYDYPQYSEEARLKREEISGSGYIPEAPRDGQAYVRKDGEWVLLSTFLGSGLNDIFEAQK
IEWHEGHHHHHH
;
A,B,C
#
loop_
_chem_comp.id
_chem_comp.type
_chem_comp.name
_chem_comp.formula
GAL D-saccharide, beta linking beta-D-galactopyranose 'C6 H12 O6'
NAG D-saccharide, beta linking 2-acetamido-2-deoxy-beta-D-glucopyranose 'C8 H15 N O6'
SIA D-saccharide, alpha linking 'N-acetyl-alpha-neuraminic acid' 'C11 H19 N O9'
#
# COMPACT_ATOMS: atom_id res chain seq x y z
N SER A 1 47.16 14.72 26.73
CA SER A 1 48.38 13.97 27.00
C SER A 1 48.07 12.48 27.15
N ALA A 2 48.62 11.88 28.23
CA ALA A 2 48.45 10.50 28.70
C ALA A 2 49.15 9.46 27.82
N LEU A 3 49.71 9.89 26.70
CA LEU A 3 50.63 9.08 25.91
C LEU A 3 51.89 9.90 25.65
N THR A 4 53.04 9.30 25.91
CA THR A 4 54.32 9.97 25.83
C THR A 4 55.06 9.55 24.57
N GLN A 5 55.42 10.52 23.75
CA GLN A 5 56.23 10.30 22.56
C GLN A 5 57.50 11.13 22.65
N PRO A 6 58.58 10.68 22.04
CA PRO A 6 59.72 11.58 21.81
C PRO A 6 59.33 12.68 20.83
N PRO A 7 59.70 13.93 21.12
CA PRO A 7 59.27 15.04 20.25
C PRO A 7 59.90 15.05 18.88
N ALA A 8 61.07 14.43 18.70
CA ALA A 8 61.75 14.45 17.42
C ALA A 8 62.59 13.20 17.25
N VAL A 9 62.62 12.69 16.02
CA VAL A 9 63.51 11.60 15.63
C VAL A 9 64.21 11.99 14.34
N SER A 10 65.33 11.35 14.05
CA SER A 10 66.11 11.66 12.86
C SER A 10 66.75 10.40 12.31
N GLY A 11 67.10 10.45 11.03
CA GLY A 11 67.77 9.35 10.38
C GLY A 11 68.02 9.66 8.92
N THR A 12 68.91 8.86 8.33
CA THR A 12 69.24 8.92 6.91
C THR A 12 68.21 8.14 6.11
N PRO A 13 68.07 8.43 4.81
CA PRO A 13 67.25 7.55 3.96
C PRO A 13 67.83 6.15 3.87
N GLY A 14 66.94 5.16 3.94
CA GLY A 14 67.33 3.77 4.02
C GLY A 14 67.55 3.25 5.43
N GLN A 15 67.63 4.13 6.43
CA GLN A 15 67.84 3.72 7.80
C GLN A 15 66.50 3.36 8.46
N ARG A 16 66.53 2.32 9.28
CA ARG A 16 65.38 1.94 10.07
C ARG A 16 65.29 2.81 11.31
N VAL A 17 64.17 3.51 11.46
CA VAL A 17 63.93 4.37 12.62
C VAL A 17 62.72 3.85 13.37
N THR A 18 62.73 4.07 14.69
CA THR A 18 61.65 3.62 15.55
C THR A 18 61.10 4.80 16.36
N ILE A 19 59.79 4.81 16.53
CA ILE A 19 59.09 5.83 17.31
C ILE A 19 58.35 5.11 18.43
N SER A 20 58.63 5.50 19.67
CA SER A 20 58.01 4.88 20.83
C SER A 20 56.80 5.66 21.30
N CYS A 21 55.89 4.96 21.98
CA CYS A 21 54.70 5.58 22.54
C CYS A 21 54.44 4.94 23.90
N SER A 22 54.76 5.66 24.96
CA SER A 22 54.63 5.15 26.32
C SER A 22 53.31 5.62 26.92
N GLY A 23 52.53 4.67 27.43
CA GLY A 23 51.25 4.98 28.04
C GLY A 23 51.12 4.44 29.45
N SER A 24 49.96 3.89 29.76
CA SER A 24 49.68 3.35 31.09
C SER A 24 48.90 2.06 30.95
N ASP A 25 48.34 1.61 32.07
CA ASP A 25 47.57 0.36 32.06
C ASP A 25 46.24 0.52 31.34
N SER A 26 45.56 1.65 31.53
CA SER A 26 44.19 1.82 31.07
C SER A 26 44.08 2.21 29.61
N ASN A 27 45.17 2.60 28.95
CA ASN A 27 45.06 3.08 27.58
C ASN A 27 45.74 2.17 26.56
N ILE A 28 47.02 1.85 26.77
CA ILE A 28 47.73 1.00 25.81
C ILE A 28 47.64 -0.47 26.24
N GLY A 29 47.69 -0.72 27.54
CA GLY A 29 47.77 -2.10 28.02
C GLY A 29 46.48 -2.88 27.85
N ARG A 30 45.36 -2.17 27.72
CA ARG A 30 44.05 -2.82 27.60
C ARG A 30 43.26 -2.41 26.36
N ARG A 31 43.80 -1.52 25.52
CA ARG A 31 43.15 -1.16 24.27
C ARG A 31 44.17 -1.15 23.14
N SER A 32 43.67 -1.15 21.91
CA SER A 32 44.53 -1.14 20.74
C SER A 32 45.01 0.28 20.41
N VAL A 33 46.23 0.37 19.90
CA VAL A 33 46.88 1.64 19.63
C VAL A 33 46.85 1.91 18.13
N ASN A 34 46.37 3.09 17.76
CA ASN A 34 46.33 3.53 16.37
C ASN A 34 47.45 4.53 16.12
N TRP A 35 48.03 4.48 14.93
CA TRP A 35 49.11 5.36 14.54
C TRP A 35 48.67 6.26 13.39
N TYR A 36 48.97 7.55 13.52
CA TYR A 36 48.54 8.55 12.55
C TYR A 36 49.73 9.33 12.03
N GLN A 37 49.77 9.51 10.71
CA GLN A 37 50.80 10.28 10.03
C GLN A 37 50.20 11.56 9.47
N GLN A 38 50.77 12.70 9.86
CA GLN A 38 50.25 13.99 9.44
C GLN A 38 51.37 14.85 8.89
N PHE A 39 51.28 15.19 7.61
CA PHE A 39 52.09 16.21 6.98
C PHE A 39 51.64 17.59 7.45
N PRO A 40 52.51 18.61 7.40
CA PRO A 40 52.09 19.95 7.83
C PRO A 40 51.03 20.54 6.91
N GLY A 41 49.93 20.98 7.52
CA GLY A 41 48.84 21.60 6.80
C GLY A 41 47.82 20.66 6.20
N THR A 42 47.96 19.35 6.41
CA THR A 42 47.04 18.37 5.86
C THR A 42 46.39 17.57 6.98
N ALA A 43 45.36 16.82 6.61
CA ALA A 43 44.65 15.92 7.51
C ALA A 43 45.53 14.73 7.87
N PRO A 44 45.35 14.16 9.06
CA PRO A 44 46.07 12.94 9.40
C PRO A 44 45.61 11.75 8.56
N LYS A 45 46.50 10.77 8.45
CA LYS A 45 46.23 9.54 7.71
C LYS A 45 46.37 8.35 8.64
N LEU A 46 45.51 7.35 8.46
CA LEU A 46 45.65 6.13 9.26
C LEU A 46 46.85 5.34 8.77
N LEU A 47 47.72 4.97 9.69
CA LEU A 47 48.97 4.29 9.37
C LEU A 47 49.03 2.87 9.90
N ILE A 48 48.80 2.68 11.20
CA ILE A 48 48.78 1.37 11.83
C ILE A 48 47.58 1.34 12.76
N TYR A 49 46.75 0.29 12.65
CA TYR A 49 45.64 0.09 13.57
C TYR A 49 45.75 -1.32 14.16
N SER A 50 45.00 -1.56 15.24
CA SER A 50 45.03 -2.90 15.90
C SER A 50 46.47 -3.21 16.33
N ASN A 51 47.28 -2.18 16.59
CA ASN A 51 48.66 -2.38 17.09
C ASN A 51 49.57 -2.89 15.96
N ASP A 52 49.14 -3.89 15.18
CA ASP A 52 50.04 -4.41 14.16
C ASP A 52 49.47 -4.46 12.76
N GLN A 53 48.23 -4.02 12.53
CA GLN A 53 47.61 -4.16 11.23
C GLN A 53 47.82 -2.89 10.42
N ARG A 54 47.70 -3.03 9.10
CA ARG A 54 48.05 -1.98 8.18
C ARG A 54 46.98 -1.83 7.11
N PRO A 55 46.63 -0.60 6.70
CA PRO A 55 45.76 -0.43 5.54
C PRO A 55 46.45 -0.87 4.25
N SER A 56 45.63 -1.14 3.23
CA SER A 56 46.17 -1.62 1.96
C SER A 56 46.91 -0.52 1.20
N VAL A 57 46.56 0.74 1.46
CA VAL A 57 47.23 1.85 0.78
C VAL A 57 48.56 2.21 1.44
N VAL A 58 48.74 1.88 2.71
CA VAL A 58 49.99 2.16 3.42
C VAL A 58 51.05 1.16 2.98
N PRO A 59 52.24 1.63 2.60
CA PRO A 59 53.31 0.69 2.18
C PRO A 59 53.80 -0.17 3.33
N ASP A 60 54.36 -1.33 2.99
CA ASP A 60 54.71 -2.37 3.95
C ASP A 60 55.91 -2.01 4.83
N ARG A 61 56.61 -0.91 4.55
CA ARG A 61 57.74 -0.51 5.37
C ARG A 61 57.32 0.05 6.73
N PHE A 62 56.05 0.37 6.92
CA PHE A 62 55.52 0.81 8.21
C PHE A 62 54.98 -0.39 8.97
N SER A 63 55.40 -0.54 10.21
CA SER A 63 54.94 -1.63 11.06
C SER A 63 54.87 -1.15 12.50
N GLY A 64 53.98 -1.79 13.27
CA GLY A 64 53.78 -1.40 14.65
C GLY A 64 53.82 -2.61 15.57
N SER A 65 54.13 -2.35 16.83
CA SER A 65 54.21 -3.40 17.84
C SER A 65 53.82 -2.82 19.19
N LYS A 66 53.25 -3.68 20.04
CA LYS A 66 52.81 -3.29 21.36
C LYS A 66 53.25 -4.34 22.37
N SER A 67 53.89 -3.91 23.45
CA SER A 67 54.28 -4.79 24.54
C SER A 67 54.03 -4.10 25.86
N GLY A 68 53.05 -4.60 26.62
CA GLY A 68 52.77 -4.02 27.92
C GLY A 68 52.02 -2.70 27.78
N THR A 69 52.55 -1.67 28.43
CA THR A 69 51.95 -0.34 28.42
C THR A 69 52.67 0.61 27.46
N SER A 70 53.38 0.06 26.48
CA SER A 70 54.13 0.85 25.53
C SER A 70 53.88 0.34 24.12
N ALA A 71 54.08 1.21 23.15
CA ALA A 71 53.92 0.86 21.75
C ALA A 71 55.11 1.38 20.97
N SER A 72 55.35 0.78 19.81
CA SER A 72 56.48 1.14 18.96
C SER A 72 56.06 1.11 17.50
N LEU A 73 56.45 2.14 16.76
CA LEU A 73 56.24 2.23 15.32
C LEU A 73 57.58 2.22 14.62
N ALA A 74 57.75 1.29 13.69
CA ALA A 74 59.03 1.09 13.02
C ALA A 74 58.91 1.42 11.54
N ILE A 75 59.84 2.23 11.04
CA ILE A 75 59.89 2.62 9.63
C ILE A 75 61.23 2.12 9.09
N SER A 76 61.22 0.93 8.50
CA SER A 76 62.44 0.37 7.93
C SER A 76 62.61 0.80 6.49
N GLY A 77 63.82 1.27 6.17
CA GLY A 77 64.06 1.82 4.86
C GLY A 77 63.39 3.17 4.68
N LEU A 78 63.90 4.18 5.40
CA LEU A 78 63.32 5.52 5.39
C LEU A 78 63.44 6.17 4.02
N GLN A 79 62.45 6.98 3.67
CA GLN A 79 62.44 7.72 2.41
C GLN A 79 62.37 9.21 2.68
N SER A 80 62.33 9.98 1.59
CA SER A 80 62.20 11.44 1.72
C SER A 80 60.77 11.84 2.05
N GLU A 81 59.79 11.04 1.63
CA GLU A 81 58.38 11.38 1.82
C GLU A 81 57.87 11.02 3.21
N ASP A 82 58.67 10.41 4.06
CA ASP A 82 58.27 10.04 5.40
C ASP A 82 58.49 11.15 6.42
N GLU A 83 58.90 12.33 5.98
CA GLU A 83 59.06 13.47 6.87
C GLU A 83 57.69 14.04 7.23
N ALA A 84 57.21 13.69 8.43
CA ALA A 84 55.88 14.09 8.88
C ALA A 84 55.83 13.96 10.39
N GLU A 85 54.72 14.42 10.97
CA GLU A 85 54.45 14.26 12.39
C GLU A 85 53.69 12.96 12.62
N TYR A 86 54.07 12.22 13.64
CA TYR A 86 53.53 10.90 13.90
C TYR A 86 52.86 10.87 15.27
N TYR A 87 51.60 10.44 15.30
CA TYR A 87 50.80 10.42 16.52
C TYR A 87 50.39 9.00 16.85
N CYS A 88 50.50 8.62 18.11
CA CYS A 88 49.89 7.40 18.59
C CYS A 88 48.60 7.72 19.34
N ALA A 89 47.60 6.86 19.16
CA ALA A 89 46.31 7.11 19.76
C ALA A 89 45.70 5.79 20.20
N ALA A 90 45.06 5.81 21.37
CA ALA A 90 44.35 4.66 21.88
C ALA A 90 43.23 5.14 22.79
N TRP A 91 42.24 4.28 22.97
CA TRP A 91 41.14 4.59 23.89
C TRP A 91 41.61 4.46 25.33
N ASP A 92 41.21 5.42 26.15
CA ASP A 92 41.56 5.43 27.57
C ASP A 92 40.33 5.04 28.38
N ASP A 93 40.45 3.96 29.14
CA ASP A 93 39.33 3.48 29.95
C ASP A 93 39.10 4.32 31.20
N SER A 94 40.11 5.04 31.68
CA SER A 94 39.95 5.87 32.86
C SER A 94 39.34 7.22 32.54
N LEU A 95 39.75 7.83 31.43
CA LEU A 95 39.17 9.10 31.01
C LEU A 95 37.90 8.94 30.19
N LYS A 96 37.54 7.69 29.85
CA LYS A 96 36.38 7.35 29.00
C LYS A 96 36.42 8.10 27.67
N GLY A 97 37.61 8.13 27.06
CA GLY A 97 37.77 8.85 25.81
C GLY A 97 39.06 8.49 25.13
N ALA A 98 39.22 9.00 23.92
CA ALA A 98 40.43 8.78 23.14
C ALA A 98 41.52 9.76 23.55
N VAL A 99 42.74 9.26 23.67
CA VAL A 99 43.89 10.08 24.00
C VAL A 99 44.90 9.99 22.88
N PHE A 100 45.72 11.03 22.76
CA PHE A 100 46.73 11.14 21.72
C PHE A 100 48.09 11.36 22.36
N GLY A 101 49.13 11.00 21.63
CA GLY A 101 50.48 11.32 22.05
C GLY A 101 50.82 12.77 21.77
N GLY A 102 51.99 13.17 22.23
CA GLY A 102 52.44 14.54 22.01
C GLY A 102 52.82 14.86 20.58
N GLY A 103 53.15 13.85 19.78
CA GLY A 103 53.57 14.07 18.41
C GLY A 103 55.06 13.91 18.23
N THR A 104 55.45 13.20 17.17
CA THR A 104 56.84 12.94 16.87
C THR A 104 57.16 13.45 15.47
N GLN A 105 57.95 14.51 15.41
CA GLN A 105 58.38 15.09 14.13
C GLN A 105 59.58 14.30 13.63
N LEU A 106 59.43 13.69 12.46
CA LEU A 106 60.51 12.92 11.86
C LEU A 106 61.24 13.79 10.85
N THR A 107 62.56 13.87 11.00
CA THR A 107 63.41 14.68 10.14
C THR A 107 64.28 13.77 9.28
N VAL A 108 64.20 13.94 7.97
CA VAL A 108 65.00 13.16 7.03
C VAL A 108 66.33 13.89 6.83
N LEU A 109 67.41 13.27 7.30
CA LEU A 109 68.72 13.87 7.22
C LEU A 109 69.28 13.79 5.80
N GLY A 110 70.12 14.75 5.46
CA GLY A 110 70.72 14.82 4.14
C GLY A 110 70.50 16.15 3.44
N GLN B 1 33.67 5.51 -2.87
CA GLN B 1 34.44 5.92 -1.71
C GLN B 1 33.71 6.99 -0.92
N VAL B 2 34.06 7.13 0.36
CA VAL B 2 33.40 8.12 1.20
C VAL B 2 34.40 9.22 1.56
N GLN B 3 34.03 10.46 1.24
CA GLN B 3 34.81 11.63 1.60
C GLN B 3 34.01 12.51 2.54
N LEU B 4 34.67 12.96 3.60
CA LEU B 4 34.05 13.83 4.60
C LEU B 4 34.36 15.28 4.25
N VAL B 5 33.32 16.07 4.01
CA VAL B 5 33.45 17.46 3.57
C VAL B 5 32.95 18.35 4.70
N GLN B 6 33.84 19.20 5.21
CA GLN B 6 33.50 20.07 6.33
C GLN B 6 33.12 21.46 5.83
N SER B 7 32.71 22.31 6.78
CA SER B 7 32.38 23.68 6.48
C SER B 7 33.65 24.53 6.37
N GLY B 8 33.47 25.79 5.97
CA GLY B 8 34.60 26.68 5.79
C GLY B 8 35.17 27.18 7.11
N ALA B 9 36.24 27.95 6.98
CA ALA B 9 36.91 28.51 8.15
C ALA B 9 36.05 29.57 8.82
N GLU B 10 36.19 29.67 10.13
CA GLU B 10 35.36 30.57 10.94
C GLU B 10 36.24 31.56 11.70
N VAL B 11 35.82 32.81 11.72
CA VAL B 11 36.46 33.87 12.50
C VAL B 11 35.45 34.31 13.55
N LYS B 12 35.81 34.17 14.82
CA LYS B 12 34.88 34.37 15.91
C LYS B 12 35.48 35.31 16.96
N LYS B 13 34.59 35.94 17.72
CA LYS B 13 34.92 36.73 18.89
C LYS B 13 34.87 35.87 20.14
N PRO B 14 35.60 36.24 21.19
CA PRO B 14 35.46 35.53 22.47
C PRO B 14 34.07 35.69 23.06
N GLY B 15 33.58 34.63 23.69
CA GLY B 15 32.26 34.59 24.25
C GLY B 15 31.18 34.09 23.32
N SER B 16 31.49 33.86 22.04
CA SER B 16 30.53 33.36 21.08
C SER B 16 30.65 31.85 20.96
N SER B 17 29.95 31.29 19.98
CA SER B 17 29.96 29.86 19.71
C SER B 17 30.12 29.59 18.23
N VAL B 18 30.69 28.43 17.90
CA VAL B 18 30.95 28.03 16.52
C VAL B 18 30.34 26.65 16.29
N LYS B 19 29.68 26.49 15.14
CA LYS B 19 29.10 25.21 14.75
C LYS B 19 29.77 24.74 13.47
N VAL B 20 30.39 23.56 13.51
CA VAL B 20 31.11 22.99 12.39
C VAL B 20 30.41 21.70 11.98
N SER B 21 30.13 21.56 10.68
CA SER B 21 29.48 20.38 10.14
C SER B 21 30.49 19.50 9.42
N CYS B 22 30.09 18.25 9.20
CA CYS B 22 30.93 17.27 8.49
C CYS B 22 30.00 16.40 7.64
N LYS B 23 29.80 16.79 6.39
CA LYS B 23 28.91 16.08 5.48
C LYS B 23 29.64 14.87 4.90
N SER B 24 29.02 13.70 5.01
CA SER B 24 29.54 12.48 4.43
C SER B 24 29.06 12.36 2.99
N SER B 25 30.00 12.51 2.05
CA SER B 25 29.69 12.50 0.63
C SER B 25 30.20 11.21 0.00
N GLY B 26 29.53 10.78 -1.06
CA GLY B 26 29.89 9.54 -1.73
C GLY B 26 29.42 8.28 -1.03
N GLY B 27 28.54 8.41 -0.05
CA GLY B 27 28.06 7.28 0.72
C GLY B 27 27.73 7.71 2.13
N THR B 28 26.93 6.91 2.81
CA THR B 28 26.51 7.23 4.16
C THR B 28 27.61 6.93 5.16
N SER B 29 27.50 7.53 6.34
CA SER B 29 28.40 7.26 7.45
C SER B 29 27.63 7.04 8.75
N ASN B 30 26.35 6.68 8.64
CA ASN B 30 25.51 6.50 9.81
C ASN B 30 25.83 5.22 10.57
N ASN B 31 26.51 4.27 9.93
CA ASN B 31 26.88 3.03 10.58
C ASN B 31 28.31 3.05 11.11
N TYR B 32 28.97 4.20 11.07
CA TYR B 32 30.30 4.37 11.63
C TYR B 32 30.30 5.54 12.60
N ALA B 33 31.25 5.51 13.53
CA ALA B 33 31.42 6.60 14.47
C ALA B 33 32.28 7.69 13.86
N ILE B 34 31.78 8.93 13.91
CA ILE B 34 32.49 10.09 13.41
C ILE B 34 32.97 10.89 14.60
N SER B 35 34.28 10.97 14.77
CA SER B 35 34.90 11.69 15.87
C SER B 35 35.25 13.10 15.45
N TRP B 36 35.41 13.97 16.45
CA TRP B 36 35.84 15.34 16.23
C TRP B 36 37.17 15.56 16.96
N VAL B 37 38.22 15.83 16.18
CA VAL B 37 39.57 15.95 16.69
C VAL B 37 40.09 17.33 16.33
N ARG B 38 40.57 18.06 17.33
CA ARG B 38 41.12 19.39 17.10
C ARG B 38 42.64 19.36 17.24
N GLN B 39 43.28 20.35 16.65
CA GLN B 39 44.74 20.45 16.62
C GLN B 39 45.13 21.90 16.81
N ALA B 40 45.63 22.24 18.01
CA ALA B 40 46.09 23.58 18.28
C ALA B 40 47.36 23.86 17.48
N PRO B 41 47.60 25.12 17.11
CA PRO B 41 48.83 25.47 16.38
C PRO B 41 50.07 25.24 17.23
N GLY B 42 50.95 24.38 16.74
CA GLY B 42 52.14 24.00 17.47
C GLY B 42 51.96 22.90 18.49
N GLN B 43 50.74 22.42 18.68
CA GLN B 43 50.45 21.34 19.62
C GLN B 43 50.01 20.09 18.88
N GLY B 44 49.65 19.05 19.63
CA GLY B 44 49.23 17.79 19.05
C GLY B 44 47.73 17.71 18.87
N LEU B 45 47.29 16.55 18.36
CA LEU B 45 45.87 16.29 18.19
C LEU B 45 45.19 16.08 19.53
N ASP B 46 43.93 16.50 19.61
CA ASP B 46 43.17 16.39 20.85
C ASP B 46 41.76 15.92 20.51
N TRP B 47 41.30 14.90 21.21
CA TRP B 47 39.96 14.35 20.98
C TRP B 47 38.93 15.19 21.72
N MET B 48 37.88 15.59 21.00
CA MET B 48 36.77 16.33 21.62
C MET B 48 35.58 15.45 21.93
N GLY B 49 35.29 14.49 21.07
CA GLY B 49 34.14 13.64 21.24
C GLY B 49 33.78 13.01 19.91
N GLY B 50 32.60 12.40 19.88
CA GLY B 50 32.12 11.80 18.65
C GLY B 50 30.68 11.38 18.82
N ILE B 51 30.07 10.99 17.70
CA ILE B 51 28.70 10.51 17.70
C ILE B 51 28.63 9.26 16.82
N SER B 52 27.93 8.25 17.32
CA SER B 52 27.60 7.05 16.55
C SER B 52 26.09 7.05 16.42
N PRO B 53 25.55 7.55 15.31
CA PRO B 53 24.13 7.95 15.29
C PRO B 53 23.12 6.81 15.25
N ILE B 54 23.33 5.79 14.41
CA ILE B 54 22.42 4.64 14.41
C ILE B 54 22.61 3.80 15.67
N PHE B 55 23.86 3.65 16.10
CA PHE B 55 24.17 2.97 17.35
C PHE B 55 23.66 3.75 18.56
N GLY B 56 23.53 5.07 18.42
CA GLY B 56 22.94 5.89 19.46
C GLY B 56 23.90 6.38 20.52
N SER B 57 25.20 6.30 20.28
CA SER B 57 26.20 6.75 21.24
C SER B 57 26.69 8.14 20.87
N THR B 58 26.72 9.03 21.86
CA THR B 58 27.33 10.35 21.73
C THR B 58 28.29 10.53 22.88
N ALA B 59 29.58 10.45 22.58
CA ALA B 59 30.62 10.55 23.60
C ALA B 59 31.28 11.91 23.55
N TYR B 60 31.78 12.35 24.69
CA TYR B 60 32.48 13.63 24.82
C TYR B 60 33.73 13.42 25.65
N ALA B 61 34.72 14.27 25.42
CA ALA B 61 35.91 14.27 26.27
C ALA B 61 35.58 14.87 27.63
N GLN B 62 36.31 14.43 28.66
CA GLN B 62 36.08 14.94 30.00
C GLN B 62 36.56 16.39 30.14
N LYS B 63 37.56 16.78 29.34
CA LYS B 63 37.99 18.17 29.35
C LYS B 63 37.14 19.04 28.44
N PHE B 64 36.24 18.44 27.66
CA PHE B 64 35.30 19.18 26.83
C PHE B 64 33.85 18.96 27.25
N GLN B 65 33.61 18.23 28.34
CA GLN B 65 32.26 17.89 28.75
C GLN B 65 31.51 19.12 29.25
N GLY B 66 30.30 19.31 28.75
CA GLY B 66 29.48 20.44 29.11
C GLY B 66 29.70 21.67 28.27
N ARG B 67 30.73 21.68 27.42
CA ARG B 67 31.04 22.84 26.59
C ARG B 67 30.87 22.58 25.10
N VAL B 68 31.01 21.34 24.64
CA VAL B 68 30.86 20.98 23.25
C VAL B 68 29.57 20.19 23.08
N THR B 69 28.87 20.42 21.97
CA THR B 69 27.67 19.69 21.63
C THR B 69 27.87 19.06 20.26
N ILE B 70 27.77 17.73 20.20
CA ILE B 70 27.98 16.99 18.96
C ILE B 70 26.69 16.25 18.62
N SER B 71 26.15 16.52 17.43
CA SER B 71 24.94 15.88 17.00
C SER B 71 25.15 15.37 15.58
N ALA B 72 24.25 14.48 15.15
CA ALA B 72 24.34 13.92 13.81
C ALA B 72 22.96 13.93 13.17
N ASP B 73 22.94 14.15 11.86
CA ASP B 73 21.74 14.06 11.04
C ASP B 73 21.93 12.85 10.15
N ILE B 74 21.01 11.88 10.25
CA ILE B 74 21.18 10.67 9.47
C ILE B 74 20.42 10.74 8.15
N PHE B 75 19.63 11.79 7.94
CA PHE B 75 18.93 11.94 6.68
C PHE B 75 19.70 12.78 5.69
N SER B 76 20.63 13.60 6.18
CA SER B 76 21.53 14.36 5.33
C SER B 76 22.97 13.86 5.43
N ASN B 77 23.20 12.81 6.23
CA ASN B 77 24.51 12.20 6.45
C ASN B 77 25.55 13.21 6.96
N THR B 78 25.11 14.11 7.83
CA THR B 78 25.95 15.18 8.33
C THR B 78 26.10 15.07 9.84
N ALA B 79 27.34 15.15 10.31
CA ALA B 79 27.65 15.21 11.73
C ALA B 79 28.08 16.63 12.09
N TYR B 80 27.53 17.13 13.19
CA TYR B 80 27.73 18.51 13.60
C TYR B 80 28.50 18.56 14.90
N MET B 81 29.22 19.65 15.12
CA MET B 81 29.95 19.90 16.35
C MET B 81 29.76 21.37 16.70
N GLU B 82 29.15 21.65 17.84
CA GLU B 82 28.93 23.00 18.32
C GLU B 82 29.74 23.19 19.59
N LEU B 83 30.63 24.19 19.58
CA LEU B 83 31.46 24.51 20.73
C LEU B 83 31.09 25.89 21.25
N ASN B 84 30.73 25.96 22.53
CA ASN B 84 30.29 27.20 23.14
C ASN B 84 31.39 27.80 24.01
N SER B 85 31.21 29.08 24.36
CA SER B 85 32.09 29.85 25.24
C SER B 85 33.54 29.87 24.72
N LEU B 86 33.70 30.42 23.52
CA LEU B 86 35.01 30.42 22.88
C LEU B 86 35.96 31.40 23.57
N THR B 87 37.17 30.94 23.83
CA THR B 87 38.27 31.77 24.32
C THR B 87 39.43 31.65 23.33
N SER B 88 40.56 32.26 23.68
CA SER B 88 41.74 32.19 22.83
C SER B 88 42.38 30.80 22.84
N GLU B 89 42.10 30.00 23.87
CA GLU B 89 42.60 28.63 23.92
C GLU B 89 41.88 27.70 22.95
N ASP B 90 40.72 28.11 22.44
CA ASP B 90 39.95 27.31 21.49
C ASP B 90 40.36 27.55 20.05
N THR B 91 41.43 28.30 19.80
CA THR B 91 41.93 28.46 18.44
C THR B 91 42.70 27.20 18.04
N ALA B 92 42.17 26.49 17.05
CA ALA B 92 42.73 25.22 16.62
C ALA B 92 42.20 24.91 15.22
N VAL B 93 42.72 23.83 14.64
CA VAL B 93 42.22 23.29 13.39
C VAL B 93 41.38 22.05 13.71
N TYR B 94 40.12 22.07 13.32
CA TYR B 94 39.14 21.09 13.78
C TYR B 94 38.86 20.08 12.67
N PHE B 95 39.07 18.81 12.96
CA PHE B 95 38.91 17.73 12.00
C PHE B 95 37.75 16.84 12.40
N CYS B 96 36.94 16.44 11.43
CA CYS B 96 36.02 15.34 11.60
C CYS B 96 36.66 14.08 11.03
N ALA B 97 36.49 12.97 11.74
CA ALA B 97 37.18 11.75 11.36
C ALA B 97 36.28 10.55 11.60
N ARG B 98 36.08 9.76 10.55
CA ARG B 98 35.23 8.58 10.58
C ARG B 98 36.05 7.37 11.02
N HIS B 99 35.52 6.62 11.97
CA HIS B 99 36.22 5.45 12.49
C HIS B 99 36.04 4.25 11.56
N GLY B 100 36.71 3.16 11.92
CA GLY B 100 36.64 1.94 11.15
C GLY B 100 35.41 1.09 11.41
N ASN B 101 34.69 1.35 12.50
CA ASN B 101 33.47 0.63 12.80
C ASN B 101 32.52 1.59 13.50
N TYR B 102 31.50 1.05 14.17
CA TYR B 102 30.47 1.83 14.83
C TYR B 102 30.95 2.56 16.06
N TYR B 103 32.10 2.23 16.62
CA TYR B 103 32.51 2.80 17.89
C TYR B 103 33.91 3.38 17.73
N TYR B 104 34.45 3.93 18.82
CA TYR B 104 35.56 4.85 18.77
C TYR B 104 36.91 4.16 18.99
N TYR B 105 36.92 2.84 19.18
CA TYR B 105 38.18 2.15 19.42
C TYR B 105 39.00 2.03 18.14
N SER B 106 38.34 1.90 17.00
CA SER B 106 39.03 1.62 15.75
C SER B 106 39.74 2.86 15.24
N GLY B 107 40.66 2.64 14.30
CA GLY B 107 41.42 3.73 13.71
C GLY B 107 40.57 4.60 12.81
N MET B 108 40.86 5.90 12.83
CA MET B 108 40.14 6.88 12.02
C MET B 108 40.76 6.89 10.63
N ASP B 109 40.14 6.16 9.70
CA ASP B 109 40.70 5.96 8.37
C ASP B 109 40.21 7.00 7.35
N VAL B 110 39.09 7.66 7.61
CA VAL B 110 38.59 8.72 6.74
C VAL B 110 38.57 10.01 7.56
N TRP B 111 39.21 11.05 7.04
CA TRP B 111 39.30 12.34 7.72
C TRP B 111 38.72 13.44 6.83
N GLY B 112 38.23 14.49 7.47
CA GLY B 112 37.85 15.69 6.75
C GLY B 112 39.06 16.55 6.47
N GLN B 113 38.84 17.58 5.64
CA GLN B 113 39.93 18.47 5.27
C GLN B 113 40.33 19.44 6.37
N GLY B 114 39.53 19.57 7.41
CA GLY B 114 39.86 20.46 8.51
C GLY B 114 39.11 21.77 8.44
N THR B 115 38.90 22.37 9.60
CA THR B 115 38.25 23.67 9.72
C THR B 115 39.02 24.51 10.72
N THR B 116 39.59 25.61 10.26
CA THR B 116 40.39 26.47 11.13
C THR B 116 39.50 27.49 11.81
N VAL B 117 39.48 27.47 13.14
CA VAL B 117 38.72 28.41 13.95
C VAL B 117 39.71 29.31 14.68
N THR B 118 39.62 30.61 14.44
CA THR B 118 40.47 31.59 15.09
C THR B 118 39.60 32.50 15.95
N VAL B 119 39.92 32.60 17.22
CA VAL B 119 39.18 33.42 18.18
C VAL B 119 40.03 34.62 18.54
N SER B 120 39.49 35.82 18.30
CA SER B 120 40.21 37.06 18.58
C SER B 120 39.22 38.20 18.84
N VAL C 14 7.85 -49.72 36.59
CA VAL C 14 7.62 -48.42 37.21
C VAL C 14 7.61 -47.34 36.14
N LYS C 15 6.52 -46.59 36.06
CA LYS C 15 6.38 -45.54 35.06
C LYS C 15 7.10 -44.28 35.51
N SER C 16 8.07 -43.85 34.72
CA SER C 16 8.79 -42.61 35.01
C SER C 16 7.92 -41.40 34.72
N ASP C 17 8.28 -40.28 35.35
CA ASP C 17 7.52 -39.05 35.19
C ASP C 17 7.92 -38.35 33.89
N GLN C 18 6.93 -37.97 33.10
CA GLN C 18 7.14 -37.27 31.84
C GLN C 18 6.31 -36.01 31.81
N ILE C 19 6.90 -34.92 31.34
CA ILE C 19 6.16 -33.71 31.01
C ILE C 19 6.33 -33.49 29.51
N CYS C 20 5.31 -32.87 28.90
CA CYS C 20 5.30 -32.61 27.48
C CYS C 20 4.84 -31.18 27.24
N ILE C 21 5.28 -30.61 26.12
CA ILE C 21 4.83 -29.30 25.67
C ILE C 21 4.10 -29.51 24.35
N GLY C 22 2.85 -29.07 24.31
CA GLY C 22 2.04 -29.21 23.12
C GLY C 22 1.21 -27.97 22.90
N TYR C 23 0.11 -28.11 22.17
CA TYR C 23 -0.67 -26.93 21.82
C TYR C 23 -2.10 -27.35 21.54
N HIS C 24 -2.98 -26.37 21.49
CA HIS C 24 -4.42 -26.58 21.42
C HIS C 24 -4.85 -26.99 20.02
N ALA C 25 -5.74 -27.98 19.96
CA ALA C 25 -6.37 -28.39 18.72
C ALA C 25 -7.85 -28.59 18.98
N ASN C 26 -8.66 -28.45 17.93
CA ASN C 26 -10.10 -28.65 18.02
C ASN C 26 -10.57 -29.33 16.74
N ASN C 27 -11.89 -29.33 16.53
CA ASN C 27 -12.50 -29.91 15.35
C ASN C 27 -12.92 -28.83 14.35
N SER C 28 -12.23 -27.69 14.35
CA SER C 28 -12.57 -26.58 13.48
C SER C 28 -12.16 -26.84 12.04
N THR C 29 -12.99 -26.36 11.11
CA THR C 29 -12.68 -26.41 9.68
C THR C 29 -12.51 -25.01 9.10
N GLU C 30 -12.24 -24.02 9.95
CA GLU C 30 -12.02 -22.66 9.48
C GLU C 30 -10.69 -22.58 8.75
N GLN C 31 -10.70 -21.99 7.56
CA GLN C 31 -9.54 -21.97 6.69
C GLN C 31 -9.13 -20.53 6.41
N VAL C 32 -7.85 -20.23 6.58
CA VAL C 32 -7.30 -18.92 6.25
C VAL C 32 -6.26 -19.11 5.15
N ASP C 33 -5.95 -18.01 4.48
CA ASP C 33 -4.98 -17.99 3.40
C ASP C 33 -3.77 -17.16 3.79
N THR C 34 -2.59 -17.69 3.50
CA THR C 34 -1.33 -16.98 3.62
C THR C 34 -0.74 -16.76 2.23
N ILE C 35 0.42 -16.12 2.17
CA ILE C 35 1.07 -15.90 0.88
C ILE C 35 1.63 -17.21 0.33
N MET C 36 2.29 -17.99 1.19
CA MET C 36 2.94 -19.22 0.76
C MET C 36 2.04 -20.44 0.86
N GLU C 37 0.86 -20.32 1.46
CA GLU C 37 -0.04 -21.46 1.62
C GLU C 37 -1.47 -20.97 1.64
N LYS C 38 -2.30 -21.53 0.78
CA LYS C 38 -3.72 -21.23 0.73
C LYS C 38 -4.50 -22.35 1.40
N ASN C 39 -5.66 -21.98 1.96
CA ASN C 39 -6.58 -22.89 2.66
C ASN C 39 -5.89 -23.59 3.83
N VAL C 40 -5.42 -22.78 4.78
CA VAL C 40 -4.79 -23.30 5.98
C VAL C 40 -5.84 -23.46 7.06
N THR C 41 -6.07 -24.69 7.50
CA THR C 41 -7.05 -24.96 8.53
C THR C 41 -6.49 -24.54 9.89
N VAL C 42 -7.16 -23.59 10.54
CA VAL C 42 -6.71 -23.04 11.81
C VAL C 42 -7.72 -23.40 12.90
N THR C 43 -7.26 -23.33 14.15
CA THR C 43 -8.13 -23.64 15.28
C THR C 43 -9.22 -22.59 15.45
N HIS C 44 -8.85 -21.31 15.38
CA HIS C 44 -9.82 -20.24 15.47
C HIS C 44 -9.48 -19.20 14.41
N ALA C 45 -10.50 -18.69 13.74
CA ALA C 45 -10.33 -17.70 12.70
C ALA C 45 -11.37 -16.62 12.90
N GLN C 46 -11.17 -15.49 12.22
CA GLN C 46 -12.01 -14.32 12.39
C GLN C 46 -12.36 -13.75 11.03
N ASP C 47 -13.64 -13.80 10.68
CA ASP C 47 -14.12 -13.14 9.47
C ASP C 47 -14.19 -11.64 9.71
N ILE C 48 -13.46 -10.86 8.92
CA ILE C 48 -13.50 -9.41 9.05
C ILE C 48 -14.26 -8.79 7.89
N LEU C 49 -14.91 -9.60 7.07
CA LEU C 49 -15.63 -9.13 5.89
C LEU C 49 -17.09 -9.53 5.99
N GLU C 50 -17.98 -8.59 5.71
CA GLU C 50 -19.41 -8.84 5.73
C GLU C 50 -19.89 -9.09 4.31
N LYS C 51 -20.54 -10.23 4.10
CA LYS C 51 -21.06 -10.60 2.79
C LYS C 51 -22.56 -10.45 2.66
N THR C 52 -23.27 -10.15 3.74
CA THR C 52 -24.73 -10.22 3.76
C THR C 52 -25.34 -8.83 3.85
N HIS C 53 -26.47 -8.65 3.18
CA HIS C 53 -27.31 -7.47 3.31
C HIS C 53 -28.76 -7.93 3.33
N ASN C 54 -29.64 -7.09 3.87
CA ASN C 54 -31.04 -7.47 3.98
C ASN C 54 -31.78 -7.41 2.66
N GLY C 55 -31.22 -6.76 1.64
CA GLY C 55 -31.86 -6.68 0.34
C GLY C 55 -33.04 -5.74 0.29
N LYS C 56 -33.11 -4.76 1.19
CA LYS C 56 -34.19 -3.78 1.22
C LYS C 56 -33.60 -2.42 1.59
N LEU C 57 -34.35 -1.37 1.26
CA LEU C 57 -34.01 -0.02 1.68
C LEU C 57 -34.60 0.25 3.05
N CYS C 58 -33.76 0.67 3.98
CA CYS C 58 -34.17 0.94 5.35
C CYS C 58 -34.08 2.43 5.65
N ASP C 59 -34.58 2.80 6.82
CA ASP C 59 -34.39 4.15 7.34
C ASP C 59 -32.96 4.32 7.83
N LEU C 60 -32.40 5.50 7.65
CA LEU C 60 -31.07 5.82 8.12
C LEU C 60 -31.20 6.54 9.45
N ASN C 61 -30.95 5.80 10.54
CA ASN C 61 -31.06 6.27 11.92
C ASN C 61 -32.46 6.81 12.23
N GLY C 62 -33.48 6.13 11.74
CA GLY C 62 -34.85 6.47 12.03
C GLY C 62 -35.46 7.54 11.16
N VAL C 63 -34.80 7.93 10.08
CA VAL C 63 -35.33 8.93 9.15
C VAL C 63 -35.70 8.23 7.85
N LYS C 64 -36.94 8.42 7.41
CA LYS C 64 -37.42 7.80 6.18
C LYS C 64 -36.73 8.44 4.98
N PRO C 65 -36.24 7.65 4.03
CA PRO C 65 -35.62 8.23 2.84
C PRO C 65 -36.67 8.77 1.87
N LEU C 66 -36.20 9.61 0.96
CA LEU C 66 -37.04 10.11 -0.13
C LEU C 66 -36.89 9.13 -1.29
N ILE C 67 -37.89 8.29 -1.48
CA ILE C 67 -37.90 7.32 -2.57
C ILE C 67 -38.79 7.91 -3.66
N LEU C 68 -38.19 8.26 -4.79
CA LEU C 68 -38.90 8.99 -5.83
C LEU C 68 -39.68 8.08 -6.76
N LYS C 69 -39.55 6.76 -6.60
CA LYS C 69 -40.21 5.72 -7.42
C LYS C 69 -39.79 5.93 -8.87
N ASP C 70 -40.71 6.18 -9.80
CA ASP C 70 -40.36 6.35 -11.21
C ASP C 70 -40.08 7.82 -11.57
N CYS C 71 -40.07 8.71 -10.60
CA CYS C 71 -39.76 10.10 -10.83
C CYS C 71 -38.25 10.33 -10.77
N SER C 72 -37.83 11.48 -11.29
CA SER C 72 -36.45 11.91 -11.27
C SER C 72 -36.31 13.11 -10.34
N VAL C 73 -35.06 13.56 -10.18
CA VAL C 73 -34.79 14.77 -9.40
C VAL C 73 -35.37 15.99 -10.09
N ALA C 74 -35.23 16.08 -11.41
CA ALA C 74 -35.78 17.22 -12.17
C ALA C 74 -37.31 17.20 -12.18
N GLY C 75 -37.90 16.01 -12.29
CA GLY C 75 -39.35 15.91 -12.25
C GLY C 75 -39.94 16.26 -10.89
N TRP C 76 -39.23 15.88 -9.82
CA TRP C 76 -39.70 16.21 -8.47
C TRP C 76 -39.51 17.69 -8.18
N LEU C 77 -38.36 18.24 -8.53
CA LEU C 77 -38.07 19.63 -8.20
C LEU C 77 -38.80 20.60 -9.11
N LEU C 78 -39.17 20.18 -10.32
CA LEU C 78 -39.97 21.03 -11.19
C LEU C 78 -41.46 20.76 -11.06
N GLY C 79 -41.86 19.75 -10.31
CA GLY C 79 -43.26 19.48 -10.09
C GLY C 79 -43.93 18.82 -11.26
N ASN C 80 -43.47 17.62 -11.62
CA ASN C 80 -44.08 16.84 -12.68
C ASN C 80 -45.51 16.47 -12.29
N PRO C 81 -46.47 16.53 -13.23
CA PRO C 81 -47.84 16.07 -12.90
C PRO C 81 -47.92 14.60 -12.53
N MET C 82 -47.00 13.77 -12.99
CA MET C 82 -46.94 12.37 -12.58
C MET C 82 -46.10 12.15 -11.34
N CYS C 83 -45.80 13.22 -10.59
CA CYS C 83 -45.03 13.13 -9.35
C CYS C 83 -45.70 13.89 -8.22
N ASP C 84 -47.04 13.95 -8.24
CA ASP C 84 -47.79 14.72 -7.25
C ASP C 84 -47.76 14.10 -5.86
N GLU C 85 -47.24 12.87 -5.73
CA GLU C 85 -46.92 12.31 -4.42
C GLU C 85 -45.88 13.15 -3.69
N PHE C 86 -44.98 13.79 -4.42
CA PHE C 86 -43.87 14.55 -3.83
C PHE C 86 -44.10 16.05 -3.89
N ILE C 87 -45.37 16.49 -3.80
CA ILE C 87 -45.65 17.91 -3.71
C ILE C 87 -45.19 18.47 -2.37
N ARG C 88 -45.52 17.78 -1.28
CA ARG C 88 -45.00 18.10 0.04
C ARG C 88 -44.21 16.91 0.55
N VAL C 89 -42.93 17.14 0.83
CA VAL C 89 -41.98 16.08 1.17
C VAL C 89 -41.45 16.35 2.57
N PRO C 90 -41.48 15.38 3.48
CA PRO C 90 -40.87 15.60 4.80
C PRO C 90 -39.36 15.50 4.77
N GLU C 91 -38.72 15.56 5.94
CA GLU C 91 -37.27 15.47 6.00
C GLU C 91 -36.81 14.06 5.67
N TRP C 92 -35.85 13.96 4.75
CA TRP C 92 -35.30 12.69 4.33
C TRP C 92 -33.88 12.55 4.83
N SER C 93 -33.37 11.33 4.74
CA SER C 93 -31.96 11.03 5.02
C SER C 93 -31.15 10.80 3.77
N TYR C 94 -31.73 10.16 2.75
CA TYR C 94 -31.11 10.01 1.46
C TYR C 94 -32.19 9.93 0.40
N ILE C 95 -31.82 10.22 -0.84
CA ILE C 95 -32.75 10.25 -1.95
C ILE C 95 -32.55 8.97 -2.76
N VAL C 96 -33.64 8.28 -3.08
CA VAL C 96 -33.61 7.08 -3.90
C VAL C 96 -34.21 7.42 -5.26
N GLU C 97 -33.44 7.15 -6.31
CA GLU C 97 -33.86 7.39 -7.67
C GLU C 97 -33.64 6.11 -8.48
N ARG C 98 -34.50 5.87 -9.45
CA ARG C 98 -34.30 4.71 -10.31
C ARG C 98 -33.18 4.99 -11.30
N ALA C 99 -32.65 3.89 -11.88
CA ALA C 99 -31.56 4.02 -12.85
C ALA C 99 -32.02 4.71 -14.13
N ASN C 100 -33.22 4.38 -14.60
CA ASN C 100 -33.86 5.08 -15.72
C ASN C 100 -35.28 5.43 -15.29
N PRO C 101 -35.46 6.54 -14.57
CA PRO C 101 -36.81 6.91 -14.12
C PRO C 101 -37.68 7.37 -15.28
N ALA C 102 -38.94 6.92 -15.26
CA ALA C 102 -39.85 7.22 -16.36
C ALA C 102 -40.33 8.67 -16.31
N ASN C 103 -40.56 9.19 -15.11
CA ASN C 103 -41.09 10.55 -14.95
C ASN C 103 -39.93 11.52 -14.78
N ASP C 104 -39.27 11.80 -15.91
CA ASP C 104 -38.28 12.85 -16.04
C ASP C 104 -38.99 14.15 -16.42
N LEU C 105 -38.26 15.10 -17.00
CA LEU C 105 -38.86 16.24 -17.68
C LEU C 105 -39.89 15.78 -18.70
N CYS C 106 -41.17 16.06 -18.43
CA CYS C 106 -42.24 15.60 -19.31
C CYS C 106 -42.21 16.34 -20.64
N TYR C 107 -42.14 17.66 -20.60
CA TYR C 107 -41.82 18.41 -21.80
C TYR C 107 -40.35 18.20 -22.15
N PRO C 108 -40.02 18.02 -23.42
CA PRO C 108 -38.61 17.82 -23.80
C PRO C 108 -37.79 19.08 -23.56
N GLY C 109 -36.52 18.88 -23.30
CA GLY C 109 -35.63 19.96 -22.98
C GLY C 109 -34.55 19.48 -22.02
N SER C 110 -34.09 20.40 -21.19
CA SER C 110 -33.03 20.08 -20.24
C SER C 110 -33.13 21.00 -19.03
N LEU C 111 -32.51 20.56 -17.95
CA LEU C 111 -32.27 21.39 -16.78
C LEU C 111 -30.78 21.70 -16.78
N ASN C 112 -30.44 22.98 -16.95
CA ASN C 112 -29.03 23.38 -17.01
C ASN C 112 -28.37 23.24 -15.64
N ASP C 113 -27.16 22.67 -15.65
CA ASP C 113 -26.42 22.26 -14.45
C ASP C 113 -27.26 21.34 -13.57
N TYR C 114 -27.83 20.31 -14.21
CA TYR C 114 -28.62 19.31 -13.50
C TYR C 114 -27.75 18.51 -12.53
N GLU C 115 -26.53 18.19 -12.94
CA GLU C 115 -25.65 17.40 -12.09
C GLU C 115 -25.06 18.23 -10.97
N GLU C 116 -24.89 19.54 -11.18
CA GLU C 116 -24.54 20.44 -10.08
C GLU C 116 -25.65 20.53 -9.05
N LEU C 117 -26.90 20.57 -9.52
CA LEU C 117 -28.05 20.57 -8.62
C LEU C 117 -28.16 19.26 -7.86
N LYS C 118 -27.88 18.14 -8.52
CA LYS C 118 -27.87 16.84 -7.84
C LYS C 118 -26.70 16.71 -6.88
N HIS C 119 -25.60 17.42 -7.14
CA HIS C 119 -24.50 17.46 -6.19
C HIS C 119 -24.86 18.30 -4.96
N MET C 120 -25.66 19.35 -5.14
CA MET C 120 -26.09 20.12 -3.98
C MET C 120 -27.17 19.40 -3.18
N LEU C 121 -27.89 18.46 -3.80
CA LEU C 121 -28.88 17.69 -3.04
C LEU C 121 -28.26 16.62 -2.16
N SER C 122 -26.97 16.33 -2.33
CA SER C 122 -26.26 15.47 -1.40
C SER C 122 -25.90 16.19 -0.10
N ARG C 123 -26.13 17.50 -0.02
CA ARG C 123 -25.89 18.27 1.20
C ARG C 123 -27.16 18.87 1.76
N ILE C 124 -28.32 18.42 1.30
CA ILE C 124 -29.62 18.94 1.74
C ILE C 124 -30.45 17.77 2.24
N ASN C 125 -31.02 17.90 3.45
CA ASN C 125 -31.90 16.88 4.00
C ASN C 125 -33.36 17.26 4.03
N HIS C 126 -33.69 18.54 3.84
CA HIS C 126 -35.10 18.93 3.90
C HIS C 126 -35.32 20.18 3.06
N PHE C 127 -36.39 20.17 2.28
CA PHE C 127 -36.91 21.35 1.61
C PHE C 127 -38.25 21.70 2.22
N GLU C 128 -38.54 22.99 2.32
CA GLU C 128 -39.87 23.44 2.72
C GLU C 128 -40.31 24.38 1.60
N LYS C 129 -41.16 23.88 0.72
CA LYS C 129 -41.56 24.61 -0.47
C LYS C 129 -42.47 25.79 -0.12
N ILE C 130 -42.16 26.96 -0.69
CA ILE C 130 -42.98 28.14 -0.51
C ILE C 130 -43.34 28.70 -1.89
N GLN C 131 -44.46 29.41 -1.93
CA GLN C 131 -44.92 30.07 -3.15
C GLN C 131 -44.33 31.48 -3.16
N ILE C 132 -43.28 31.67 -3.95
CA ILE C 132 -42.64 32.99 -3.99
C ILE C 132 -43.38 33.92 -4.93
N ILE C 133 -43.96 33.40 -6.01
CA ILE C 133 -44.74 34.20 -6.94
C ILE C 133 -46.07 33.47 -7.19
N PRO C 134 -47.19 33.94 -6.65
CA PRO C 134 -48.46 33.30 -6.94
C PRO C 134 -48.94 33.61 -8.36
N LYS C 135 -49.93 32.84 -8.81
CA LYS C 135 -50.53 33.04 -10.13
C LYS C 135 -51.32 34.34 -10.22
N SER C 136 -51.69 34.93 -9.09
CA SER C 136 -52.34 36.24 -9.07
C SER C 136 -51.37 37.38 -9.36
N SER C 137 -50.07 37.11 -9.40
CA SER C 137 -49.07 38.13 -9.72
C SER C 137 -48.88 38.32 -11.22
N TRP C 138 -49.63 37.60 -12.05
CA TRP C 138 -49.60 37.75 -13.50
C TRP C 138 -51.00 38.13 -13.98
N PRO C 139 -51.37 39.41 -13.89
CA PRO C 139 -52.70 39.81 -14.34
C PRO C 139 -52.79 39.96 -15.85
N ASN C 140 -51.68 40.31 -16.49
CA ASN C 140 -51.64 40.62 -17.91
C ASN C 140 -51.11 39.48 -18.76
N HIS C 141 -50.95 38.29 -18.18
CA HIS C 141 -50.50 37.12 -18.91
C HIS C 141 -51.40 35.94 -18.58
N GLU C 142 -51.50 35.00 -19.52
CA GLU C 142 -52.36 33.84 -19.37
C GLU C 142 -51.60 32.74 -18.64
N THR C 143 -52.01 32.45 -17.41
CA THR C 143 -51.39 31.41 -16.60
C THR C 143 -52.11 30.07 -16.70
N SER C 144 -53.20 29.99 -17.47
CA SER C 144 -53.99 28.78 -17.54
C SER C 144 -53.86 28.02 -18.85
N LEU C 145 -53.46 28.69 -19.93
CA LEU C 145 -53.36 28.03 -21.23
C LEU C 145 -52.02 27.35 -21.45
N GLY C 146 -51.05 27.52 -20.55
CA GLY C 146 -49.74 26.95 -20.74
C GLY C 146 -49.67 25.48 -20.38
N VAL C 147 -50.32 24.63 -21.18
CA VAL C 147 -50.32 23.18 -20.97
C VAL C 147 -49.87 22.50 -22.25
N SER C 148 -49.50 21.22 -22.12
CA SER C 148 -49.10 20.44 -23.27
C SER C 148 -49.46 18.99 -23.04
N ALA C 149 -49.59 18.25 -24.15
CA ALA C 149 -49.87 16.82 -24.08
C ALA C 149 -48.65 15.99 -23.72
N ALA C 150 -47.45 16.58 -23.74
CA ALA C 150 -46.25 15.89 -23.29
C ALA C 150 -46.21 15.76 -21.78
N CYS C 151 -47.04 16.52 -21.06
CA CYS C 151 -47.15 16.45 -19.60
C CYS C 151 -48.61 16.15 -19.26
N PRO C 152 -49.04 14.90 -19.41
CA PRO C 152 -50.45 14.60 -19.17
C PRO C 152 -50.74 14.36 -17.70
N TYR C 153 -51.93 14.78 -17.29
CA TYR C 153 -52.43 14.54 -15.94
C TYR C 153 -53.83 13.95 -16.06
N GLN C 154 -53.95 12.65 -15.77
CA GLN C 154 -55.21 11.90 -15.84
C GLN C 154 -55.82 11.96 -17.24
N GLY C 155 -54.97 11.90 -18.26
CA GLY C 155 -55.40 11.90 -19.64
C GLY C 155 -55.55 13.28 -20.27
N ALA C 156 -55.62 14.33 -19.46
CA ALA C 156 -55.72 15.69 -19.95
C ALA C 156 -54.35 16.34 -20.00
N PRO C 157 -54.11 17.25 -20.96
CA PRO C 157 -52.84 17.98 -20.98
C PRO C 157 -52.68 18.88 -19.77
N SER C 158 -51.45 18.97 -19.29
CA SER C 158 -51.13 19.74 -18.10
C SER C 158 -49.70 20.25 -18.23
N PHE C 159 -49.09 20.66 -17.13
CA PHE C 159 -47.77 21.24 -17.14
C PHE C 159 -47.10 20.99 -15.79
N PHE C 160 -45.83 21.37 -15.69
CA PHE C 160 -45.13 21.39 -14.41
C PHE C 160 -45.85 22.31 -13.42
N ARG C 161 -45.86 21.92 -12.15
CA ARG C 161 -46.60 22.67 -11.15
C ARG C 161 -45.75 23.70 -10.41
N ASN C 162 -44.44 23.51 -10.33
CA ASN C 162 -43.61 24.48 -9.64
C ASN C 162 -43.29 25.70 -10.50
N VAL C 163 -43.52 25.63 -11.81
CA VAL C 163 -43.29 26.75 -12.71
C VAL C 163 -44.53 26.99 -13.54
N VAL C 164 -44.64 28.21 -14.07
CA VAL C 164 -45.79 28.65 -14.85
C VAL C 164 -45.34 28.97 -16.26
N TRP C 165 -45.96 28.32 -17.26
CA TRP C 165 -45.81 28.72 -18.65
C TRP C 165 -46.75 29.88 -18.91
N LEU C 166 -46.18 31.04 -19.23
CA LEU C 166 -46.96 32.26 -19.44
C LEU C 166 -47.21 32.47 -20.92
N ILE C 167 -48.48 32.46 -21.31
CA ILE C 167 -48.90 32.70 -22.67
C ILE C 167 -49.37 34.15 -22.74
N LYS C 168 -49.49 34.68 -23.95
CA LYS C 168 -50.02 36.02 -24.13
C LYS C 168 -51.49 36.09 -23.73
N LYS C 169 -51.87 37.23 -23.17
CA LYS C 169 -53.26 37.52 -22.83
C LYS C 169 -53.71 38.75 -23.62
N ASN C 170 -54.93 38.67 -24.17
CA ASN C 170 -55.54 39.73 -24.99
C ASN C 170 -54.69 40.07 -26.20
N ASP C 171 -54.08 39.04 -26.80
CA ASP C 171 -53.20 39.13 -27.98
C ASP C 171 -52.03 40.09 -27.73
N ALA C 172 -51.47 40.03 -26.53
CA ALA C 172 -50.36 40.91 -26.16
C ALA C 172 -49.55 40.26 -25.05
N TYR C 173 -48.26 40.58 -25.04
CA TYR C 173 -47.32 40.13 -24.02
C TYR C 173 -46.54 41.34 -23.56
N PRO C 174 -46.97 42.00 -22.48
CA PRO C 174 -46.16 43.07 -21.91
C PRO C 174 -44.88 42.53 -21.29
N THR C 175 -43.88 43.40 -21.21
CA THR C 175 -42.58 43.01 -20.69
C THR C 175 -42.66 42.77 -19.18
N ILE C 176 -42.32 41.55 -18.77
CA ILE C 176 -42.32 41.19 -17.36
C ILE C 176 -41.15 41.88 -16.67
N LYS C 177 -41.43 42.57 -15.57
CA LYS C 177 -40.39 43.13 -14.69
C LYS C 177 -40.82 42.79 -13.27
N ILE C 178 -40.38 41.64 -12.77
CA ILE C 178 -40.79 41.17 -11.46
C ILE C 178 -39.55 40.88 -10.63
N SER C 179 -39.70 40.93 -9.31
CA SER C 179 -38.61 40.72 -8.38
C SER C 179 -39.11 39.90 -7.19
N TYR C 180 -38.17 39.28 -6.49
CA TYR C 180 -38.47 38.61 -5.23
C TYR C 180 -37.29 38.75 -4.30
N ASN C 181 -37.47 39.49 -3.21
CA ASN C 181 -36.46 39.65 -2.18
C ASN C 181 -36.55 38.47 -1.21
N ASN C 182 -35.41 37.85 -0.92
CA ASN C 182 -35.37 36.70 -0.02
C ASN C 182 -35.38 37.21 1.41
N THR C 183 -36.59 37.34 1.97
CA THR C 183 -36.76 37.78 3.34
C THR C 183 -36.56 36.66 4.36
N ASN C 184 -36.40 35.43 3.90
CA ASN C 184 -36.18 34.30 4.79
C ASN C 184 -34.75 34.30 5.31
N ARG C 185 -34.49 33.42 6.29
CA ARG C 185 -33.18 33.33 6.92
C ARG C 185 -32.32 32.20 6.36
N GLU C 186 -32.80 31.49 5.34
CA GLU C 186 -32.03 30.43 4.72
C GLU C 186 -32.07 30.59 3.20
N ASP C 187 -31.26 29.78 2.54
CA ASP C 187 -31.10 29.84 1.10
C ASP C 187 -32.37 29.37 0.39
N LEU C 188 -32.56 29.86 -0.82
CA LEU C 188 -33.76 29.60 -1.60
C LEU C 188 -33.38 29.06 -2.97
N LEU C 189 -33.92 27.90 -3.31
CA LEU C 189 -33.66 27.26 -4.61
C LEU C 189 -34.82 27.61 -5.54
N ILE C 190 -34.53 28.39 -6.57
CA ILE C 190 -35.53 28.89 -7.51
C ILE C 190 -35.23 28.30 -8.87
N LEU C 191 -36.23 27.68 -9.49
CA LEU C 191 -36.11 27.15 -10.84
C LEU C 191 -37.03 27.91 -11.78
N TRP C 192 -36.49 28.35 -12.92
CA TRP C 192 -37.27 28.96 -13.98
C TRP C 192 -36.89 28.29 -15.29
N GLY C 193 -37.34 28.82 -16.43
CA GLY C 193 -37.01 28.20 -17.69
C GLY C 193 -37.27 29.10 -18.87
N ILE C 194 -36.83 28.62 -20.04
CA ILE C 194 -37.06 29.30 -21.32
C ILE C 194 -37.68 28.28 -22.27
N HIS C 195 -38.70 28.69 -22.99
CA HIS C 195 -39.30 27.84 -24.02
C HIS C 195 -38.67 28.16 -25.36
N HIS C 196 -38.04 27.15 -25.98
CA HIS C 196 -37.53 27.26 -27.34
C HIS C 196 -38.64 26.84 -28.29
N SER C 197 -39.15 27.78 -29.07
CA SER C 197 -40.29 27.52 -29.94
C SER C 197 -39.87 26.71 -31.16
N ASN C 198 -40.84 26.39 -32.00
CA ASN C 198 -40.60 25.57 -33.18
C ASN C 198 -40.34 26.44 -34.42
N ASN C 199 -41.24 27.37 -34.69
CA ASN C 199 -41.08 28.30 -35.81
C ASN C 199 -41.60 29.67 -35.40
N ALA C 200 -41.53 30.63 -36.33
CA ALA C 200 -41.96 31.99 -36.03
C ALA C 200 -43.48 32.09 -35.91
N GLU C 201 -44.20 31.20 -36.61
CA GLU C 201 -45.66 31.17 -36.49
C GLU C 201 -46.08 30.75 -35.09
N GLU C 202 -45.41 29.74 -34.52
CA GLU C 202 -45.67 29.35 -33.13
C GLU C 202 -45.24 30.42 -32.15
N GLN C 203 -44.15 31.14 -32.45
CA GLN C 203 -43.67 32.21 -31.59
C GLN C 203 -44.66 33.37 -31.54
N THR C 204 -45.25 33.74 -32.68
CA THR C 204 -46.27 34.77 -32.66
C THR C 204 -47.60 34.24 -32.12
N ASN C 205 -47.85 32.94 -32.24
CA ASN C 205 -49.08 32.35 -31.73
C ASN C 205 -49.07 32.21 -30.21
N LEU C 206 -47.89 32.09 -29.61
CA LEU C 206 -47.79 31.89 -28.17
C LEU C 206 -47.42 33.15 -27.41
N TYR C 207 -46.56 34.00 -27.96
CA TYR C 207 -46.02 35.12 -27.20
C TYR C 207 -46.12 36.48 -27.88
N LYS C 208 -46.55 36.54 -29.15
CA LYS C 208 -46.83 37.78 -29.91
C LYS C 208 -45.58 38.60 -30.23
N ASN C 209 -44.42 38.19 -29.73
CA ASN C 209 -43.16 38.89 -29.94
C ASN C 209 -42.20 37.97 -30.66
N PRO C 210 -41.66 38.38 -31.80
CA PRO C 210 -40.80 37.46 -32.58
C PRO C 210 -39.43 37.27 -31.96
N ILE C 211 -38.84 38.34 -31.43
CA ILE C 211 -37.52 38.29 -30.82
C ILE C 211 -37.69 38.58 -29.33
N THR C 212 -37.60 37.56 -28.51
CA THR C 212 -37.77 37.68 -27.07
C THR C 212 -36.46 37.40 -26.36
N TYR C 213 -36.46 37.67 -25.05
CA TYR C 213 -35.30 37.44 -24.21
C TYR C 213 -35.80 37.04 -22.83
N ILE C 214 -34.87 36.55 -22.01
CA ILE C 214 -35.09 36.35 -20.58
C ILE C 214 -33.87 36.88 -19.86
N SER C 215 -34.07 37.84 -18.97
CA SER C 215 -33.00 38.41 -18.15
C SER C 215 -33.24 38.02 -16.70
N VAL C 216 -32.27 37.32 -16.11
CA VAL C 216 -32.31 36.95 -14.70
C VAL C 216 -31.08 37.54 -14.03
N GLY C 217 -31.29 38.24 -12.91
CA GLY C 217 -30.18 38.87 -12.23
C GLY C 217 -30.26 38.83 -10.71
N THR C 218 -29.20 38.35 -10.07
CA THR C 218 -29.10 38.36 -8.61
C THR C 218 -27.81 39.06 -8.22
N SER C 219 -27.42 38.89 -6.96
CA SER C 219 -26.11 39.33 -6.49
C SER C 219 -24.98 38.67 -7.28
N THR C 220 -25.09 37.37 -7.55
CA THR C 220 -24.02 36.62 -8.20
C THR C 220 -24.37 36.10 -9.59
N LEU C 221 -25.63 36.15 -9.99
CA LEU C 221 -26.06 35.64 -11.29
C LEU C 221 -26.37 36.78 -12.24
N ASN C 222 -25.81 36.72 -13.44
CA ASN C 222 -26.13 37.64 -14.53
C ASN C 222 -26.42 36.77 -15.74
N GLN C 223 -27.67 36.70 -16.14
CA GLN C 223 -28.10 35.79 -17.20
C GLN C 223 -28.96 36.52 -18.21
N ARG C 224 -28.65 36.32 -19.48
CA ARG C 224 -29.50 36.76 -20.57
C ARG C 224 -29.65 35.61 -21.56
N LEU C 225 -30.88 35.36 -21.99
CA LEU C 225 -31.18 34.25 -22.87
C LEU C 225 -31.97 34.74 -24.07
N ALA C 226 -32.19 33.83 -25.01
CA ALA C 226 -32.99 34.04 -26.20
C ALA C 226 -33.43 32.67 -26.67
N PRO C 227 -34.65 32.51 -27.16
CA PRO C 227 -35.09 31.19 -27.61
C PRO C 227 -34.38 30.76 -28.88
N LYS C 228 -34.07 29.47 -28.95
CA LYS C 228 -33.47 28.88 -30.14
C LYS C 228 -34.60 28.31 -31.00
N ILE C 229 -35.20 29.21 -31.78
CA ILE C 229 -36.31 28.85 -32.65
C ILE C 229 -35.75 28.09 -33.85
N ALA C 230 -36.02 26.79 -33.91
CA ALA C 230 -35.40 25.92 -34.88
C ALA C 230 -36.27 24.69 -35.09
N THR C 231 -36.00 23.97 -36.17
CA THR C 231 -36.64 22.69 -36.42
C THR C 231 -35.81 21.58 -35.77
N ARG C 232 -36.48 20.70 -35.04
CA ARG C 232 -35.78 19.61 -34.38
C ARG C 232 -36.73 18.42 -34.23
N SER C 233 -36.14 17.29 -33.84
CA SER C 233 -36.85 16.02 -33.83
C SER C 233 -37.89 15.96 -32.72
N GLN C 234 -38.89 15.11 -32.93
CA GLN C 234 -39.96 14.94 -31.95
C GLN C 234 -39.46 14.12 -30.77
N VAL C 235 -39.48 14.72 -29.58
CA VAL C 235 -39.31 14.01 -28.33
C VAL C 235 -40.59 14.20 -27.54
N ASN C 236 -41.20 13.08 -27.12
CA ASN C 236 -42.45 13.04 -26.36
C ASN C 236 -43.60 13.73 -27.11
N GLY C 237 -43.57 13.68 -28.44
CA GLY C 237 -44.61 14.28 -29.25
C GLY C 237 -44.46 15.76 -29.51
N GLN C 238 -43.40 16.40 -29.00
CA GLN C 238 -43.23 17.83 -29.14
C GLN C 238 -41.91 18.16 -29.81
N ARG C 239 -41.94 19.15 -30.71
CA ARG C 239 -40.74 19.68 -31.34
C ARG C 239 -40.24 20.94 -30.66
N GLY C 240 -40.87 21.39 -29.59
CA GLY C 240 -40.34 22.47 -28.80
C GLY C 240 -39.48 21.96 -27.66
N ARG C 241 -38.64 22.83 -27.12
CA ARG C 241 -37.78 22.47 -26.00
C ARG C 241 -38.00 23.45 -24.86
N MET C 242 -37.57 23.03 -23.68
CA MET C 242 -37.60 23.88 -22.49
C MET C 242 -36.30 23.70 -21.72
N ASP C 243 -35.43 24.70 -21.79
CA ASP C 243 -34.21 24.72 -21.00
C ASP C 243 -34.53 25.34 -19.64
N PHE C 244 -34.38 24.56 -18.58
CA PHE C 244 -34.68 25.01 -17.23
C PHE C 244 -33.39 25.39 -16.52
N PHE C 245 -33.48 26.42 -15.69
CA PHE C 245 -32.32 26.98 -15.01
C PHE C 245 -32.64 27.12 -13.53
N TRP C 246 -31.62 27.00 -12.69
CA TRP C 246 -31.78 27.09 -11.25
C TRP C 246 -30.71 27.98 -10.66
N THR C 247 -31.01 28.52 -9.49
CA THR C 247 -30.04 29.30 -8.72
C THR C 247 -30.34 29.15 -7.24
N ILE C 248 -29.36 29.49 -6.41
CA ILE C 248 -29.52 29.51 -4.97
C ILE C 248 -29.53 30.96 -4.52
N LEU C 249 -30.66 31.42 -4.00
CA LEU C 249 -30.82 32.80 -3.58
C LEU C 249 -30.44 32.94 -2.11
N LYS C 250 -29.43 33.76 -1.85
CA LYS C 250 -28.97 33.99 -0.49
C LYS C 250 -29.98 34.84 0.27
N PRO C 251 -29.99 34.77 1.61
CA PRO C 251 -30.85 35.67 2.39
C PRO C 251 -30.43 37.13 2.23
N ASP C 252 -31.42 38.01 2.33
CA ASP C 252 -31.29 39.46 2.09
C ASP C 252 -30.71 39.75 0.70
N ASP C 253 -31.15 38.96 -0.29
CA ASP C 253 -30.71 39.11 -1.67
C ASP C 253 -31.89 38.83 -2.58
N ALA C 254 -32.08 39.68 -3.58
CA ALA C 254 -33.24 39.58 -4.45
C ALA C 254 -32.86 38.92 -5.78
N ILE C 255 -33.87 38.35 -6.42
CA ILE C 255 -33.75 37.83 -7.78
C ILE C 255 -34.70 38.63 -8.66
N HIS C 256 -34.20 39.06 -9.82
CA HIS C 256 -34.97 39.91 -10.71
C HIS C 256 -35.16 39.18 -12.03
N PHE C 257 -36.40 39.13 -12.51
CA PHE C 257 -36.75 38.47 -13.75
C PHE C 257 -37.22 39.51 -14.75
N GLU C 258 -36.70 39.44 -15.97
CA GLU C 258 -37.16 40.30 -17.05
C GLU C 258 -37.29 39.48 -18.32
N SER C 259 -38.46 39.57 -18.95
CA SER C 259 -38.72 38.86 -20.18
C SER C 259 -39.88 39.50 -20.91
N ASN C 260 -39.89 39.38 -22.23
CA ASN C 260 -41.03 39.75 -23.05
C ASN C 260 -41.55 38.56 -23.85
N GLY C 261 -41.22 37.36 -23.44
CA GLY C 261 -41.69 36.15 -24.09
C GLY C 261 -40.88 34.96 -23.66
N ASN C 262 -41.42 33.78 -23.97
CA ASN C 262 -40.78 32.47 -23.79
C ASN C 262 -40.41 32.19 -22.33
N PHE C 263 -41.15 32.76 -21.38
CA PHE C 263 -40.79 32.69 -19.97
C PHE C 263 -41.57 31.57 -19.30
N ILE C 264 -40.84 30.60 -18.74
CA ILE C 264 -41.44 29.59 -17.86
C ILE C 264 -41.17 30.11 -16.45
N ALA C 265 -42.08 30.93 -15.96
CA ALA C 265 -41.91 31.72 -14.76
C ALA C 265 -41.97 30.84 -13.51
N PRO C 266 -41.16 31.12 -12.49
CA PRO C 266 -41.25 30.34 -11.25
C PRO C 266 -42.48 30.72 -10.44
N GLU C 267 -43.08 29.71 -9.81
CA GLU C 267 -44.14 29.91 -8.84
C GLU C 267 -43.76 29.42 -7.46
N TYR C 268 -43.28 28.19 -7.35
CA TYR C 268 -42.86 27.62 -6.07
C TYR C 268 -41.35 27.49 -6.06
N ALA C 269 -40.71 28.05 -5.04
CA ALA C 269 -39.31 27.81 -4.77
C ALA C 269 -39.18 26.88 -3.56
N TYR C 270 -37.95 26.55 -3.22
CA TYR C 270 -37.66 25.62 -2.15
C TYR C 270 -36.73 26.28 -1.14
N LYS C 271 -37.16 26.36 0.11
CA LYS C 271 -36.30 26.85 1.18
C LYS C 271 -35.42 25.70 1.66
N ILE C 272 -34.12 25.91 1.64
CA ILE C 272 -33.19 24.91 2.14
C ILE C 272 -33.15 25.03 3.64
N VAL C 273 -34.00 24.25 4.33
CA VAL C 273 -34.19 24.39 5.76
C VAL C 273 -33.33 23.46 6.59
N LYS C 274 -32.65 22.48 5.96
CA LYS C 274 -31.75 21.61 6.69
C LYS C 274 -30.62 21.17 5.78
N LYS C 275 -29.39 21.28 6.28
CA LYS C 275 -28.20 20.79 5.59
C LYS C 275 -27.61 19.64 6.38
N GLY C 276 -26.94 18.72 5.68
CA GLY C 276 -26.28 17.62 6.34
C GLY C 276 -25.90 16.56 5.33
N ASP C 277 -25.49 15.41 5.85
CA ASP C 277 -25.04 14.31 5.02
C ASP C 277 -26.23 13.67 4.30
N SER C 278 -26.11 13.53 2.99
CA SER C 278 -27.15 12.95 2.16
C SER C 278 -26.49 12.40 0.90
N THR C 279 -27.27 11.63 0.14
CA THR C 279 -26.81 11.12 -1.14
C THR C 279 -28.03 10.87 -2.02
N ILE C 280 -27.78 10.75 -3.32
CA ILE C 280 -28.79 10.33 -4.28
C ILE C 280 -28.45 8.90 -4.68
N MET C 281 -29.32 7.98 -4.33
CA MET C 281 -29.09 6.55 -4.50
C MET C 281 -29.75 6.07 -5.79
N LYS C 282 -28.98 5.37 -6.62
CA LYS C 282 -29.53 4.72 -7.82
C LYS C 282 -29.88 3.29 -7.44
N SER C 283 -31.18 3.05 -7.23
CA SER C 283 -31.61 1.77 -6.69
C SER C 283 -33.03 1.46 -7.12
N GLY C 284 -33.25 0.25 -7.61
CA GLY C 284 -34.57 -0.28 -7.90
C GLY C 284 -35.15 -1.13 -6.80
N VAL C 285 -34.52 -1.15 -5.64
CA VAL C 285 -34.97 -1.97 -4.51
C VAL C 285 -36.13 -1.27 -3.81
N GLU C 286 -37.12 -2.05 -3.38
CA GLU C 286 -38.29 -1.51 -2.72
C GLU C 286 -38.00 -1.16 -1.27
N TYR C 287 -38.88 -0.35 -0.68
CA TYR C 287 -38.77 0.04 0.71
C TYR C 287 -39.08 -1.14 1.62
N GLY C 288 -38.37 -1.22 2.74
CA GLY C 288 -38.48 -2.38 3.61
C GLY C 288 -39.14 -2.15 4.95
N HIS C 289 -39.50 -0.89 5.23
CA HIS C 289 -40.10 -0.46 6.52
C HIS C 289 -39.22 -0.84 7.70
N CYS C 290 -37.93 -0.53 7.56
CA CYS C 290 -36.89 -0.96 8.49
C CYS C 290 -35.96 0.21 8.76
N ASN C 291 -35.12 0.06 9.78
CA ASN C 291 -34.12 1.08 10.12
C ASN C 291 -32.74 0.43 10.21
N THR C 292 -31.72 1.25 10.00
CA THR C 292 -30.35 0.76 9.92
C THR C 292 -29.38 1.91 10.20
N LYS C 293 -28.09 1.57 10.26
CA LYS C 293 -27.03 2.56 10.31
C LYS C 293 -26.23 2.66 9.03
N CYS C 294 -26.18 1.60 8.22
CA CYS C 294 -25.45 1.57 6.97
C CYS C 294 -26.39 1.16 5.85
N GLN C 295 -26.35 1.88 4.73
CA GLN C 295 -27.26 1.62 3.62
C GLN C 295 -26.48 1.60 2.31
N THR C 296 -26.74 0.58 1.50
CA THR C 296 -26.23 0.44 0.14
C THR C 296 -27.40 0.49 -0.83
N PRO C 297 -27.14 0.75 -2.13
CA PRO C 297 -28.24 0.67 -3.12
C PRO C 297 -28.88 -0.69 -3.26
N VAL C 298 -28.21 -1.77 -2.87
CA VAL C 298 -28.80 -3.11 -2.97
C VAL C 298 -29.37 -3.61 -1.65
N GLY C 299 -29.05 -2.97 -0.52
CA GLY C 299 -29.60 -3.39 0.75
C GLY C 299 -28.83 -2.88 1.96
N ALA C 300 -29.52 -2.74 3.09
CA ALA C 300 -28.90 -2.23 4.30
C ALA C 300 -27.97 -3.26 4.93
N ILE C 301 -27.09 -2.79 5.81
CA ILE C 301 -26.09 -3.64 6.46
C ILE C 301 -26.25 -3.50 7.97
N ASN C 302 -26.52 -4.63 8.62
CA ASN C 302 -26.48 -4.74 10.09
C ASN C 302 -25.25 -5.56 10.45
N SER C 303 -24.11 -4.89 10.55
CA SER C 303 -22.88 -5.56 10.98
C SER C 303 -21.94 -4.53 11.56
N SER C 304 -21.07 -5.00 12.45
CA SER C 304 -20.01 -4.18 13.02
C SER C 304 -18.66 -4.51 12.40
N MET C 305 -18.65 -5.23 11.28
CA MET C 305 -17.43 -5.68 10.62
C MET C 305 -16.62 -4.48 10.13
N PRO C 306 -15.29 -4.59 10.10
CA PRO C 306 -14.48 -3.52 9.50
C PRO C 306 -14.57 -3.44 8.00
N PHE C 307 -15.11 -4.47 7.32
CA PHE C 307 -15.13 -4.51 5.87
C PHE C 307 -16.46 -5.07 5.39
N HIS C 308 -16.77 -4.76 4.13
CA HIS C 308 -17.90 -5.36 3.44
C HIS C 308 -17.59 -5.36 1.95
N ASN C 309 -18.24 -6.26 1.22
CA ASN C 309 -18.10 -6.33 -0.23
C ASN C 309 -19.45 -6.19 -0.92
N ILE C 310 -20.33 -5.37 -0.35
CA ILE C 310 -21.71 -5.29 -0.84
C ILE C 310 -21.79 -4.33 -2.03
N HIS C 311 -21.45 -3.06 -1.82
CA HIS C 311 -21.57 -2.05 -2.85
C HIS C 311 -20.55 -0.96 -2.57
N PRO C 312 -19.98 -0.33 -3.61
CA PRO C 312 -19.05 0.79 -3.35
C PRO C 312 -19.70 2.01 -2.72
N LEU C 313 -20.85 2.42 -3.23
CA LEU C 313 -21.53 3.61 -2.74
C LEU C 313 -22.34 3.26 -1.50
N THR C 314 -22.16 4.02 -0.43
CA THR C 314 -22.83 3.78 0.84
C THR C 314 -23.26 5.11 1.45
N ILE C 315 -24.04 5.03 2.53
CA ILE C 315 -24.35 6.19 3.35
C ILE C 315 -24.49 5.72 4.80
N GLY C 316 -24.06 6.56 5.74
CA GLY C 316 -24.13 6.23 7.13
C GLY C 316 -22.84 5.66 7.67
N GLU C 317 -22.90 5.22 8.93
CA GLU C 317 -21.78 4.55 9.58
C GLU C 317 -21.63 3.17 8.97
N CYS C 318 -20.65 3.02 8.08
CA CYS C 318 -20.55 1.83 7.25
C CYS C 318 -19.17 1.21 7.38
N PRO C 319 -19.05 -0.09 7.13
CA PRO C 319 -17.73 -0.69 6.95
C PRO C 319 -17.08 -0.23 5.65
N LYS C 320 -15.80 -0.55 5.52
CA LYS C 320 -15.01 -0.12 4.38
C LYS C 320 -15.16 -1.11 3.24
N TYR C 321 -15.44 -0.60 2.04
CA TYR C 321 -15.70 -1.48 0.91
C TYR C 321 -14.40 -1.97 0.29
N VAL C 322 -14.30 -3.29 0.14
CA VAL C 322 -13.25 -3.94 -0.64
C VAL C 322 -13.90 -4.91 -1.62
N LYS C 323 -13.16 -5.21 -2.69
CA LYS C 323 -13.64 -6.08 -3.73
C LYS C 323 -13.34 -7.55 -3.47
N SER C 324 -12.75 -7.88 -2.33
CA SER C 324 -12.43 -9.27 -2.03
C SER C 324 -13.67 -10.06 -1.67
N ASN C 325 -13.65 -11.35 -1.98
CA ASN C 325 -14.73 -12.25 -1.64
C ASN C 325 -14.54 -12.91 -0.28
N LYS C 326 -13.29 -13.18 0.09
CA LYS C 326 -12.96 -13.78 1.38
C LYS C 326 -11.89 -12.94 2.05
N LEU C 327 -12.11 -12.59 3.31
CA LEU C 327 -11.14 -11.81 4.07
C LEU C 327 -11.26 -12.27 5.53
N VAL C 328 -10.42 -13.23 5.90
CA VAL C 328 -10.50 -13.92 7.19
C VAL C 328 -9.16 -13.79 7.89
N LEU C 329 -9.19 -13.28 9.12
CA LEU C 329 -7.99 -13.16 9.93
C LEU C 329 -7.85 -14.38 10.83
N ALA C 330 -6.65 -14.97 10.84
CA ALA C 330 -6.36 -16.08 11.73
C ALA C 330 -6.05 -15.53 13.11
N THR C 331 -6.82 -15.95 14.11
CA THR C 331 -6.51 -15.66 15.50
C THR C 331 -5.94 -16.87 16.21
N GLY C 332 -6.47 -18.06 15.93
CA GLY C 332 -5.95 -19.28 16.50
C GLY C 332 -4.80 -19.84 15.69
N LEU C 333 -4.30 -20.96 16.17
CA LEU C 333 -3.11 -21.61 15.63
C LEU C 333 -3.51 -22.71 14.65
N ARG C 334 -2.51 -23.39 14.09
CA ARG C 334 -2.75 -24.41 13.07
C ARG C 334 -3.49 -25.61 13.67
N ASN C 335 -4.56 -26.02 13.01
CA ASN C 335 -5.40 -27.09 13.52
C ASN C 335 -4.81 -28.43 13.16
N SER C 336 -4.73 -29.33 14.14
CA SER C 336 -4.25 -30.70 13.95
C SER C 336 -5.29 -31.64 14.52
N PRO C 337 -6.35 -31.95 13.76
CA PRO C 337 -7.33 -32.93 14.25
C PRO C 337 -6.79 -34.36 14.24
N LEU C 338 -5.86 -34.67 13.34
CA LEU C 338 -5.16 -35.95 13.34
C LEU C 338 -3.71 -35.67 12.95
N GLY C 346 6.60 -24.85 10.14
CA GLY C 346 6.65 -23.41 10.18
C GLY C 346 8.07 -22.90 10.24
N LEU C 347 8.19 -21.60 10.52
CA LEU C 347 9.50 -20.98 10.61
C LEU C 347 10.28 -21.47 11.84
N PHE C 348 9.58 -21.84 12.90
CA PHE C 348 10.23 -22.20 14.15
C PHE C 348 10.16 -23.69 14.44
N GLY C 349 9.40 -24.45 13.65
CA GLY C 349 9.52 -25.89 13.64
C GLY C 349 8.95 -26.61 14.83
N ALA C 350 8.03 -26.01 15.58
CA ALA C 350 7.41 -26.67 16.72
C ALA C 350 6.00 -27.16 16.40
N ILE C 351 5.15 -26.31 15.84
CA ILE C 351 3.82 -26.73 15.42
C ILE C 351 3.96 -27.51 14.13
N ALA C 352 3.52 -28.78 14.15
CA ALA C 352 3.72 -29.77 13.08
C ALA C 352 5.20 -29.92 12.71
N GLY C 353 6.07 -29.80 13.72
CA GLY C 353 7.50 -29.98 13.55
C GLY C 353 7.97 -31.16 14.36
N PHE C 354 8.67 -30.89 15.46
CA PHE C 354 9.01 -31.99 16.37
C PHE C 354 7.85 -32.34 17.28
N ILE C 355 6.84 -31.49 17.39
CA ILE C 355 5.58 -31.84 18.03
C ILE C 355 4.59 -32.09 16.91
N GLU C 356 4.19 -33.36 16.75
CA GLU C 356 3.52 -33.79 15.52
C GLU C 356 2.08 -33.30 15.44
N GLY C 357 1.43 -33.06 16.57
CA GLY C 357 0.04 -32.65 16.51
C GLY C 357 -0.40 -31.98 17.79
N GLY C 358 -1.54 -31.32 17.70
CA GLY C 358 -2.11 -30.63 18.84
C GLY C 358 -2.93 -31.53 19.72
N TRP C 359 -3.24 -31.02 20.90
CA TRP C 359 -4.01 -31.75 21.90
C TRP C 359 -5.44 -31.25 21.89
N GLN C 360 -6.39 -32.15 21.69
CA GLN C 360 -7.80 -31.78 21.73
C GLN C 360 -8.38 -31.89 23.12
N GLY C 361 -7.68 -32.52 24.07
CA GLY C 361 -8.08 -32.54 25.45
C GLY C 361 -7.65 -31.35 26.24
N MET C 362 -6.91 -30.43 25.63
CA MET C 362 -6.41 -29.23 26.29
C MET C 362 -7.26 -28.05 25.81
N VAL C 363 -8.27 -27.70 26.61
CA VAL C 363 -9.24 -26.68 26.23
C VAL C 363 -9.04 -25.36 26.95
N ASP C 364 -8.29 -25.35 28.06
CA ASP C 364 -8.16 -24.16 28.89
C ASP C 364 -6.97 -23.29 28.49
N GLY C 365 -6.38 -23.52 27.34
CA GLY C 365 -5.30 -22.67 26.86
C GLY C 365 -4.92 -23.01 25.44
N TRP C 366 -4.22 -22.07 24.81
CA TRP C 366 -3.65 -22.30 23.49
C TRP C 366 -2.38 -23.14 23.57
N TYR C 367 -1.61 -22.99 24.64
CA TYR C 367 -0.36 -23.68 24.82
C TYR C 367 -0.36 -24.29 26.21
N GLY C 368 0.30 -25.43 26.37
CA GLY C 368 0.32 -26.01 27.69
C GLY C 368 1.14 -27.25 27.90
N TYR C 369 0.68 -28.09 28.82
CA TYR C 369 1.48 -29.17 29.38
C TYR C 369 0.63 -30.42 29.50
N HIS C 370 1.24 -31.59 29.29
CA HIS C 370 0.63 -32.86 29.67
C HIS C 370 1.64 -33.60 30.53
N HIS C 371 1.53 -33.43 31.84
CA HIS C 371 2.37 -34.16 32.78
C HIS C 371 1.82 -35.56 32.98
N SER C 372 2.71 -36.48 33.34
CA SER C 372 2.31 -37.87 33.59
C SER C 372 3.25 -38.45 34.65
N ASN C 373 2.83 -38.37 35.90
CA ASN C 373 3.58 -38.91 37.02
C ASN C 373 2.81 -40.06 37.66
N GLU C 374 3.33 -40.54 38.80
CA GLU C 374 2.68 -41.64 39.52
C GLU C 374 1.37 -41.20 40.17
N GLN C 375 1.18 -39.90 40.41
CA GLN C 375 -0.07 -39.41 40.98
C GLN C 375 -1.19 -39.31 39.96
N GLY C 376 -0.89 -39.48 38.68
CA GLY C 376 -1.91 -39.42 37.64
C GLY C 376 -1.52 -38.42 36.57
N SER C 377 -1.88 -38.72 35.33
CA SER C 377 -1.59 -37.84 34.21
C SER C 377 -2.67 -36.77 34.12
N GLY C 378 -2.59 -35.94 33.09
CA GLY C 378 -3.56 -34.88 32.89
C GLY C 378 -2.95 -33.72 32.15
N TYR C 379 -3.82 -32.84 31.66
CA TYR C 379 -3.42 -31.68 30.88
C TYR C 379 -3.39 -30.43 31.74
N ALA C 380 -2.67 -29.42 31.26
CA ALA C 380 -2.61 -28.12 31.88
C ALA C 380 -2.41 -27.09 30.79
N ALA C 381 -2.45 -25.81 31.17
CA ALA C 381 -2.23 -24.72 30.23
C ALA C 381 -1.25 -23.73 30.83
N ASP C 382 -0.32 -23.25 30.01
CA ASP C 382 0.56 -22.16 30.40
C ASP C 382 -0.24 -20.87 30.21
N LYS C 383 -0.76 -20.33 31.31
CA LYS C 383 -1.63 -19.16 31.24
C LYS C 383 -0.86 -17.90 30.85
N GLU C 384 0.42 -17.84 31.18
CA GLU C 384 1.22 -16.64 30.91
C GLU C 384 1.47 -16.48 29.41
N SER C 385 1.94 -17.54 28.75
CA SER C 385 2.21 -17.45 27.32
C SER C 385 0.93 -17.38 26.50
N THR C 386 -0.13 -18.05 26.97
CA THR C 386 -1.43 -17.96 26.31
C THR C 386 -2.01 -16.56 26.42
N GLN C 387 -1.88 -15.93 27.59
CA GLN C 387 -2.38 -14.57 27.75
C GLN C 387 -1.55 -13.57 26.96
N LYS C 388 -0.23 -13.79 26.88
CA LYS C 388 0.62 -12.95 26.04
C LYS C 388 0.25 -13.07 24.57
N ALA C 389 -0.02 -14.30 24.11
CA ALA C 389 -0.43 -14.53 22.72
C ALA C 389 -1.79 -13.92 22.42
N ILE C 390 -2.73 -14.03 23.37
CA ILE C 390 -4.06 -13.47 23.16
C ILE C 390 -4.02 -11.95 23.19
N ASP C 391 -3.18 -11.37 24.05
CA ASP C 391 -2.96 -9.92 24.04
C ASP C 391 -2.36 -9.46 22.72
N GLY C 392 -1.38 -10.21 22.21
CA GLY C 392 -0.77 -9.85 20.94
C GLY C 392 -1.72 -9.98 19.76
N VAL C 393 -2.53 -11.03 19.74
CA VAL C 393 -3.49 -11.25 18.66
C VAL C 393 -4.61 -10.21 18.72
N THR C 394 -5.07 -9.87 19.93
CA THR C 394 -6.08 -8.84 20.11
C THR C 394 -5.57 -7.48 19.68
N ASN C 395 -4.34 -7.15 20.03
CA ASN C 395 -3.77 -5.86 19.65
C ASN C 395 -3.46 -5.82 18.16
N LYS C 396 -3.11 -6.96 17.57
CA LYS C 396 -2.93 -7.06 16.12
C LYS C 396 -4.23 -6.82 15.38
N VAL C 397 -5.33 -7.41 15.87
CA VAL C 397 -6.64 -7.22 15.23
C VAL C 397 -7.10 -5.78 15.37
N ASN C 398 -6.91 -5.19 16.56
CA ASN C 398 -7.26 -3.78 16.77
C ASN C 398 -6.42 -2.85 15.89
N SER C 399 -5.13 -3.18 15.71
CA SER C 399 -4.27 -2.38 14.85
C SER C 399 -4.65 -2.50 13.38
N ILE C 400 -5.06 -3.70 12.96
CA ILE C 400 -5.50 -3.93 11.59
C ILE C 400 -6.78 -3.14 11.31
N ILE C 401 -7.70 -3.11 12.28
CA ILE C 401 -8.92 -2.32 12.14
C ILE C 401 -8.60 -0.83 12.15
N ASP C 402 -7.71 -0.39 13.05
CA ASP C 402 -7.48 1.04 13.24
C ASP C 402 -6.67 1.64 12.10
N LYS C 403 -5.75 0.89 11.52
CA LYS C 403 -4.93 1.43 10.43
C LYS C 403 -5.71 1.57 9.14
N MET C 404 -6.81 0.83 8.98
CA MET C 404 -7.63 0.90 7.78
C MET C 404 -8.97 1.58 8.04
N ASN C 405 -9.02 2.45 9.06
CA ASN C 405 -10.19 3.28 9.29
C ASN C 405 -10.22 4.51 8.38
N THR C 406 -9.09 4.85 7.76
CA THR C 406 -8.99 6.00 6.86
C THR C 406 -9.08 5.58 5.40
N GLN C 407 -9.90 4.58 5.11
CA GLN C 407 -10.06 4.07 3.75
C GLN C 407 -10.81 5.08 2.90
N PHE C 408 -10.64 4.95 1.58
CA PHE C 408 -11.38 5.78 0.63
C PHE C 408 -12.86 5.43 0.66
N GLU C 409 -13.70 6.46 0.70
CA GLU C 409 -15.16 6.31 0.60
C GLU C 409 -15.60 6.89 -0.73
N ALA C 410 -16.13 6.04 -1.61
CA ALA C 410 -16.63 6.49 -2.89
C ALA C 410 -17.99 7.15 -2.74
N VAL C 411 -18.17 8.28 -3.41
CA VAL C 411 -19.43 9.01 -3.41
C VAL C 411 -19.92 9.14 -4.83
N GLY C 412 -21.23 9.33 -4.98
CA GLY C 412 -21.84 9.39 -6.29
C GLY C 412 -21.71 10.75 -6.97
N ARG C 413 -21.07 10.77 -8.13
CA ARG C 413 -21.01 11.96 -8.97
C ARG C 413 -21.53 11.59 -10.35
N GLU C 414 -22.35 12.47 -10.92
CA GLU C 414 -22.99 12.20 -12.20
C GLU C 414 -22.54 13.24 -13.22
N PHE C 415 -22.45 12.81 -14.47
CA PHE C 415 -21.90 13.63 -15.55
C PHE C 415 -22.76 13.44 -16.78
N ASN C 416 -22.81 14.47 -17.61
CA ASN C 416 -23.65 14.43 -18.81
C ASN C 416 -22.87 13.81 -19.98
N ASN C 417 -23.50 13.78 -21.15
CA ASN C 417 -22.92 13.10 -22.30
C ASN C 417 -21.76 13.85 -22.95
N LEU C 418 -21.62 15.15 -22.69
CA LEU C 418 -20.48 15.91 -23.16
C LEU C 418 -19.42 16.07 -22.08
N GLU C 419 -19.43 15.19 -21.09
CA GLU C 419 -18.49 15.21 -19.98
C GLU C 419 -17.97 13.81 -19.72
N ARG C 420 -17.63 13.12 -20.81
CA ARG C 420 -17.23 11.71 -20.73
C ARG C 420 -15.81 11.55 -20.21
N ARG C 421 -14.93 12.52 -20.48
CA ARG C 421 -13.56 12.42 -19.99
C ARG C 421 -13.50 12.59 -18.48
N ILE C 422 -14.25 13.55 -17.94
CA ILE C 422 -14.28 13.75 -16.50
C ILE C 422 -15.01 12.61 -15.81
N GLU C 423 -16.04 12.04 -16.46
CA GLU C 423 -16.71 10.86 -15.93
C GLU C 423 -15.80 9.65 -15.89
N ASN C 424 -15.04 9.43 -16.97
CA ASN C 424 -14.07 8.35 -17.00
C ASN C 424 -12.95 8.59 -15.99
N LEU C 425 -12.58 9.85 -15.78
CA LEU C 425 -11.59 10.20 -14.77
C LEU C 425 -12.08 9.86 -13.37
N ASN C 426 -13.33 10.21 -13.07
CA ASN C 426 -13.92 9.90 -11.77
C ASN C 426 -14.07 8.40 -11.56
N LYS C 427 -14.51 7.68 -12.59
CA LYS C 427 -14.67 6.23 -12.51
C LYS C 427 -13.33 5.54 -12.31
N LYS C 428 -12.30 5.98 -13.05
CA LYS C 428 -10.98 5.36 -12.91
C LYS C 428 -10.32 5.75 -11.59
N MET C 429 -10.57 6.95 -11.09
CA MET C 429 -10.03 7.36 -9.80
C MET C 429 -10.64 6.55 -8.66
N GLU C 430 -11.97 6.42 -8.67
CA GLU C 430 -12.63 5.67 -7.60
C GLU C 430 -12.35 4.17 -7.70
N ASP C 431 -12.29 3.63 -8.93
CA ASP C 431 -11.94 2.22 -9.11
C ASP C 431 -10.50 1.96 -8.72
N GLY C 432 -9.59 2.88 -9.02
CA GLY C 432 -8.20 2.72 -8.62
C GLY C 432 -8.02 2.80 -7.13
N PHE C 433 -8.76 3.70 -6.46
CA PHE C 433 -8.68 3.77 -5.00
C PHE C 433 -9.26 2.53 -4.34
N LEU C 434 -10.36 2.00 -4.90
CA LEU C 434 -10.92 0.75 -4.39
C LEU C 434 -9.96 -0.42 -4.63
N ASP C 435 -9.23 -0.41 -5.74
CA ASP C 435 -8.26 -1.45 -6.02
C ASP C 435 -7.06 -1.38 -5.09
N VAL C 436 -6.57 -0.16 -4.81
CA VAL C 436 -5.47 0.04 -3.85
C VAL C 436 -5.87 -0.42 -2.46
N TRP C 437 -7.09 -0.06 -2.02
CA TRP C 437 -7.49 -0.46 -0.68
C TRP C 437 -7.86 -1.93 -0.58
N THR C 438 -8.37 -2.54 -1.66
CA THR C 438 -8.58 -3.98 -1.70
C THR C 438 -7.26 -4.72 -1.63
N TYR C 439 -6.24 -4.25 -2.36
CA TYR C 439 -4.91 -4.84 -2.30
C TYR C 439 -4.31 -4.68 -0.91
N ASN C 440 -4.50 -3.52 -0.28
CA ASN C 440 -3.98 -3.28 1.05
C ASN C 440 -4.62 -4.20 2.08
N ALA C 441 -5.95 -4.37 2.01
CA ALA C 441 -6.65 -5.26 2.94
C ALA C 441 -6.26 -6.72 2.73
N GLU C 442 -6.21 -7.17 1.48
CA GLU C 442 -5.84 -8.55 1.19
C GLU C 442 -4.40 -8.85 1.58
N LEU C 443 -3.48 -7.95 1.27
CA LEU C 443 -2.07 -8.17 1.59
C LEU C 443 -1.83 -8.10 3.09
N LEU C 444 -2.54 -7.21 3.80
CA LEU C 444 -2.38 -7.16 5.25
C LEU C 444 -2.93 -8.40 5.90
N VAL C 445 -4.05 -8.93 5.39
CA VAL C 445 -4.59 -10.19 5.92
C VAL C 445 -3.63 -11.35 5.67
N LEU C 446 -3.07 -11.45 4.46
CA LEU C 446 -2.13 -12.54 4.15
C LEU C 446 -0.85 -12.45 4.98
N MET C 447 -0.27 -11.25 5.07
CA MET C 447 0.96 -11.04 5.80
C MET C 447 0.78 -11.26 7.29
N GLU C 448 -0.32 -10.75 7.87
CA GLU C 448 -0.55 -10.96 9.28
C GLU C 448 -1.02 -12.37 9.59
N ASN C 449 -1.55 -13.11 8.61
CA ASN C 449 -1.82 -14.53 8.83
C ASN C 449 -0.52 -15.32 8.91
N GLU C 450 0.44 -15.00 8.04
CA GLU C 450 1.78 -15.58 8.19
C GLU C 450 2.42 -15.22 9.53
N ARG C 451 2.33 -13.95 9.91
CA ARG C 451 2.92 -13.51 11.17
C ARG C 451 2.23 -14.13 12.37
N THR C 452 0.91 -14.36 12.29
CA THR C 452 0.19 -14.98 13.40
C THR C 452 0.54 -16.45 13.54
N LEU C 453 0.59 -17.19 12.42
CA LEU C 453 0.94 -18.61 12.51
C LEU C 453 2.39 -18.80 12.94
N ASP C 454 3.29 -17.96 12.45
CA ASP C 454 4.68 -18.01 12.92
C ASP C 454 4.81 -17.56 14.37
N PHE C 455 3.93 -16.66 14.82
CA PHE C 455 3.92 -16.24 16.21
C PHE C 455 3.47 -17.38 17.13
N HIS C 456 2.47 -18.15 16.71
CA HIS C 456 2.05 -19.32 17.48
C HIS C 456 3.14 -20.39 17.49
N ASP C 457 3.80 -20.60 16.35
CA ASP C 457 4.90 -21.56 16.28
C ASP C 457 6.06 -21.15 17.17
N SER C 458 6.38 -19.85 17.19
CA SER C 458 7.41 -19.32 18.06
C SER C 458 7.02 -19.43 19.52
N ASN C 459 5.73 -19.28 19.84
CA ASN C 459 5.29 -19.42 21.23
C ASN C 459 5.42 -20.86 21.72
N VAL C 460 5.07 -21.84 20.87
CA VAL C 460 5.25 -23.25 21.24
C VAL C 460 6.73 -23.59 21.39
N LYS C 461 7.55 -23.16 20.43
CA LYS C 461 8.99 -23.41 20.48
C LYS C 461 9.63 -22.71 21.68
N ASN C 462 9.10 -21.54 22.04
CA ASN C 462 9.67 -20.74 23.10
C ASN C 462 9.29 -21.30 24.47
N LEU C 463 8.07 -21.84 24.60
CA LEU C 463 7.68 -22.57 25.80
C LEU C 463 8.51 -23.85 25.96
N TYR C 464 8.74 -24.55 24.86
CA TYR C 464 9.59 -25.75 24.87
C TYR C 464 11.01 -25.40 25.29
N ASP C 465 11.55 -24.29 24.78
CA ASP C 465 12.89 -23.85 25.14
C ASP C 465 12.95 -23.42 26.59
N LYS C 466 11.89 -22.80 27.11
CA LYS C 466 11.85 -22.38 28.51
C LYS C 466 11.89 -23.59 29.43
N VAL C 467 11.10 -24.61 29.13
CA VAL C 467 11.12 -25.83 29.94
C VAL C 467 12.45 -26.57 29.78
N ARG C 468 13.01 -26.59 28.57
CA ARG C 468 14.26 -27.29 28.29
C ARG C 468 15.44 -26.63 29.00
N LEU C 469 15.42 -25.31 29.12
CA LEU C 469 16.45 -24.61 29.87
C LEU C 469 16.21 -24.62 31.37
N GLN C 470 14.95 -24.84 31.80
CA GLN C 470 14.71 -25.06 33.22
C GLN C 470 15.26 -26.39 33.69
N LEU C 471 14.96 -27.46 32.95
CA LEU C 471 15.28 -28.80 33.44
C LEU C 471 16.75 -29.14 33.28
N ARG C 472 17.38 -28.65 32.20
CA ARG C 472 18.79 -28.87 31.85
C ARG C 472 19.02 -30.38 31.70
N ASP C 473 19.98 -30.98 32.40
CA ASP C 473 20.27 -32.40 32.26
C ASP C 473 19.53 -33.26 33.28
N ASN C 474 18.59 -32.68 34.03
CA ASN C 474 17.77 -33.45 34.95
C ASN C 474 16.63 -34.18 34.25
N ALA C 475 16.41 -33.93 32.97
CA ALA C 475 15.39 -34.61 32.19
C ALA C 475 15.97 -35.05 30.86
N LYS C 476 15.50 -36.18 30.37
CA LYS C 476 15.89 -36.70 29.06
C LYS C 476 14.98 -36.10 28.00
N GLU C 477 15.58 -35.44 27.02
CA GLU C 477 14.83 -34.84 25.93
C GLU C 477 14.48 -35.92 24.91
N LEU C 478 13.21 -36.29 24.84
CA LEU C 478 12.77 -37.40 23.98
C LEU C 478 12.62 -37.00 22.52
N GLY C 479 12.72 -35.71 22.20
CA GLY C 479 12.71 -35.28 20.81
C GLY C 479 11.35 -35.23 20.15
N ASN C 480 10.27 -35.52 20.87
CA ASN C 480 8.93 -35.44 20.32
C ASN C 480 8.09 -34.40 21.03
N GLY C 481 8.72 -33.45 21.70
CA GLY C 481 8.04 -32.46 22.50
C GLY C 481 7.93 -32.79 23.97
N CYS C 482 8.42 -33.95 24.39
CA CYS C 482 8.27 -34.42 25.77
C CYS C 482 9.63 -34.51 26.45
N PHE C 483 9.59 -34.51 27.78
CA PHE C 483 10.79 -34.63 28.61
C PHE C 483 10.58 -35.74 29.62
N GLU C 484 11.41 -36.78 29.53
CA GLU C 484 11.37 -37.88 30.48
C GLU C 484 12.30 -37.52 31.64
N PHE C 485 11.73 -37.33 32.83
CA PHE C 485 12.49 -36.89 33.97
C PHE C 485 13.40 -38.00 34.49
N TYR C 486 14.63 -37.63 34.84
CA TYR C 486 15.49 -38.57 35.53
C TYR C 486 15.11 -38.71 36.99
N HIS C 487 14.62 -37.64 37.61
CA HIS C 487 14.23 -37.66 39.01
C HIS C 487 12.72 -37.85 39.15
N LYS C 488 12.30 -38.24 40.34
CA LYS C 488 10.88 -38.45 40.64
C LYS C 488 10.25 -37.08 40.84
N CYS C 489 9.49 -36.63 39.85
CA CYS C 489 8.91 -35.30 39.82
C CYS C 489 7.41 -35.43 40.06
N ASP C 490 6.96 -35.06 41.27
CA ASP C 490 5.56 -35.18 41.65
C ASP C 490 4.79 -33.94 41.23
N ASN C 491 3.57 -33.77 41.77
CA ASN C 491 2.68 -32.71 41.31
C ASN C 491 3.16 -31.33 41.71
N GLU C 492 3.79 -31.19 42.88
CA GLU C 492 4.41 -29.93 43.24
C GLU C 492 5.61 -29.64 42.35
N CYS C 493 6.40 -30.66 42.03
CA CYS C 493 7.48 -30.56 41.05
C CYS C 493 6.97 -30.19 39.67
N MET C 494 5.88 -30.81 39.23
CA MET C 494 5.32 -30.49 37.92
C MET C 494 4.79 -29.06 37.87
N GLU C 495 4.16 -28.61 38.97
CA GLU C 495 3.71 -27.22 39.04
C GLU C 495 4.88 -26.24 39.10
N SER C 496 6.00 -26.66 39.69
CA SER C 496 7.21 -25.83 39.68
C SER C 496 7.79 -25.73 38.27
N VAL C 497 7.70 -26.81 37.49
CA VAL C 497 8.08 -26.74 36.08
C VAL C 497 7.16 -25.81 35.32
N ARG C 498 5.85 -25.92 35.58
CA ARG C 498 4.87 -25.12 34.83
C ARG C 498 4.93 -23.64 35.19
N ASN C 499 5.25 -23.32 36.44
CA ASN C 499 5.27 -21.93 36.88
C ASN C 499 6.58 -21.22 36.60
N GLY C 500 7.57 -21.93 36.05
CA GLY C 500 8.87 -21.32 35.83
C GLY C 500 9.73 -21.24 37.06
N THR C 501 9.43 -22.02 38.09
CA THR C 501 10.15 -21.99 39.36
C THR C 501 10.67 -23.38 39.73
N TYR C 502 11.10 -24.15 38.73
CA TYR C 502 11.70 -25.45 38.98
C TYR C 502 13.08 -25.26 39.60
N ASP C 503 13.34 -25.97 40.69
CA ASP C 503 14.60 -25.84 41.42
C ASP C 503 15.53 -26.94 40.95
N TYR C 504 16.57 -26.56 40.21
CA TYR C 504 17.56 -27.52 39.73
C TYR C 504 18.35 -28.23 40.82
N PRO C 505 18.97 -27.58 41.83
CA PRO C 505 19.84 -28.34 42.74
C PRO C 505 19.10 -29.20 43.76
N GLN C 506 17.78 -29.05 43.91
CA GLN C 506 17.02 -29.97 44.75
C GLN C 506 17.00 -31.37 44.15
N TYR C 507 16.90 -31.46 42.83
CA TYR C 507 16.73 -32.73 42.13
C TYR C 507 17.97 -33.17 41.36
N SER C 508 18.99 -32.30 41.29
CA SER C 508 20.15 -32.56 40.43
C SER C 508 20.96 -33.75 40.91
N GLU C 509 21.11 -33.92 42.23
CA GLU C 509 21.89 -35.01 42.78
C GLU C 509 21.24 -36.37 42.50
N GLU C 510 19.94 -36.48 42.75
CA GLU C 510 19.30 -37.77 42.54
C GLU C 510 19.06 -38.04 41.06
N ALA C 511 18.90 -36.99 40.23
CA ALA C 511 18.83 -37.19 38.78
C ALA C 511 20.18 -37.62 38.21
N ARG C 512 21.27 -37.10 38.77
CA ARG C 512 22.61 -37.54 38.37
C ARG C 512 22.86 -38.98 38.79
N LEU C 513 22.36 -39.37 39.97
CA LEU C 513 22.44 -40.77 40.40
C LEU C 513 21.62 -41.67 39.48
N LYS C 514 20.46 -41.21 39.03
CA LYS C 514 19.66 -42.00 38.09
C LYS C 514 20.31 -42.07 36.72
N ARG C 515 21.02 -41.00 36.31
CA ARG C 515 21.80 -41.06 35.07
C ARG C 515 22.93 -42.08 35.19
N GLU C 516 23.57 -42.14 36.35
CA GLU C 516 24.61 -43.14 36.61
C GLU C 516 24.05 -44.57 36.55
N GLU C 517 22.90 -44.80 37.17
CA GLU C 517 22.36 -46.16 37.20
C GLU C 517 21.61 -46.53 35.93
N ILE C 518 21.30 -45.56 35.07
CA ILE C 518 20.71 -45.87 33.77
C ILE C 518 21.81 -46.12 32.73
N SER C 519 22.89 -45.33 32.79
CA SER C 519 23.98 -45.44 31.82
C SER C 519 24.80 -46.72 31.97
N SER D 1 19.70 -46.48 -24.67
CA SER D 1 19.82 -47.84 -24.17
C SER D 1 20.05 -47.85 -22.65
N ALA D 2 21.07 -48.62 -22.23
CA ALA D 2 21.59 -48.77 -20.87
C ALA D 2 20.66 -49.54 -19.93
N LEU D 3 19.47 -49.88 -20.39
CA LEU D 3 18.58 -50.83 -19.73
C LEU D 3 18.13 -51.87 -20.74
N THR D 4 18.27 -53.14 -20.37
CA THR D 4 17.99 -54.25 -21.28
C THR D 4 16.66 -54.89 -20.93
N GLN D 5 15.76 -54.96 -21.90
CA GLN D 5 14.47 -55.62 -21.77
C GLN D 5 14.38 -56.70 -22.83
N PRO D 6 13.63 -57.78 -22.55
CA PRO D 6 13.23 -58.68 -23.63
C PRO D 6 12.29 -57.98 -24.58
N PRO D 7 12.48 -58.14 -25.89
CA PRO D 7 11.64 -57.40 -26.86
C PRO D 7 10.19 -57.84 -26.89
N ALA D 8 9.88 -59.08 -26.50
CA ALA D 8 8.51 -59.55 -26.57
C ALA D 8 8.27 -60.60 -25.49
N VAL D 9 7.07 -60.57 -24.91
CA VAL D 9 6.60 -61.60 -24.00
C VAL D 9 5.21 -62.03 -24.44
N SER D 10 4.81 -63.22 -24.01
CA SER D 10 3.52 -63.78 -24.40
C SER D 10 2.91 -64.56 -23.25
N GLY D 11 1.61 -64.72 -23.29
CA GLY D 11 0.91 -65.50 -22.29
C GLY D 11 -0.59 -65.50 -22.55
N THR D 12 -1.26 -66.44 -21.91
CA THR D 12 -2.71 -66.58 -21.95
C THR D 12 -3.35 -65.62 -20.94
N PRO D 13 -4.62 -65.27 -21.12
CA PRO D 13 -5.34 -64.54 -20.07
C PRO D 13 -5.44 -65.36 -18.79
N GLY D 14 -5.23 -64.69 -17.66
CA GLY D 14 -5.16 -65.35 -16.37
C GLY D 14 -3.78 -65.84 -15.99
N GLN D 15 -2.83 -65.85 -16.93
CA GLN D 15 -1.47 -66.30 -16.64
C GLN D 15 -0.63 -65.16 -16.08
N ARG D 16 0.19 -65.49 -15.09
CA ARG D 16 1.15 -64.54 -14.54
C ARG D 16 2.37 -64.46 -15.45
N VAL D 17 2.65 -63.26 -15.95
CA VAL D 17 3.79 -63.01 -16.82
C VAL D 17 4.72 -62.01 -16.14
N THR D 18 6.02 -62.15 -16.40
CA THR D 18 7.03 -61.29 -15.82
C THR D 18 7.86 -60.63 -16.91
N ILE D 19 8.20 -59.37 -16.69
CA ILE D 19 9.04 -58.60 -17.61
C ILE D 19 10.27 -58.16 -16.83
N SER D 20 11.45 -58.52 -17.34
CA SER D 20 12.70 -58.18 -16.67
C SER D 20 13.30 -56.91 -17.25
N CYS D 21 14.12 -56.24 -16.43
CA CYS D 21 14.82 -55.04 -16.84
C CYS D 21 16.21 -55.08 -16.26
N SER D 22 17.21 -55.38 -17.09
CA SER D 22 18.59 -55.52 -16.62
C SER D 22 19.34 -54.22 -16.87
N GLY D 23 19.98 -53.71 -15.82
CA GLY D 23 20.74 -52.48 -15.93
C GLY D 23 22.17 -52.64 -15.45
N SER D 24 22.66 -51.64 -14.71
CA SER D 24 24.03 -51.64 -14.21
C SER D 24 24.03 -51.10 -12.79
N ASP D 25 25.23 -50.78 -12.31
CA ASP D 25 25.36 -50.27 -10.93
C ASP D 25 24.83 -48.85 -10.80
N SER D 26 25.07 -48.00 -11.80
CA SER D 26 24.78 -46.58 -11.69
C SER D 26 23.33 -46.21 -11.96
N ASN D 27 22.52 -47.12 -12.52
CA ASN D 27 21.17 -46.75 -12.88
C ASN D 27 20.10 -47.46 -12.06
N ILE D 28 20.15 -48.79 -12.01
CA ILE D 28 19.14 -49.53 -11.24
C ILE D 28 19.62 -49.77 -9.82
N GLY D 29 20.91 -50.03 -9.64
CA GLY D 29 21.42 -50.43 -8.34
C GLY D 29 21.45 -49.30 -7.33
N ARG D 30 21.45 -48.05 -7.81
CA ARG D 30 21.53 -46.90 -6.93
C ARG D 30 20.39 -45.89 -7.12
N ARG D 31 19.46 -46.14 -8.03
CA ARG D 31 18.30 -45.28 -8.20
C ARG D 31 17.04 -46.14 -8.35
N SER D 32 15.89 -45.50 -8.18
CA SER D 32 14.61 -46.19 -8.28
C SER D 32 14.18 -46.33 -9.73
N VAL D 33 13.51 -47.44 -10.03
CA VAL D 33 13.11 -47.80 -11.38
C VAL D 33 11.62 -47.54 -11.54
N ASN D 34 11.26 -46.80 -12.60
CA ASN D 34 9.88 -46.51 -12.93
C ASN D 34 9.46 -47.38 -14.11
N TRP D 35 8.20 -47.79 -14.10
CA TRP D 35 7.64 -48.63 -15.16
C TRP D 35 6.54 -47.89 -15.89
N TYR D 36 6.58 -47.95 -17.23
CA TYR D 36 5.66 -47.21 -18.07
C TYR D 36 4.96 -48.17 -19.03
N GLN D 37 3.64 -48.00 -19.15
CA GLN D 37 2.81 -48.77 -20.05
C GLN D 37 2.29 -47.87 -21.16
N GLN D 38 2.56 -48.27 -22.40
CA GLN D 38 2.17 -47.45 -23.55
C GLN D 38 1.45 -48.32 -24.57
N PHE D 39 0.19 -48.00 -24.81
CA PHE D 39 -0.58 -48.51 -25.93
C PHE D 39 -0.10 -47.87 -27.22
N PRO D 40 -0.30 -48.52 -28.38
CA PRO D 40 0.15 -47.91 -29.64
C PRO D 40 -0.64 -46.65 -29.98
N GLY D 41 0.10 -45.57 -30.24
CA GLY D 41 -0.50 -44.30 -30.61
C GLY D 41 -0.91 -43.41 -29.46
N THR D 42 -0.68 -43.82 -28.22
CA THR D 42 -1.07 -43.04 -27.06
C THR D 42 0.15 -42.70 -26.22
N ALA D 43 -0.05 -41.79 -25.26
CA ALA D 43 0.98 -41.40 -24.31
C ALA D 43 1.24 -42.52 -23.32
N PRO D 44 2.47 -42.60 -22.79
CA PRO D 44 2.74 -43.59 -21.74
C PRO D 44 2.02 -43.26 -20.45
N LYS D 45 1.81 -44.28 -19.64
CA LYS D 45 1.15 -44.16 -18.34
C LYS D 45 2.09 -44.64 -17.25
N LEU D 46 2.06 -43.98 -16.11
CA LEU D 46 2.85 -44.44 -14.98
C LEU D 46 2.23 -45.70 -14.40
N LEU D 47 3.04 -46.74 -14.23
CA LEU D 47 2.58 -48.04 -13.79
C LEU D 47 3.14 -48.45 -12.44
N ILE D 48 4.45 -48.43 -12.28
CA ILE D 48 5.13 -48.73 -11.02
C ILE D 48 6.21 -47.67 -10.82
N TYR D 49 6.24 -47.06 -9.64
CA TYR D 49 7.31 -46.13 -9.28
C TYR D 49 7.93 -46.58 -7.97
N SER D 50 9.10 -46.03 -7.65
CA SER D 50 9.79 -46.40 -6.38
C SER D 50 10.04 -47.91 -6.36
N ASN D 51 10.16 -48.53 -7.54
CA ASN D 51 10.47 -49.99 -7.63
C ASN D 51 9.25 -50.83 -7.22
N ASP D 52 8.56 -50.50 -6.13
CA ASP D 52 7.45 -51.35 -5.73
C ASP D 52 6.13 -50.62 -5.50
N GLN D 53 6.07 -49.31 -5.68
CA GLN D 53 4.86 -48.56 -5.36
C GLN D 53 3.98 -48.42 -6.59
N ARG D 54 2.70 -48.17 -6.35
CA ARG D 54 1.70 -48.20 -7.40
C ARG D 54 0.79 -46.99 -7.29
N PRO D 55 0.40 -46.37 -8.41
CA PRO D 55 -0.64 -45.33 -8.36
C PRO D 55 -1.99 -45.93 -7.99
N SER D 56 -2.88 -45.06 -7.49
CA SER D 56 -4.20 -45.52 -7.05
C SER D 56 -5.08 -45.92 -8.22
N VAL D 57 -4.83 -45.37 -9.42
CA VAL D 57 -5.62 -45.73 -10.60
C VAL D 57 -5.16 -47.04 -11.22
N VAL D 58 -3.92 -47.45 -11.00
CA VAL D 58 -3.38 -48.69 -11.55
C VAL D 58 -3.93 -49.86 -10.74
N PRO D 59 -4.48 -50.89 -11.40
CA PRO D 59 -5.01 -52.04 -10.66
C PRO D 59 -3.91 -52.83 -9.97
N ASP D 60 -4.29 -53.56 -8.91
CA ASP D 60 -3.35 -54.23 -8.01
C ASP D 60 -2.65 -55.43 -8.64
N ARG D 61 -3.06 -55.87 -9.83
CA ARG D 61 -2.41 -57.00 -10.48
C ARG D 61 -1.03 -56.65 -11.03
N PHE D 62 -0.67 -55.36 -11.10
CA PHE D 62 0.65 -54.93 -11.52
C PHE D 62 1.51 -54.72 -10.28
N SER D 63 2.71 -55.32 -10.29
CA SER D 63 3.63 -55.20 -9.17
C SER D 63 5.06 -55.22 -9.71
N GLY D 64 5.96 -54.58 -8.97
CA GLY D 64 7.35 -54.49 -9.38
C GLY D 64 8.28 -54.87 -8.25
N SER D 65 9.49 -55.28 -8.65
CA SER D 65 10.51 -55.69 -7.69
C SER D 65 11.88 -55.36 -8.26
N LYS D 66 12.82 -55.07 -7.36
CA LYS D 66 14.19 -54.74 -7.74
C LYS D 66 15.15 -55.49 -6.83
N SER D 67 16.13 -56.17 -7.44
CA SER D 67 17.17 -56.85 -6.70
C SER D 67 18.51 -56.64 -7.41
N GLY D 68 19.40 -55.88 -6.79
CA GLY D 68 20.70 -55.65 -7.38
C GLY D 68 20.63 -54.66 -8.53
N THR D 69 21.17 -55.06 -9.67
CA THR D 69 21.20 -54.22 -10.87
C THR D 69 20.13 -54.62 -11.88
N SER D 70 19.08 -55.29 -11.41
CA SER D 70 18.01 -55.75 -12.27
C SER D 70 16.66 -55.43 -11.64
N ALA D 71 15.64 -55.33 -12.49
CA ALA D 71 14.29 -55.08 -12.03
C ALA D 71 13.33 -56.04 -12.72
N SER D 72 12.18 -56.24 -12.10
CA SER D 72 11.18 -57.16 -12.62
C SER D 72 9.79 -56.57 -12.43
N LEU D 73 8.97 -56.67 -13.48
CA LEU D 73 7.57 -56.26 -13.44
C LEU D 73 6.70 -57.49 -13.61
N ALA D 74 5.79 -57.72 -12.67
CA ALA D 74 4.96 -58.91 -12.65
C ALA D 74 3.49 -58.54 -12.86
N ILE D 75 2.86 -59.22 -13.82
CA ILE D 75 1.45 -59.03 -14.13
C ILE D 75 0.73 -60.35 -13.88
N SER D 76 0.17 -60.50 -12.70
CA SER D 76 -0.53 -61.73 -12.35
C SER D 76 -2.00 -61.64 -12.73
N GLY D 77 -2.49 -62.68 -13.40
CA GLY D 77 -3.85 -62.63 -13.92
C GLY D 77 -3.97 -61.70 -15.11
N LEU D 78 -3.36 -62.09 -16.22
CA LEU D 78 -3.31 -61.27 -17.43
C LEU D 78 -4.72 -61.10 -18.02
N GLN D 79 -4.95 -59.94 -18.62
CA GLN D 79 -6.21 -59.62 -19.26
C GLN D 79 -5.99 -59.29 -20.73
N SER D 80 -7.09 -58.98 -21.42
CA SER D 80 -6.99 -58.59 -22.82
C SER D 80 -6.49 -57.16 -22.98
N GLU D 81 -6.75 -56.31 -21.98
CA GLU D 81 -6.38 -54.90 -22.04
C GLU D 81 -4.92 -54.64 -21.69
N ASP D 82 -4.17 -55.66 -21.29
CA ASP D 82 -2.77 -55.51 -20.92
C ASP D 82 -1.83 -55.67 -22.11
N GLU D 83 -2.37 -55.75 -23.33
CA GLU D 83 -1.54 -55.81 -24.52
C GLU D 83 -1.01 -54.41 -24.84
N ALA D 84 0.25 -54.16 -24.47
CA ALA D 84 0.87 -52.84 -24.65
C ALA D 84 2.38 -53.01 -24.61
N GLU D 85 3.08 -51.91 -24.88
CA GLU D 85 4.53 -51.86 -24.76
C GLU D 85 4.89 -51.40 -23.35
N TYR D 86 5.89 -52.04 -22.76
CA TYR D 86 6.26 -51.79 -21.37
C TYR D 86 7.71 -51.31 -21.30
N TYR D 87 7.92 -50.17 -20.64
CA TYR D 87 9.23 -49.55 -20.54
C TYR D 87 9.65 -49.47 -19.08
N CYS D 88 10.90 -49.80 -18.81
CA CYS D 88 11.49 -49.51 -17.52
C CYS D 88 12.39 -48.29 -17.64
N ALA D 89 12.37 -47.45 -16.60
CA ALA D 89 13.13 -46.22 -16.65
C ALA D 89 13.70 -45.93 -15.26
N ALA D 90 14.94 -45.45 -15.23
CA ALA D 90 15.57 -45.04 -14.00
C ALA D 90 16.60 -43.97 -14.32
N TRP D 91 16.95 -43.19 -13.31
CA TRP D 91 17.99 -42.17 -13.47
C TRP D 91 19.37 -42.84 -13.50
N ASP D 92 20.21 -42.37 -14.40
CA ASP D 92 21.57 -42.88 -14.55
C ASP D 92 22.54 -41.87 -13.98
N ASP D 93 23.32 -42.29 -12.99
CA ASP D 93 24.29 -41.40 -12.36
C ASP D 93 25.53 -41.17 -13.22
N SER D 94 25.85 -42.08 -14.13
CA SER D 94 27.01 -41.93 -14.99
C SER D 94 26.73 -41.03 -16.18
N LEU D 95 25.54 -41.16 -16.78
CA LEU D 95 25.16 -40.31 -17.90
C LEU D 95 24.54 -38.99 -17.45
N LYS D 96 24.29 -38.83 -16.15
CA LYS D 96 23.61 -37.66 -15.57
C LYS D 96 22.26 -37.40 -16.22
N GLY D 97 21.51 -38.47 -16.43
CA GLY D 97 20.23 -38.34 -17.10
C GLY D 97 19.37 -39.58 -16.93
N ALA D 98 18.15 -39.49 -17.43
CA ALA D 98 17.22 -40.60 -17.39
C ALA D 98 17.45 -41.53 -18.57
N VAL D 99 17.42 -42.83 -18.31
CA VAL D 99 17.57 -43.84 -19.35
C VAL D 99 16.32 -44.70 -19.38
N PHE D 100 16.05 -45.27 -20.55
CA PHE D 100 14.89 -46.10 -20.79
C PHE D 100 15.32 -47.46 -21.29
N GLY D 101 14.47 -48.46 -21.07
CA GLY D 101 14.70 -49.76 -21.67
C GLY D 101 14.33 -49.77 -23.13
N GLY D 102 14.62 -50.91 -23.77
CA GLY D 102 14.31 -51.06 -25.18
C GLY D 102 12.85 -51.20 -25.49
N GLY D 103 12.04 -51.61 -24.52
CA GLY D 103 10.62 -51.80 -24.74
C GLY D 103 10.23 -53.26 -24.84
N THR D 104 9.16 -53.64 -24.16
CA THR D 104 8.68 -55.02 -24.15
C THR D 104 7.23 -55.05 -24.62
N GLN D 105 7.02 -55.59 -25.83
CA GLN D 105 5.69 -55.74 -26.38
C GLN D 105 5.06 -57.01 -25.83
N LEU D 106 3.93 -56.87 -25.13
CA LEU D 106 3.23 -58.00 -24.56
C LEU D 106 2.11 -58.40 -25.51
N THR D 107 2.07 -59.68 -25.84
CA THR D 107 1.07 -60.23 -26.75
C THR D 107 0.14 -61.14 -25.95
N VAL D 108 -1.16 -60.86 -26.02
CA VAL D 108 -2.16 -61.66 -25.33
C VAL D 108 -2.57 -62.80 -26.27
N LEU D 109 -2.22 -64.02 -25.89
CA LEU D 109 -2.49 -65.18 -26.73
C LEU D 109 -3.98 -65.55 -26.67
N GLY D 110 -4.46 -66.16 -27.74
CA GLY D 110 -5.84 -66.57 -27.84
C GLY D 110 -6.56 -65.98 -29.04
N GLN E 1 -7.54 -31.37 -11.46
CA GLN E 1 -6.50 -32.20 -12.06
C GLN E 1 -5.65 -31.37 -13.02
N VAL E 2 -4.44 -31.85 -13.30
CA VAL E 2 -3.55 -31.13 -14.20
C VAL E 2 -3.36 -31.93 -15.48
N GLN E 3 -3.67 -31.29 -16.61
CA GLN E 3 -3.45 -31.88 -17.92
C GLN E 3 -2.44 -31.05 -18.69
N LEU E 4 -1.49 -31.74 -19.32
CA LEU E 4 -0.45 -31.10 -20.11
C LEU E 4 -0.88 -31.08 -21.57
N VAL E 5 -0.99 -29.89 -22.14
CA VAL E 5 -1.47 -29.69 -23.50
C VAL E 5 -0.31 -29.19 -24.36
N GLN E 6 0.04 -29.95 -25.38
CA GLN E 6 1.16 -29.60 -26.24
C GLN E 6 0.68 -28.90 -27.50
N SER E 7 1.64 -28.46 -28.31
CA SER E 7 1.34 -27.83 -29.58
C SER E 7 1.03 -28.90 -30.63
N GLY E 8 0.63 -28.42 -31.82
CA GLY E 8 0.27 -29.32 -32.89
C GLY E 8 1.47 -29.94 -33.56
N ALA E 9 1.18 -30.83 -34.52
CA ALA E 9 2.23 -31.53 -35.25
C ALA E 9 2.98 -30.57 -36.17
N GLU E 10 4.26 -30.85 -36.37
CA GLU E 10 5.14 -29.98 -37.14
C GLU E 10 5.74 -30.74 -38.31
N VAL E 11 5.77 -30.10 -39.47
CA VAL E 11 6.43 -30.61 -40.66
C VAL E 11 7.59 -29.68 -40.96
N LYS E 12 8.81 -30.22 -40.98
CA LYS E 12 10.01 -29.41 -41.06
C LYS E 12 10.94 -29.95 -42.14
N LYS E 13 11.78 -29.06 -42.65
CA LYS E 13 12.87 -29.37 -43.55
C LYS E 13 14.14 -29.66 -42.77
N PRO E 14 15.07 -30.44 -43.33
CA PRO E 14 16.37 -30.61 -42.66
C PRO E 14 17.14 -29.30 -42.60
N GLY E 15 17.86 -29.11 -41.49
CA GLY E 15 18.60 -27.90 -41.24
C GLY E 15 17.84 -26.82 -40.51
N SER E 16 16.53 -26.99 -40.30
CA SER E 16 15.73 -26.03 -39.57
C SER E 16 15.66 -26.40 -38.09
N SER E 17 14.79 -25.72 -37.36
CA SER E 17 14.58 -25.97 -35.94
C SER E 17 13.09 -25.98 -35.63
N VAL E 18 12.74 -26.72 -34.57
CA VAL E 18 11.34 -26.87 -34.16
C VAL E 18 11.24 -26.51 -32.68
N LYS E 19 10.20 -25.76 -32.32
CA LYS E 19 9.93 -25.39 -30.94
C LYS E 19 8.58 -25.97 -30.53
N VAL E 20 8.59 -26.81 -29.50
CA VAL E 20 7.39 -27.47 -29.00
C VAL E 20 7.11 -26.99 -27.59
N SER E 21 5.87 -26.56 -27.34
CA SER E 21 5.46 -26.10 -26.02
C SER E 21 4.65 -27.16 -25.31
N CYS E 22 4.51 -26.99 -23.99
CA CYS E 22 3.73 -27.88 -23.15
C CYS E 22 3.04 -27.04 -22.08
N LYS E 23 1.82 -26.61 -22.35
CA LYS E 23 1.05 -25.77 -21.44
C LYS E 23 0.42 -26.65 -20.36
N SER E 24 0.66 -26.28 -19.10
CA SER E 24 0.05 -26.95 -17.97
C SER E 24 -1.31 -26.33 -17.69
N SER E 25 -2.38 -27.08 -17.93
CA SER E 25 -3.74 -26.59 -17.77
C SER E 25 -4.39 -27.26 -16.57
N GLY E 26 -5.33 -26.54 -15.96
CA GLY E 26 -6.00 -27.04 -14.78
C GLY E 26 -5.21 -26.91 -13.49
N GLY E 27 -4.13 -26.17 -13.50
CA GLY E 27 -3.25 -26.01 -12.35
C GLY E 27 -1.83 -25.79 -12.81
N THR E 28 -1.02 -25.25 -11.89
CA THR E 28 0.37 -24.95 -12.20
C THR E 28 1.22 -26.22 -12.18
N SER E 29 2.39 -26.13 -12.82
CA SER E 29 3.38 -27.20 -12.80
C SER E 29 4.77 -26.66 -12.50
N ASN E 30 4.84 -25.47 -11.91
CA ASN E 30 6.12 -24.83 -11.63
C ASN E 30 6.86 -25.50 -10.49
N ASN E 31 6.17 -26.23 -9.63
CA ASN E 31 6.80 -26.91 -8.52
C ASN E 31 7.12 -28.37 -8.83
N TYR E 32 6.95 -28.79 -10.08
CA TYR E 32 7.31 -30.12 -10.53
C TYR E 32 8.25 -30.02 -11.72
N ALA E 33 9.02 -31.08 -11.94
CA ALA E 33 9.89 -31.16 -13.09
C ALA E 33 9.14 -31.70 -14.30
N ILE E 34 9.22 -30.97 -15.41
CA ILE E 34 8.59 -31.39 -16.66
C ILE E 34 9.69 -31.85 -17.59
N SER E 35 9.68 -33.13 -17.95
CA SER E 35 10.67 -33.74 -18.81
C SER E 35 10.17 -33.76 -20.25
N TRP E 36 11.10 -33.90 -21.18
CA TRP E 36 10.80 -34.03 -22.59
C TRP E 36 11.32 -35.37 -23.09
N VAL E 37 10.40 -36.24 -23.51
CA VAL E 37 10.73 -37.60 -23.91
C VAL E 37 10.26 -37.79 -25.34
N ARG E 38 11.16 -38.25 -26.21
CA ARG E 38 10.82 -38.50 -27.59
C ARG E 38 10.76 -40.00 -27.86
N GLN E 39 10.06 -40.37 -28.92
CA GLN E 39 9.82 -41.76 -29.27
C GLN E 39 9.92 -41.89 -30.78
N ALA E 40 11.02 -42.44 -31.26
CA ALA E 40 11.19 -42.68 -32.69
C ALA E 40 10.22 -43.77 -33.15
N PRO E 41 9.77 -43.71 -34.41
CA PRO E 41 8.88 -44.75 -34.93
C PRO E 41 9.56 -46.11 -35.00
N GLY E 42 8.98 -47.08 -34.28
CA GLY E 42 9.56 -48.40 -34.18
C GLY E 42 10.63 -48.56 -33.11
N GLN E 43 11.00 -47.48 -32.42
CA GLN E 43 12.00 -47.52 -31.37
C GLN E 43 11.36 -47.23 -30.02
N GLY E 44 12.19 -47.19 -28.97
CA GLY E 44 11.70 -46.95 -27.63
C GLY E 44 11.74 -45.47 -27.25
N LEU E 45 11.33 -45.21 -26.02
CA LEU E 45 11.35 -43.85 -25.49
C LEU E 45 12.77 -43.41 -25.23
N ASP E 46 13.02 -42.11 -25.40
CA ASP E 46 14.34 -41.54 -25.22
C ASP E 46 14.21 -40.22 -24.49
N TRP E 47 14.99 -40.05 -23.42
CA TRP E 47 14.95 -38.82 -22.64
C TRP E 47 15.79 -37.75 -23.31
N MET E 48 15.22 -36.56 -23.47
CA MET E 48 15.96 -35.43 -24.02
C MET E 48 16.47 -34.48 -22.96
N GLY E 49 15.68 -34.25 -21.92
CA GLY E 49 16.03 -33.31 -20.89
C GLY E 49 14.78 -32.92 -20.13
N GLY E 50 14.93 -31.88 -19.30
CA GLY E 50 13.81 -31.38 -18.55
C GLY E 50 14.17 -30.07 -17.88
N ILE E 51 13.16 -29.42 -17.33
CA ILE E 51 13.36 -28.18 -16.61
C ILE E 51 12.54 -28.23 -15.32
N SER E 52 13.18 -27.81 -14.23
CA SER E 52 12.49 -27.61 -12.95
C SER E 52 12.57 -26.12 -12.66
N PRO E 53 11.53 -25.37 -13.00
CA PRO E 53 11.70 -23.90 -13.13
C PRO E 53 11.83 -23.12 -11.81
N ILE E 54 10.99 -23.42 -10.82
CA ILE E 54 11.14 -22.75 -9.51
C ILE E 54 12.38 -23.26 -8.80
N PHE E 55 12.64 -24.56 -8.90
CA PHE E 55 13.86 -25.15 -8.36
C PHE E 55 15.10 -24.64 -9.09
N GLY E 56 14.95 -24.26 -10.35
CA GLY E 56 16.03 -23.67 -11.09
C GLY E 56 16.94 -24.63 -11.83
N SER E 57 16.53 -25.89 -11.97
CA SER E 57 17.33 -26.89 -12.66
C SER E 57 16.85 -27.06 -14.09
N THR E 58 17.79 -27.04 -15.03
CA THR E 58 17.54 -27.36 -16.42
C THR E 58 18.54 -28.43 -16.84
N ALA E 59 18.06 -29.65 -17.01
CA ALA E 59 18.91 -30.78 -17.33
C ALA E 59 18.73 -31.14 -18.80
N TYR E 60 19.79 -31.71 -19.39
CA TYR E 60 19.77 -32.16 -20.76
C TYR E 60 20.43 -33.52 -20.85
N ALA E 61 20.06 -34.30 -21.87
CA ALA E 61 20.74 -35.55 -22.12
C ALA E 61 22.12 -35.29 -22.72
N GLN E 62 23.05 -36.22 -22.49
CA GLN E 62 24.40 -36.05 -23.01
C GLN E 62 24.43 -36.27 -24.52
N LYS E 63 23.50 -37.06 -25.06
CA LYS E 63 23.41 -37.22 -26.50
C LYS E 63 22.59 -36.11 -27.14
N PHE E 64 21.96 -35.26 -26.35
CA PHE E 64 21.24 -34.09 -26.85
C PHE E 64 21.85 -32.78 -26.38
N GLN E 65 22.99 -32.82 -25.69
CA GLN E 65 23.58 -31.61 -25.12
C GLN E 65 24.15 -30.72 -26.21
N GLY E 66 23.80 -29.43 -26.14
CA GLY E 66 24.23 -28.45 -27.11
C GLY E 66 23.33 -28.32 -28.32
N ARG E 67 22.38 -29.24 -28.49
CA ARG E 67 21.48 -29.23 -29.63
C ARG E 67 20.03 -28.91 -29.28
N VAL E 68 19.59 -29.25 -28.06
CA VAL E 68 18.23 -28.99 -27.61
C VAL E 68 18.28 -27.86 -26.60
N THR E 69 17.28 -26.99 -26.62
CA THR E 69 17.11 -25.91 -25.66
C THR E 69 15.75 -26.06 -25.00
N ILE E 70 15.74 -26.23 -23.69
CA ILE E 70 14.52 -26.41 -22.93
C ILE E 70 14.38 -25.25 -21.95
N SER E 71 13.27 -24.52 -22.06
CA SER E 71 13.01 -23.40 -21.18
C SER E 71 11.61 -23.54 -20.62
N ALA E 72 11.33 -22.80 -19.56
CA ALA E 72 10.01 -22.82 -18.94
C ALA E 72 9.54 -21.40 -18.68
N ASP E 73 8.24 -21.23 -18.74
CA ASP E 73 7.58 -19.97 -18.42
C ASP E 73 6.70 -20.24 -17.20
N ILE E 74 6.96 -19.54 -16.10
CA ILE E 74 6.21 -19.82 -14.88
C ILE E 74 5.01 -18.89 -14.74
N PHE E 75 4.85 -17.92 -15.63
CA PHE E 75 3.69 -17.06 -15.57
C PHE E 75 2.57 -17.53 -16.49
N SER E 76 2.92 -18.29 -17.53
CA SER E 76 1.93 -18.92 -18.39
C SER E 76 1.85 -20.42 -18.17
N ASN E 77 2.64 -20.94 -17.21
CA ASN E 77 2.71 -22.37 -16.86
C ASN E 77 3.05 -23.24 -18.07
N THR E 78 3.95 -22.75 -18.91
CA THR E 78 4.29 -23.42 -20.15
C THR E 78 5.78 -23.78 -20.15
N ALA E 79 6.08 -25.03 -20.48
CA ALA E 79 7.44 -25.49 -20.68
C ALA E 79 7.69 -25.68 -22.18
N TYR E 80 8.84 -25.20 -22.63
CA TYR E 80 9.16 -25.19 -24.05
C TYR E 80 10.36 -26.10 -24.30
N MET E 81 10.43 -26.61 -25.53
CA MET E 81 11.55 -27.42 -25.97
C MET E 81 11.87 -27.02 -27.40
N GLU E 82 13.08 -26.53 -27.62
CA GLU E 82 13.54 -26.11 -28.94
C GLU E 82 14.69 -27.02 -29.36
N LEU E 83 14.53 -27.69 -30.51
CA LEU E 83 15.53 -28.59 -31.04
C LEU E 83 16.06 -28.03 -32.34
N ASN E 84 17.37 -27.81 -32.41
CA ASN E 84 18.01 -27.21 -33.58
C ASN E 84 18.70 -28.28 -34.42
N SER E 85 19.02 -27.90 -35.67
CA SER E 85 19.75 -28.72 -36.63
C SER E 85 19.05 -30.06 -36.89
N LEU E 86 17.83 -29.97 -37.40
CA LEU E 86 17.01 -31.16 -37.61
C LEU E 86 17.54 -31.98 -38.78
N THR E 87 17.66 -33.29 -38.56
CA THR E 87 17.96 -34.26 -39.60
C THR E 87 16.83 -35.29 -39.64
N SER E 88 17.00 -36.31 -40.47
CA SER E 88 15.99 -37.37 -40.57
C SER E 88 15.97 -38.25 -39.33
N GLU E 89 17.06 -38.28 -38.55
CA GLU E 89 17.08 -39.04 -37.31
C GLU E 89 16.25 -38.38 -36.21
N ASP E 90 15.89 -37.12 -36.37
CA ASP E 90 15.07 -36.40 -35.40
C ASP E 90 13.58 -36.57 -35.61
N THR E 91 13.17 -37.44 -36.54
CA THR E 91 11.76 -37.73 -36.71
C THR E 91 11.30 -38.67 -35.61
N ALA E 92 10.40 -38.16 -34.75
CA ALA E 92 9.94 -38.90 -33.58
C ALA E 92 8.63 -38.28 -33.11
N VAL E 93 8.04 -38.89 -32.08
CA VAL E 93 6.87 -38.35 -31.40
C VAL E 93 7.34 -37.82 -30.05
N TYR E 94 7.12 -36.54 -29.80
CA TYR E 94 7.74 -35.82 -28.68
C TYR E 94 6.71 -35.60 -27.58
N PHE E 95 7.01 -36.09 -26.39
CA PHE E 95 6.11 -36.02 -25.25
C PHE E 95 6.69 -35.11 -24.18
N CYS E 96 5.85 -34.27 -23.60
CA CYS E 96 6.17 -33.61 -22.35
C CYS E 96 5.56 -34.40 -21.20
N ALA E 97 6.32 -34.53 -20.11
CA ALA E 97 5.89 -35.39 -19.02
C ALA E 97 6.28 -34.78 -17.69
N ARG E 98 5.29 -34.60 -16.83
CA ARG E 98 5.48 -34.00 -15.52
C ARG E 98 5.85 -35.08 -14.51
N HIS E 99 6.88 -34.83 -13.72
CA HIS E 99 7.34 -35.80 -12.74
C HIS E 99 6.49 -35.73 -11.48
N GLY E 100 6.81 -36.61 -10.53
CA GLY E 100 6.09 -36.67 -9.27
C GLY E 100 6.55 -35.69 -8.23
N ASN E 101 7.71 -35.08 -8.40
CA ASN E 101 8.21 -34.06 -7.48
C ASN E 101 9.00 -33.04 -8.30
N TYR E 102 9.82 -32.25 -7.60
CA TYR E 102 10.58 -31.17 -8.22
C TYR E 102 11.70 -31.66 -9.13
N TYR E 103 12.12 -32.91 -9.03
CA TYR E 103 13.30 -33.37 -9.75
C TYR E 103 12.91 -34.59 -10.57
N TYR E 104 13.90 -35.18 -11.23
CA TYR E 104 13.68 -36.09 -12.34
C TYR E 104 13.73 -37.55 -11.94
N TYR E 105 13.97 -37.84 -10.66
CA TYR E 105 14.06 -39.23 -10.23
C TYR E 105 12.68 -39.89 -10.19
N SER E 106 11.64 -39.12 -9.87
CA SER E 106 10.32 -39.68 -9.68
C SER E 106 9.68 -40.08 -11.00
N GLY E 107 8.64 -40.89 -10.92
CA GLY E 107 7.93 -41.34 -12.09
C GLY E 107 7.12 -40.24 -12.75
N MET E 108 7.04 -40.28 -14.07
CA MET E 108 6.30 -39.29 -14.84
C MET E 108 4.84 -39.72 -14.90
N ASP E 109 4.02 -39.15 -14.01
CA ASP E 109 2.64 -39.54 -13.85
C ASP E 109 1.66 -38.76 -14.71
N VAL E 110 2.04 -37.56 -15.16
CA VAL E 110 1.23 -36.76 -16.07
C VAL E 110 1.99 -36.61 -17.37
N TRP E 111 1.35 -36.94 -18.49
CA TRP E 111 1.97 -36.88 -19.80
C TRP E 111 1.14 -36.01 -20.73
N GLY E 112 1.81 -35.40 -21.71
CA GLY E 112 1.12 -34.71 -22.76
C GLY E 112 0.64 -35.69 -23.83
N GLN E 113 -0.17 -35.17 -24.75
CA GLN E 113 -0.73 -36.02 -25.80
C GLN E 113 0.27 -36.37 -26.89
N GLY E 114 1.42 -35.71 -26.92
CA GLY E 114 2.43 -36.01 -27.92
C GLY E 114 2.42 -35.02 -29.06
N THR E 115 3.58 -34.84 -29.68
CA THR E 115 3.74 -33.97 -30.84
C THR E 115 4.61 -34.68 -31.85
N THR E 116 4.05 -34.97 -33.02
CA THR E 116 4.78 -35.69 -34.06
C THR E 116 5.54 -34.70 -34.92
N VAL E 117 6.86 -34.87 -34.99
CA VAL E 117 7.73 -34.05 -35.82
C VAL E 117 8.30 -34.93 -36.92
N THR E 118 8.03 -34.56 -38.17
CA THR E 118 8.53 -35.29 -39.34
C THR E 118 9.47 -34.38 -40.10
N VAL E 119 10.69 -34.84 -40.34
CA VAL E 119 11.70 -34.07 -41.06
C VAL E 119 11.90 -34.72 -42.42
N SER E 120 11.70 -33.95 -43.47
CA SER E 120 11.85 -34.43 -44.84
C SER E 120 12.20 -33.30 -45.79
N VAL F 14 40.69 -45.27 13.09
CA VAL F 14 39.54 -45.46 12.21
C VAL F 14 38.77 -44.16 12.06
N LYS F 15 37.84 -44.12 11.11
CA LYS F 15 37.06 -42.94 10.80
C LYS F 15 35.60 -43.19 11.19
N SER F 16 35.06 -42.32 12.04
CA SER F 16 33.67 -42.45 12.47
C SER F 16 32.72 -42.02 11.37
N ASP F 17 31.51 -42.57 11.41
CA ASP F 17 30.49 -42.21 10.44
C ASP F 17 29.94 -40.82 10.74
N GLN F 18 29.85 -39.99 9.71
CA GLN F 18 29.40 -38.61 9.84
C GLN F 18 28.21 -38.37 8.94
N ILE F 19 27.26 -37.58 9.44
CA ILE F 19 26.21 -37.00 8.61
C ILE F 19 26.23 -35.50 8.83
N CYS F 20 25.92 -34.76 7.79
CA CYS F 20 25.93 -33.31 7.82
C CYS F 20 24.65 -32.78 7.21
N ILE F 21 24.29 -31.57 7.58
CA ILE F 21 23.16 -30.86 6.99
C ILE F 21 23.72 -29.60 6.35
N GLY F 22 23.49 -29.44 5.06
CA GLY F 22 23.95 -28.29 4.32
C GLY F 22 22.89 -27.83 3.36
N TYR F 23 23.28 -27.09 2.34
CA TYR F 23 22.29 -26.49 1.45
C TYR F 23 22.94 -26.24 0.10
N HIS F 24 22.09 -25.95 -0.88
CA HIS F 24 22.50 -25.88 -2.27
C HIS F 24 23.24 -24.59 -2.56
N ALA F 25 24.32 -24.70 -3.32
CA ALA F 25 25.06 -23.55 -3.84
C ALA F 25 25.40 -23.81 -5.30
N ASN F 26 25.60 -22.73 -6.05
CA ASN F 26 25.97 -22.83 -7.45
C ASN F 26 26.92 -21.69 -7.79
N ASN F 27 27.15 -21.50 -9.09
CA ASN F 27 28.00 -20.43 -9.59
C ASN F 27 27.21 -19.20 -10.02
N SER F 28 26.01 -19.02 -9.46
CA SER F 28 25.12 -17.95 -9.88
C SER F 28 25.58 -16.60 -9.34
N THR F 29 25.37 -15.55 -10.14
CA THR F 29 25.66 -14.18 -9.74
C THR F 29 24.40 -13.32 -9.72
N GLU F 30 23.22 -13.95 -9.67
CA GLU F 30 21.97 -13.21 -9.62
C GLU F 30 21.82 -12.55 -8.26
N GLN F 31 21.43 -11.27 -8.27
CA GLN F 31 21.37 -10.46 -7.06
C GLN F 31 19.96 -9.95 -6.83
N VAL F 32 19.49 -10.06 -5.60
CA VAL F 32 18.21 -9.51 -5.19
C VAL F 32 18.44 -8.51 -4.07
N ASP F 33 17.49 -7.60 -3.92
CA ASP F 33 17.55 -6.56 -2.90
C ASP F 33 16.53 -6.84 -1.82
N THR F 34 16.94 -6.64 -0.57
CA THR F 34 16.06 -6.69 0.59
C THR F 34 16.04 -5.31 1.24
N ILE F 35 15.25 -5.16 2.30
CA ILE F 35 15.21 -3.87 3.01
C ILE F 35 16.50 -3.64 3.77
N MET F 36 17.05 -4.68 4.41
CA MET F 36 18.22 -4.53 5.26
C MET F 36 19.53 -4.85 4.56
N GLU F 37 19.50 -5.54 3.43
CA GLU F 37 20.71 -5.84 2.68
C GLU F 37 20.43 -5.62 1.21
N LYS F 38 21.34 -4.91 0.55
CA LYS F 38 21.19 -4.55 -0.85
C LYS F 38 22.09 -5.42 -1.70
N ASN F 39 21.53 -5.91 -2.81
CA ASN F 39 22.21 -6.71 -3.83
C ASN F 39 22.83 -7.99 -3.23
N VAL F 40 21.93 -8.84 -2.75
CA VAL F 40 22.28 -10.11 -2.14
C VAL F 40 22.36 -11.18 -3.22
N THR F 41 23.51 -11.84 -3.34
CA THR F 41 23.67 -12.89 -4.33
C THR F 41 22.91 -14.13 -3.88
N VAL F 42 21.98 -14.60 -4.73
CA VAL F 42 21.16 -15.76 -4.42
C VAL F 42 21.45 -16.86 -5.44
N THR F 43 21.09 -18.08 -5.08
CA THR F 43 21.30 -19.22 -5.97
C THR F 43 20.39 -19.15 -7.18
N HIS F 44 19.10 -18.87 -6.96
CA HIS F 44 18.16 -18.72 -8.05
C HIS F 44 17.30 -17.50 -7.78
N ALA F 45 17.04 -16.74 -8.85
CA ALA F 45 16.26 -15.52 -8.75
C ALA F 45 15.31 -15.48 -9.93
N GLN F 46 14.31 -14.61 -9.81
CA GLN F 46 13.25 -14.51 -10.80
C GLN F 46 13.00 -13.05 -11.14
N ASP F 47 13.31 -12.68 -12.37
CA ASP F 47 12.94 -11.35 -12.85
C ASP F 47 11.45 -11.32 -13.16
N ILE F 48 10.73 -10.43 -12.49
CA ILE F 48 9.30 -10.27 -12.71
C ILE F 48 9.01 -8.99 -13.49
N LEU F 49 10.04 -8.32 -13.99
CA LEU F 49 9.91 -7.04 -14.68
C LEU F 49 10.44 -7.19 -16.10
N GLU F 50 9.66 -6.71 -17.07
CA GLU F 50 10.05 -6.71 -18.47
C GLU F 50 10.65 -5.36 -18.82
N LYS F 51 11.91 -5.36 -19.26
CA LYS F 51 12.60 -4.13 -19.62
C LYS F 51 12.73 -3.94 -21.13
N THR F 52 12.33 -4.91 -21.93
CA THR F 52 12.67 -4.94 -23.35
C THR F 52 11.43 -4.71 -24.21
N HIS F 53 11.64 -4.00 -25.32
CA HIS F 53 10.68 -3.89 -26.40
C HIS F 53 11.48 -3.73 -27.69
N ASN F 54 10.90 -4.14 -28.81
CA ASN F 54 11.62 -4.07 -30.07
C ASN F 54 11.42 -2.75 -30.80
N GLY F 55 10.66 -1.82 -30.22
CA GLY F 55 10.55 -0.47 -30.73
C GLY F 55 9.84 -0.33 -32.07
N LYS F 56 8.76 -1.07 -32.28
CA LYS F 56 7.96 -0.95 -33.48
C LYS F 56 6.49 -1.04 -33.10
N LEU F 57 5.64 -0.46 -33.95
CA LEU F 57 4.20 -0.61 -33.81
C LEU F 57 3.76 -1.88 -34.53
N CYS F 58 3.01 -2.73 -33.83
CA CYS F 58 2.56 -4.00 -34.37
C CYS F 58 1.05 -4.01 -34.50
N ASP F 59 0.54 -5.12 -35.04
CA ASP F 59 -0.90 -5.37 -35.06
C ASP F 59 -1.33 -5.91 -33.70
N LEU F 60 -2.48 -5.44 -33.22
CA LEU F 60 -3.03 -5.90 -31.96
C LEU F 60 -3.97 -7.07 -32.25
N ASN F 61 -3.47 -8.28 -31.98
CA ASN F 61 -4.16 -9.55 -32.23
C ASN F 61 -4.56 -9.70 -33.70
N GLY F 62 -3.67 -9.30 -34.60
CA GLY F 62 -3.87 -9.48 -36.02
C GLY F 62 -4.67 -8.38 -36.71
N VAL F 63 -4.93 -7.27 -36.05
CA VAL F 63 -5.67 -6.15 -36.64
C VAL F 63 -4.71 -4.99 -36.84
N LYS F 64 -4.63 -4.50 -38.08
CA LYS F 64 -3.73 -3.40 -38.39
C LYS F 64 -4.21 -2.11 -37.74
N PRO F 65 -3.35 -1.34 -37.10
CA PRO F 65 -3.77 -0.07 -36.51
C PRO F 65 -3.96 1.01 -37.55
N LEU F 66 -4.71 2.04 -37.15
CA LEU F 66 -4.87 3.23 -37.98
C LEU F 66 -3.72 4.18 -37.66
N ILE F 67 -2.75 4.26 -38.55
CA ILE F 67 -1.61 5.14 -38.37
C ILE F 67 -1.83 6.35 -39.26
N LEU F 68 -2.13 7.49 -38.63
CA LEU F 68 -2.49 8.69 -39.37
C LEU F 68 -1.28 9.44 -39.91
N LYS F 69 -0.07 9.08 -39.46
CA LYS F 69 1.21 9.68 -39.85
C LYS F 69 1.17 11.17 -39.51
N ASP F 70 1.27 12.08 -40.48
CA ASP F 70 1.28 13.51 -40.20
C ASP F 70 -0.12 14.10 -40.10
N CYS F 71 -1.16 13.29 -40.24
CA CYS F 71 -2.53 13.75 -40.10
C CYS F 71 -2.94 13.73 -38.64
N SER F 72 -3.99 14.49 -38.33
CA SER F 72 -4.58 14.52 -37.01
C SER F 72 -5.95 13.84 -37.06
N VAL F 73 -6.57 13.71 -35.89
CA VAL F 73 -7.92 13.17 -35.80
C VAL F 73 -8.92 14.11 -36.47
N ALA F 74 -8.73 15.42 -36.29
CA ALA F 74 -9.63 16.39 -36.92
C ALA F 74 -9.47 16.43 -38.43
N GLY F 75 -8.22 16.34 -38.92
CA GLY F 75 -8.01 16.31 -40.35
C GLY F 75 -8.51 15.03 -40.99
N TRP F 76 -8.39 13.91 -40.28
CA TRP F 76 -8.98 12.65 -40.72
C TRP F 76 -10.50 12.69 -40.76
N LEU F 77 -11.13 13.13 -39.68
CA LEU F 77 -12.60 13.07 -39.62
C LEU F 77 -13.25 14.15 -40.46
N LEU F 78 -12.58 15.28 -40.66
CA LEU F 78 -13.12 16.31 -41.53
C LEU F 78 -12.65 16.18 -42.97
N GLY F 79 -11.72 15.27 -43.24
CA GLY F 79 -11.32 15.01 -44.61
C GLY F 79 -10.34 16.03 -45.17
N ASN F 80 -9.16 16.11 -44.57
CA ASN F 80 -8.12 17.02 -45.04
C ASN F 80 -7.67 16.61 -46.44
N PRO F 81 -7.43 17.56 -47.35
CA PRO F 81 -6.86 17.22 -48.66
C PRO F 81 -5.49 16.56 -48.59
N MET F 82 -4.70 16.84 -47.54
CA MET F 82 -3.43 16.18 -47.34
C MET F 82 -3.55 14.88 -46.54
N CYS F 83 -4.76 14.31 -46.47
CA CYS F 83 -5.00 13.04 -45.78
C CYS F 83 -5.83 12.10 -46.64
N ASP F 84 -5.71 12.21 -47.97
CA ASP F 84 -6.51 11.43 -48.89
C ASP F 84 -6.11 9.96 -48.93
N GLU F 85 -5.01 9.58 -48.27
CA GLU F 85 -4.73 8.18 -48.01
C GLU F 85 -5.84 7.54 -47.18
N PHE F 86 -6.39 8.29 -46.22
CA PHE F 86 -7.34 7.74 -45.27
C PHE F 86 -8.79 8.10 -45.61
N ILE F 87 -9.13 8.16 -46.90
CA ILE F 87 -10.52 8.38 -47.29
C ILE F 87 -11.37 7.15 -46.97
N ARG F 88 -10.90 5.97 -47.36
CA ARG F 88 -11.52 4.70 -47.02
C ARG F 88 -10.59 3.93 -46.09
N VAL F 89 -11.03 3.72 -44.86
CA VAL F 89 -10.20 3.16 -43.80
C VAL F 89 -10.82 1.84 -43.36
N PRO F 90 -10.06 0.74 -43.31
CA PRO F 90 -10.59 -0.51 -42.77
C PRO F 90 -10.67 -0.51 -41.26
N GLU F 91 -11.03 -1.65 -40.68
CA GLU F 91 -11.15 -1.75 -39.23
C GLU F 91 -9.77 -1.70 -38.58
N TRP F 92 -9.64 -0.86 -37.56
CA TRP F 92 -8.39 -0.71 -36.82
C TRP F 92 -8.53 -1.28 -35.42
N SER F 93 -7.39 -1.44 -34.77
CA SER F 93 -7.34 -1.83 -33.36
C SER F 93 -7.01 -0.67 -32.45
N TYR F 94 -6.14 0.23 -32.89
CA TYR F 94 -5.83 1.45 -32.16
C TYR F 94 -5.42 2.51 -33.18
N ILE F 95 -5.54 3.77 -32.77
CA ILE F 95 -5.22 4.91 -33.62
C ILE F 95 -3.86 5.45 -33.22
N VAL F 96 -2.98 5.67 -34.19
CA VAL F 96 -1.67 6.25 -33.96
C VAL F 96 -1.67 7.66 -34.52
N GLU F 97 -1.32 8.62 -33.68
CA GLU F 97 -1.25 10.02 -34.05
C GLU F 97 0.12 10.55 -33.62
N ARG F 98 0.64 11.50 -34.38
CA ARG F 98 1.90 12.11 -33.99
C ARG F 98 1.66 13.12 -32.87
N ALA F 99 2.75 13.45 -32.16
CA ALA F 99 2.66 14.40 -31.05
C ALA F 99 2.29 15.79 -31.54
N ASN F 100 2.86 16.23 -32.66
CA ASN F 100 2.49 17.48 -33.31
C ASN F 100 2.28 17.19 -34.79
N PRO F 101 1.10 16.71 -35.16
CA PRO F 101 0.87 16.35 -36.57
C PRO F 101 0.71 17.60 -37.43
N ALA F 102 1.33 17.55 -38.61
CA ALA F 102 1.33 18.73 -39.49
C ALA F 102 -0.03 18.94 -40.14
N ASN F 103 -0.71 17.87 -40.51
CA ASN F 103 -2.00 17.97 -41.20
C ASN F 103 -3.12 17.95 -40.17
N ASP F 104 -3.27 19.09 -39.50
CA ASP F 104 -4.39 19.38 -38.63
C ASP F 104 -5.49 20.04 -39.48
N LEU F 105 -6.41 20.77 -38.84
CA LEU F 105 -7.32 21.66 -39.54
C LEU F 105 -6.54 22.62 -40.43
N CYS F 106 -6.70 22.47 -41.75
CA CYS F 106 -5.94 23.27 -42.69
C CYS F 106 -6.41 24.73 -42.68
N TYR F 107 -7.72 24.94 -42.77
CA TYR F 107 -8.27 26.24 -42.49
C TYR F 107 -8.20 26.49 -40.99
N PRO F 108 -7.82 27.71 -40.57
CA PRO F 108 -7.75 28.00 -39.14
C PRO F 108 -9.12 27.98 -38.48
N GLY F 109 -9.12 27.64 -37.21
CA GLY F 109 -10.35 27.51 -36.46
C GLY F 109 -10.21 26.42 -35.42
N SER F 110 -11.34 25.79 -35.10
CA SER F 110 -11.35 24.76 -34.07
C SER F 110 -12.45 23.76 -34.37
N LEU F 111 -12.31 22.57 -33.79
CA LEU F 111 -13.38 21.59 -33.72
C LEU F 111 -13.88 21.58 -32.29
N ASN F 112 -15.15 21.96 -32.10
CA ASN F 112 -15.72 22.05 -30.76
C ASN F 112 -15.91 20.67 -30.16
N ASP F 113 -15.52 20.53 -28.89
CA ASP F 113 -15.45 19.26 -28.16
C ASP F 113 -14.60 18.24 -28.93
N TYR F 114 -13.41 18.68 -29.33
CA TYR F 114 -12.47 17.81 -30.03
C TYR F 114 -11.98 16.69 -29.14
N GLU F 115 -11.74 16.98 -27.86
CA GLU F 115 -11.25 15.96 -26.93
C GLU F 115 -12.35 15.00 -26.51
N GLU F 116 -13.60 15.45 -26.49
CA GLU F 116 -14.72 14.54 -26.28
C GLU F 116 -14.87 13.58 -27.46
N LEU F 117 -14.66 14.08 -28.68
CA LEU F 117 -14.68 13.25 -29.87
C LEU F 117 -13.54 12.25 -29.88
N LYS F 118 -12.36 12.68 -29.41
CA LYS F 118 -11.22 11.76 -29.30
C LYS F 118 -11.42 10.76 -28.16
N HIS F 119 -12.21 11.11 -27.15
CA HIS F 119 -12.58 10.15 -26.13
C HIS F 119 -13.56 9.12 -26.66
N MET F 120 -14.46 9.53 -27.55
CA MET F 120 -15.37 8.56 -28.16
C MET F 120 -14.66 7.67 -29.17
N LEU F 121 -13.53 8.11 -29.72
CA LEU F 121 -12.78 7.27 -30.65
C LEU F 121 -11.92 6.23 -29.96
N SER F 122 -11.83 6.26 -28.63
CA SER F 122 -11.23 5.16 -27.89
C SER F 122 -12.21 4.03 -27.66
N ARG F 123 -13.45 4.16 -28.14
CA ARG F 123 -14.44 3.10 -28.06
C ARG F 123 -14.99 2.72 -29.43
N ILE F 124 -14.33 3.13 -30.50
CA ILE F 124 -14.77 2.84 -31.87
C ILE F 124 -13.62 2.16 -32.59
N ASN F 125 -13.90 0.99 -33.19
CA ASN F 125 -12.90 0.25 -33.95
C ASN F 125 -13.07 0.34 -35.45
N HIS F 126 -14.21 0.79 -35.94
CA HIS F 126 -14.42 0.86 -37.39
C HIS F 126 -15.45 1.92 -37.72
N PHE F 127 -15.13 2.73 -38.72
CA PHE F 127 -16.07 3.65 -39.35
C PHE F 127 -16.36 3.17 -40.76
N GLU F 128 -17.60 3.34 -41.20
CA GLU F 128 -17.96 3.08 -42.59
C GLU F 128 -18.61 4.37 -43.08
N LYS F 129 -17.85 5.15 -43.84
CA LYS F 129 -18.29 6.47 -44.26
C LYS F 129 -19.39 6.38 -45.31
N ILE F 130 -20.45 7.16 -45.13
CA ILE F 130 -21.54 7.23 -46.09
C ILE F 130 -21.79 8.70 -46.44
N GLN F 131 -22.30 8.92 -47.64
CA GLN F 131 -22.66 10.25 -48.12
C GLN F 131 -24.09 10.52 -47.70
N ILE F 132 -24.27 11.21 -46.57
CA ILE F 132 -25.62 11.49 -46.09
C ILE F 132 -26.28 12.58 -46.92
N ILE F 133 -25.53 13.59 -47.34
CA ILE F 133 -26.05 14.65 -48.19
C ILE F 133 -25.13 14.78 -49.40
N PRO F 134 -25.56 14.37 -50.59
CA PRO F 134 -24.72 14.56 -51.78
C PRO F 134 -24.66 16.04 -52.18
N LYS F 135 -23.65 16.36 -52.98
CA LYS F 135 -23.47 17.73 -53.46
C LYS F 135 -24.52 18.15 -54.48
N SER F 136 -25.30 17.21 -55.01
CA SER F 136 -26.43 17.53 -55.87
C SER F 136 -27.66 17.97 -55.09
N SER F 137 -27.61 17.93 -53.76
CA SER F 137 -28.71 18.37 -52.91
C SER F 137 -28.68 19.87 -52.63
N TRP F 138 -27.72 20.60 -53.21
CA TRP F 138 -27.63 22.05 -53.10
C TRP F 138 -27.70 22.64 -54.50
N PRO F 139 -28.90 22.79 -55.07
CA PRO F 139 -29.01 23.36 -56.42
C PRO F 139 -28.87 24.87 -56.43
N ASN F 140 -29.27 25.52 -55.34
CA ASN F 140 -29.31 26.97 -55.26
C ASN F 140 -28.11 27.55 -54.53
N HIS F 141 -27.10 26.74 -54.23
CA HIS F 141 -25.88 27.22 -53.60
C HIS F 141 -24.68 26.68 -54.36
N GLU F 142 -23.59 27.44 -54.32
CA GLU F 142 -22.37 27.10 -55.04
C GLU F 142 -21.54 26.15 -54.18
N THR F 143 -21.43 24.91 -54.62
CA THR F 143 -20.65 23.89 -53.91
C THR F 143 -19.24 23.73 -54.45
N SER F 144 -18.86 24.52 -55.47
CA SER F 144 -17.56 24.37 -56.10
C SER F 144 -16.60 25.51 -55.82
N LEU F 145 -17.09 26.69 -55.43
CA LEU F 145 -16.23 27.83 -55.19
C LEU F 145 -15.68 27.88 -53.77
N GLY F 146 -16.15 27.01 -52.88
CA GLY F 146 -15.71 27.06 -51.50
C GLY F 146 -14.37 26.42 -51.27
N VAL F 147 -13.30 27.08 -51.73
CA VAL F 147 -11.94 26.59 -51.58
C VAL F 147 -11.09 27.69 -50.95
N SER F 148 -9.93 27.30 -50.43
CA SER F 148 -9.00 28.26 -49.87
C SER F 148 -7.58 27.77 -50.06
N ALA F 149 -6.63 28.70 -50.01
CA ALA F 149 -5.22 28.37 -50.14
C ALA F 149 -4.64 27.79 -48.86
N ALA F 150 -5.35 27.88 -47.73
CA ALA F 150 -4.90 27.24 -46.50
C ALA F 150 -5.06 25.74 -46.55
N CYS F 151 -5.88 25.22 -47.46
CA CYS F 151 -6.07 23.78 -47.68
C CYS F 151 -5.65 23.49 -49.11
N PRO F 152 -4.34 23.38 -49.38
CA PRO F 152 -3.91 23.15 -50.76
C PRO F 152 -3.91 21.66 -51.12
N TYR F 153 -4.27 21.39 -52.37
CA TYR F 153 -4.20 20.05 -52.93
C TYR F 153 -3.41 20.11 -54.22
N GLN F 154 -2.17 19.59 -54.18
CA GLN F 154 -1.23 19.55 -55.29
C GLN F 154 -0.94 20.95 -55.85
N GLY F 155 -0.84 21.92 -54.94
CA GLY F 155 -0.54 23.29 -55.29
C GLY F 155 -1.74 24.16 -55.58
N ALA F 156 -2.90 23.57 -55.83
CA ALA F 156 -4.13 24.29 -56.07
C ALA F 156 -4.93 24.42 -54.79
N PRO F 157 -5.67 25.52 -54.61
CA PRO F 157 -6.54 25.64 -53.43
C PRO F 157 -7.67 24.61 -53.45
N SER F 158 -8.01 24.13 -52.27
CA SER F 158 -9.03 23.10 -52.11
C SER F 158 -9.69 23.32 -50.75
N PHE F 159 -10.40 22.29 -50.27
CA PHE F 159 -11.12 22.38 -49.00
C PHE F 159 -11.20 20.98 -48.40
N PHE F 160 -11.78 20.89 -47.21
CA PHE F 160 -12.12 19.62 -46.59
C PHE F 160 -13.09 18.84 -47.49
N ARG F 161 -12.95 17.53 -47.50
CA ARG F 161 -13.76 16.70 -48.38
C ARG F 161 -15.02 16.16 -47.73
N ASN F 162 -15.02 16.01 -46.40
CA ASN F 162 -16.21 15.49 -45.73
C ASN F 162 -17.27 16.56 -45.52
N VAL F 163 -16.94 17.83 -45.69
CA VAL F 163 -17.90 18.92 -45.54
C VAL F 163 -17.81 19.83 -46.77
N VAL F 164 -18.88 20.57 -47.00
CA VAL F 164 -19.00 21.47 -48.15
C VAL F 164 -19.12 22.90 -47.65
N TRP F 165 -18.23 23.77 -48.13
CA TRP F 165 -18.37 25.21 -47.93
C TRP F 165 -19.34 25.73 -48.99
N LEU F 166 -20.48 26.22 -48.56
CA LEU F 166 -21.52 26.68 -49.46
C LEU F 166 -21.41 28.19 -49.66
N ILE F 167 -21.16 28.58 -50.90
CA ILE F 167 -21.03 29.98 -51.28
C ILE F 167 -22.36 30.36 -51.93
N LYS F 168 -22.66 31.66 -51.99
CA LYS F 168 -23.86 32.13 -52.66
C LYS F 168 -23.82 31.79 -54.15
N LYS F 169 -25.00 31.50 -54.70
CA LYS F 169 -25.15 31.21 -56.12
C LYS F 169 -26.15 32.19 -56.71
N ASN F 170 -25.81 32.70 -57.90
CA ASN F 170 -26.59 33.73 -58.62
C ASN F 170 -26.79 34.99 -57.78
N ASP F 171 -25.75 35.34 -57.02
CA ASP F 171 -25.73 36.49 -56.10
C ASP F 171 -26.89 36.43 -55.10
N ALA F 172 -27.14 35.22 -54.58
CA ALA F 172 -28.22 35.01 -53.63
C ALA F 172 -27.89 33.80 -52.76
N TYR F 173 -28.47 33.79 -51.56
CA TYR F 173 -28.31 32.68 -50.62
C TYR F 173 -29.68 32.45 -49.99
N PRO F 174 -30.45 31.52 -50.53
CA PRO F 174 -31.71 31.14 -49.88
C PRO F 174 -31.44 30.38 -48.59
N THR F 175 -32.43 30.42 -47.70
CA THR F 175 -32.31 29.78 -46.40
C THR F 175 -32.34 28.26 -46.55
N ILE F 176 -31.26 27.61 -46.13
CA ILE F 176 -31.19 26.15 -46.15
C ILE F 176 -32.14 25.59 -45.10
N LYS F 177 -33.01 24.66 -45.51
CA LYS F 177 -33.85 23.90 -44.60
C LYS F 177 -33.75 22.44 -45.05
N ILE F 178 -32.77 21.72 -44.51
CA ILE F 178 -32.51 20.35 -44.93
C ILE F 178 -32.54 19.46 -43.70
N SER F 179 -32.90 18.19 -43.90
CA SER F 179 -32.97 17.21 -42.83
C SER F 179 -32.39 15.90 -43.32
N TYR F 180 -31.93 15.08 -42.37
CA TYR F 180 -31.49 13.73 -42.68
C TYR F 180 -31.97 12.79 -41.59
N ASN F 181 -32.80 11.82 -41.95
CA ASN F 181 -33.28 10.81 -41.03
C ASN F 181 -32.32 9.63 -41.02
N ASN F 182 -31.90 9.23 -39.83
CA ASN F 182 -30.95 8.12 -39.68
C ASN F 182 -31.72 6.81 -39.83
N THR F 183 -31.80 6.32 -41.07
CA THR F 183 -32.46 5.06 -41.35
C THR F 183 -31.58 3.85 -41.08
N ASN F 184 -30.31 4.05 -40.76
CA ASN F 184 -29.41 2.96 -40.46
C ASN F 184 -29.69 2.40 -39.06
N ARG F 185 -29.06 1.27 -38.77
CA ARG F 185 -29.25 0.58 -37.50
C ARG F 185 -28.19 0.91 -36.46
N GLU F 186 -27.25 1.80 -36.77
CA GLU F 186 -26.21 2.19 -35.83
C GLU F 186 -26.08 3.70 -35.81
N ASP F 187 -25.25 4.17 -34.87
CA ASP F 187 -25.06 5.59 -34.65
C ASP F 187 -24.31 6.23 -35.82
N LEU F 188 -24.48 7.55 -35.95
CA LEU F 188 -23.94 8.29 -37.07
C LEU F 188 -23.21 9.52 -36.54
N LEU F 189 -21.94 9.66 -36.88
CA LEU F 189 -21.15 10.82 -36.50
C LEU F 189 -21.22 11.84 -37.63
N ILE F 190 -21.85 12.97 -37.37
CA ILE F 190 -22.07 14.02 -38.36
C ILE F 190 -21.27 15.23 -37.96
N LEU F 191 -20.44 15.71 -38.88
CA LEU F 191 -19.59 16.88 -38.66
C LEU F 191 -20.04 18.00 -39.58
N TRP F 192 -20.28 19.18 -39.00
CA TRP F 192 -20.58 20.38 -39.78
C TRP F 192 -19.75 21.53 -39.23
N GLY F 193 -20.00 22.75 -39.70
CA GLY F 193 -19.20 23.86 -39.21
C GLY F 193 -19.86 25.19 -39.49
N ILE F 194 -19.20 26.24 -39.00
CA ILE F 194 -19.59 27.62 -39.24
C ILE F 194 -18.34 28.40 -39.64
N HIS F 195 -18.46 29.24 -40.65
CA HIS F 195 -17.38 30.11 -41.07
C HIS F 195 -17.54 31.48 -40.43
N HIS F 196 -16.51 31.90 -39.68
CA HIS F 196 -16.45 33.23 -39.12
C HIS F 196 -15.69 34.11 -40.11
N SER F 197 -16.38 35.08 -40.71
CA SER F 197 -15.77 35.91 -41.73
C SER F 197 -14.87 36.96 -41.09
N ASN F 198 -14.23 37.76 -41.94
CA ASN F 198 -13.29 38.78 -41.50
C ASN F 198 -13.93 40.15 -41.40
N ASN F 199 -14.78 40.53 -42.35
CA ASN F 199 -15.47 41.81 -42.32
C ASN F 199 -16.82 41.66 -43.01
N ALA F 200 -17.59 42.76 -43.03
CA ALA F 200 -18.88 42.73 -43.70
C ALA F 200 -18.74 42.66 -45.22
N GLU F 201 -17.62 43.12 -45.77
CA GLU F 201 -17.37 42.98 -47.19
C GLU F 201 -17.21 41.51 -47.58
N GLU F 202 -16.50 40.73 -46.75
CA GLU F 202 -16.40 39.29 -46.98
C GLU F 202 -17.75 38.61 -46.79
N GLN F 203 -18.54 39.09 -45.83
CA GLN F 203 -19.84 38.49 -45.57
C GLN F 203 -20.80 38.70 -46.73
N THR F 204 -20.79 39.90 -47.33
CA THR F 204 -21.62 40.11 -48.51
C THR F 204 -21.02 39.47 -49.75
N ASN F 205 -19.69 39.30 -49.79
CA ASN F 205 -19.04 38.71 -50.95
C ASN F 205 -19.20 37.19 -50.99
N LEU F 206 -19.36 36.54 -49.85
CA LEU F 206 -19.47 35.09 -49.79
C LEU F 206 -20.90 34.59 -49.61
N TYR F 207 -21.73 35.31 -48.84
CA TYR F 207 -23.04 34.79 -48.47
C TYR F 207 -24.19 35.73 -48.68
N LYS F 208 -23.95 37.00 -49.04
CA LYS F 208 -24.95 38.02 -49.45
C LYS F 208 -25.85 38.47 -48.29
N ASN F 209 -25.79 37.80 -47.14
CA ASN F 209 -26.61 38.12 -45.99
C ASN F 209 -25.70 38.64 -44.89
N PRO F 210 -25.94 39.85 -44.37
CA PRO F 210 -25.01 40.39 -43.36
C PRO F 210 -25.12 39.71 -42.01
N ILE F 211 -26.33 39.36 -41.58
CA ILE F 211 -26.54 38.71 -40.30
C ILE F 211 -27.09 37.32 -40.58
N THR F 212 -26.25 36.31 -40.40
CA THR F 212 -26.63 34.92 -40.66
C THR F 212 -26.67 34.13 -39.36
N TYR F 213 -27.24 32.94 -39.45
CA TYR F 213 -27.33 32.02 -38.32
C TYR F 213 -27.11 30.61 -38.82
N ILE F 214 -26.91 29.69 -37.88
CA ILE F 214 -26.94 28.26 -38.14
C ILE F 214 -27.76 27.61 -37.04
N SER F 215 -28.83 26.90 -37.41
CA SER F 215 -29.65 26.15 -36.48
C SER F 215 -29.46 24.67 -36.77
N VAL F 216 -29.04 23.92 -35.75
CA VAL F 216 -28.92 22.47 -35.84
C VAL F 216 -29.78 21.87 -34.74
N GLY F 217 -30.66 20.94 -35.11
CA GLY F 217 -31.56 20.35 -34.15
C GLY F 217 -31.77 18.86 -34.30
N THR F 218 -31.53 18.11 -33.22
CA THR F 218 -31.77 16.68 -33.19
C THR F 218 -32.70 16.36 -32.02
N SER F 219 -32.79 15.08 -31.67
CA SER F 219 -33.52 14.67 -30.48
C SER F 219 -32.94 15.29 -29.22
N THR F 220 -31.62 15.30 -29.09
CA THR F 220 -30.96 15.82 -27.90
C THR F 220 -30.11 17.06 -28.14
N LEU F 221 -30.00 17.54 -29.37
CA LEU F 221 -29.16 18.69 -29.70
C LEU F 221 -30.04 19.87 -30.10
N ASN F 222 -29.80 21.02 -29.48
CA ASN F 222 -30.43 22.27 -29.84
C ASN F 222 -29.31 23.30 -29.96
N GLN F 223 -29.03 23.74 -31.18
CA GLN F 223 -27.90 24.61 -31.45
C GLN F 223 -28.35 25.82 -32.25
N ARG F 224 -27.88 26.99 -31.82
CA ARG F 224 -28.04 28.23 -32.58
C ARG F 224 -26.69 28.91 -32.61
N LEU F 225 -26.24 29.30 -33.80
CA LEU F 225 -24.93 29.90 -33.97
C LEU F 225 -25.07 31.20 -34.75
N ALA F 226 -23.99 31.98 -34.73
CA ALA F 226 -23.88 33.21 -35.47
C ALA F 226 -22.39 33.41 -35.71
N PRO F 227 -21.99 33.92 -36.88
CA PRO F 227 -20.56 34.15 -37.13
C PRO F 227 -20.02 35.29 -36.28
N LYS F 228 -18.78 35.14 -35.85
CA LYS F 228 -18.07 36.17 -35.10
C LYS F 228 -17.22 36.95 -36.09
N ILE F 229 -17.87 37.88 -36.77
CA ILE F 229 -17.20 38.72 -37.77
C ILE F 229 -16.32 39.72 -37.03
N ALA F 230 -15.01 39.50 -37.09
CA ALA F 230 -14.06 40.26 -36.29
C ALA F 230 -12.71 40.22 -37.01
N THR F 231 -11.74 40.89 -36.42
CA THR F 231 -10.38 40.90 -36.94
C THR F 231 -9.53 39.94 -36.11
N ARG F 232 -9.03 38.89 -36.76
CA ARG F 232 -8.04 38.01 -36.16
C ARG F 232 -6.70 38.24 -36.82
N SER F 233 -5.68 37.55 -36.31
CA SER F 233 -4.39 37.53 -36.95
C SER F 233 -4.30 36.36 -37.90
N GLN F 234 -3.35 36.44 -38.83
CA GLN F 234 -3.26 35.44 -39.89
C GLN F 234 -2.69 34.13 -39.35
N VAL F 235 -3.52 33.10 -39.33
CA VAL F 235 -3.08 31.73 -39.09
C VAL F 235 -3.23 30.97 -40.39
N ASN F 236 -2.14 30.34 -40.83
CA ASN F 236 -2.07 29.56 -42.07
C ASN F 236 -2.41 30.40 -43.31
N GLY F 237 -2.13 31.69 -43.25
CA GLY F 237 -2.37 32.59 -44.36
C GLY F 237 -3.78 33.15 -44.44
N GLN F 238 -4.70 32.70 -43.61
CA GLN F 238 -6.08 33.15 -43.65
C GLN F 238 -6.43 33.89 -42.36
N ARG F 239 -7.24 34.93 -42.53
CA ARG F 239 -7.70 35.74 -41.40
C ARG F 239 -9.05 35.30 -40.87
N GLY F 240 -9.83 34.54 -41.64
CA GLY F 240 -11.07 33.99 -41.16
C GLY F 240 -10.87 32.73 -40.35
N ARG F 241 -11.94 32.28 -39.69
CA ARG F 241 -11.91 31.10 -38.84
C ARG F 241 -13.04 30.17 -39.23
N MET F 242 -12.96 28.94 -38.72
CA MET F 242 -13.99 27.93 -38.97
C MET F 242 -14.14 27.07 -37.72
N ASP F 243 -15.26 27.23 -37.02
CA ASP F 243 -15.58 26.41 -35.86
C ASP F 243 -16.39 25.21 -36.33
N PHE F 244 -15.86 24.01 -36.10
CA PHE F 244 -16.51 22.78 -36.52
C PHE F 244 -17.17 22.09 -35.34
N PHE F 245 -18.30 21.44 -35.61
CA PHE F 245 -19.13 20.85 -34.58
C PHE F 245 -19.48 19.42 -34.98
N TRP F 246 -19.74 18.58 -33.98
CA TRP F 246 -20.10 17.20 -34.23
C TRP F 246 -21.24 16.78 -33.31
N THR F 247 -21.93 15.72 -33.72
CA THR F 247 -22.92 15.08 -32.88
C THR F 247 -23.00 13.61 -33.27
N ILE F 248 -23.62 12.82 -32.40
CA ILE F 248 -23.86 11.41 -32.64
C ILE F 248 -25.36 11.25 -32.86
N LEU F 249 -25.75 10.88 -34.08
CA LEU F 249 -27.16 10.76 -34.42
C LEU F 249 -27.63 9.33 -34.19
N LYS F 250 -28.61 9.17 -33.31
CA LYS F 250 -29.12 7.85 -32.97
C LYS F 250 -29.95 7.29 -34.13
N PRO F 251 -30.10 5.96 -34.19
CA PRO F 251 -31.02 5.38 -35.19
C PRO F 251 -32.47 5.80 -34.94
N ASP F 252 -33.21 5.91 -36.05
CA ASP F 252 -34.59 6.43 -36.10
C ASP F 252 -34.68 7.82 -35.48
N ASP F 253 -33.67 8.65 -35.76
CA ASP F 253 -33.62 10.02 -35.27
C ASP F 253 -33.10 10.90 -36.39
N ALA F 254 -33.68 12.08 -36.54
CA ALA F 254 -33.33 12.98 -37.61
C ALA F 254 -32.50 14.15 -37.08
N ILE F 255 -31.64 14.68 -37.96
CA ILE F 255 -30.91 15.91 -37.71
C ILE F 255 -31.42 16.93 -38.71
N HIS F 256 -31.62 18.16 -38.22
CA HIS F 256 -32.19 19.22 -39.04
C HIS F 256 -31.21 20.38 -39.08
N PHE F 257 -30.89 20.85 -40.28
CA PHE F 257 -29.96 21.95 -40.47
C PHE F 257 -30.72 23.15 -41.02
N GLU F 258 -30.51 24.31 -40.43
CA GLU F 258 -31.08 25.54 -40.93
C GLU F 258 -30.04 26.64 -40.89
N SER F 259 -29.85 27.32 -42.01
CA SER F 259 -28.89 28.42 -42.10
C SER F 259 -29.25 29.28 -43.29
N ASN F 260 -28.84 30.56 -43.22
CA ASN F 260 -28.92 31.47 -44.36
C ASN F 260 -27.54 32.05 -44.68
N GLY F 261 -26.48 31.37 -44.29
CA GLY F 261 -25.14 31.82 -44.53
C GLY F 261 -24.16 31.17 -43.56
N ASN F 262 -22.88 31.25 -43.93
CA ASN F 262 -21.74 30.80 -43.13
C ASN F 262 -21.80 29.31 -42.79
N PHE F 263 -22.42 28.51 -43.66
CA PHE F 263 -22.67 27.10 -43.38
C PHE F 263 -21.61 26.25 -44.06
N ILE F 264 -20.87 25.49 -43.25
CA ILE F 264 -19.96 24.47 -43.77
C ILE F 264 -20.75 23.17 -43.66
N ALA F 265 -21.52 22.87 -44.70
CA ALA F 265 -22.54 21.84 -44.71
C ALA F 265 -21.90 20.45 -44.74
N PRO F 266 -22.48 19.48 -44.03
CA PRO F 266 -21.93 18.12 -44.10
C PRO F 266 -22.29 17.43 -45.40
N GLU F 267 -21.34 16.64 -45.89
CA GLU F 267 -21.59 15.75 -47.02
C GLU F 267 -21.41 14.29 -46.66
N TYR F 268 -20.30 13.93 -46.03
CA TYR F 268 -20.03 12.57 -45.60
C TYR F 268 -20.12 12.49 -44.09
N ALA F 269 -20.90 11.55 -43.59
CA ALA F 269 -20.91 11.20 -42.18
C ALA F 269 -20.26 9.84 -42.01
N TYR F 270 -20.19 9.39 -40.76
CA TYR F 270 -19.51 8.15 -40.42
C TYR F 270 -20.46 7.26 -39.63
N LYS F 271 -20.71 6.05 -40.14
CA LYS F 271 -21.49 5.07 -39.41
C LYS F 271 -20.58 4.35 -38.42
N ILE F 272 -20.95 4.38 -37.15
CA ILE F 272 -20.20 3.68 -36.14
C ILE F 272 -20.60 2.22 -36.18
N VAL F 273 -19.85 1.42 -36.97
CA VAL F 273 -20.24 0.05 -37.24
C VAL F 273 -19.61 -0.96 -36.30
N LYS F 274 -18.61 -0.57 -35.51
CA LYS F 274 -18.05 -1.48 -34.52
C LYS F 274 -17.60 -0.69 -33.30
N LYS F 275 -17.93 -1.21 -32.12
CA LYS F 275 -17.47 -0.66 -30.85
C LYS F 275 -16.57 -1.68 -30.16
N GLY F 276 -15.64 -1.19 -29.36
CA GLY F 276 -14.77 -2.07 -28.61
C GLY F 276 -13.59 -1.30 -28.04
N ASP F 277 -12.62 -2.06 -27.54
CA ASP F 277 -11.46 -1.45 -26.91
C ASP F 277 -10.55 -0.81 -27.96
N SER F 278 -10.20 0.44 -27.73
CA SER F 278 -9.35 1.19 -28.64
C SER F 278 -8.67 2.30 -27.85
N THR F 279 -7.69 2.93 -28.48
CA THR F 279 -7.02 4.08 -27.89
C THR F 279 -6.45 4.94 -29.02
N ILE F 280 -6.12 6.17 -28.67
CA ILE F 280 -5.40 7.07 -29.57
C ILE F 280 -3.98 7.18 -29.03
N MET F 281 -3.02 6.69 -29.82
CA MET F 281 -1.63 6.59 -29.39
C MET F 281 -0.84 7.78 -29.92
N LYS F 282 -0.10 8.44 -29.03
CA LYS F 282 0.82 9.51 -29.42
C LYS F 282 2.18 8.87 -29.61
N SER F 283 2.56 8.64 -30.86
CA SER F 283 3.77 7.88 -31.15
C SER F 283 4.34 8.28 -32.51
N GLY F 284 5.64 8.56 -32.54
CA GLY F 284 6.38 8.76 -33.76
C GLY F 284 7.07 7.52 -34.28
N VAL F 285 6.79 6.37 -33.70
CA VAL F 285 7.43 5.12 -34.09
C VAL F 285 6.78 4.61 -35.38
N GLU F 286 7.60 4.10 -36.29
CA GLU F 286 7.11 3.60 -37.57
C GLU F 286 6.46 2.22 -37.41
N TYR F 287 5.68 1.85 -38.42
CA TYR F 287 5.02 0.55 -38.43
C TYR F 287 6.05 -0.55 -38.67
N GLY F 288 5.83 -1.71 -38.03
CA GLY F 288 6.82 -2.76 -38.04
C GLY F 288 6.45 -4.03 -38.77
N HIS F 289 5.21 -4.12 -39.28
CA HIS F 289 4.66 -5.28 -39.99
C HIS F 289 4.76 -6.54 -39.13
N CYS F 290 4.05 -6.51 -38.01
CA CYS F 290 4.21 -7.48 -36.94
C CYS F 290 2.91 -7.56 -36.15
N ASN F 291 2.78 -8.63 -35.36
CA ASN F 291 1.61 -8.84 -34.52
C ASN F 291 2.04 -8.98 -33.07
N THR F 292 1.16 -8.57 -32.16
CA THR F 292 1.48 -8.54 -30.74
C THR F 292 0.19 -8.66 -29.93
N LYS F 293 0.36 -8.81 -28.61
CA LYS F 293 -0.74 -8.75 -27.67
C LYS F 293 -0.72 -7.51 -26.80
N CYS F 294 0.44 -6.89 -26.61
CA CYS F 294 0.59 -5.68 -25.82
C CYS F 294 1.35 -4.64 -26.62
N GLN F 295 0.85 -3.40 -26.62
CA GLN F 295 1.43 -2.34 -27.41
C GLN F 295 1.58 -1.08 -26.57
N THR F 296 2.76 -0.45 -26.65
CA THR F 296 3.06 0.84 -26.07
C THR F 296 3.38 1.84 -27.18
N PRO F 297 3.32 3.15 -26.89
CA PRO F 297 3.73 4.13 -27.91
C PRO F 297 5.18 4.02 -28.35
N VAL F 298 6.07 3.50 -27.51
CA VAL F 298 7.47 3.37 -27.87
C VAL F 298 7.82 2.02 -28.49
N GLY F 299 6.92 1.04 -28.39
CA GLY F 299 7.18 -0.28 -28.95
C GLY F 299 6.40 -1.38 -28.27
N ALA F 300 6.05 -2.42 -29.02
CA ALA F 300 5.21 -3.48 -28.49
C ALA F 300 5.98 -4.39 -27.54
N ILE F 301 5.25 -5.06 -26.66
CA ILE F 301 5.82 -5.97 -25.67
C ILE F 301 5.32 -7.37 -25.99
N ASN F 302 6.26 -8.31 -26.18
CA ASN F 302 5.92 -9.71 -26.41
C ASN F 302 6.58 -10.52 -25.31
N SER F 303 5.90 -10.61 -24.17
CA SER F 303 6.38 -11.33 -23.00
C SER F 303 5.19 -11.64 -22.11
N SER F 304 5.41 -12.51 -21.14
CA SER F 304 4.39 -12.92 -20.19
C SER F 304 4.71 -12.47 -18.77
N MET F 305 5.56 -11.45 -18.65
CA MET F 305 5.95 -10.94 -17.34
C MET F 305 4.76 -10.31 -16.62
N PRO F 306 4.73 -10.33 -15.29
CA PRO F 306 3.68 -9.61 -14.57
C PRO F 306 3.88 -8.10 -14.54
N PHE F 307 5.07 -7.60 -14.87
CA PHE F 307 5.36 -6.18 -14.79
C PHE F 307 6.17 -5.75 -16.00
N HIS F 308 6.12 -4.44 -16.28
CA HIS F 308 6.99 -3.82 -17.26
C HIS F 308 7.21 -2.38 -16.86
N ASN F 309 8.30 -1.80 -17.38
CA ASN F 309 8.62 -0.40 -17.12
C ASN F 309 8.80 0.35 -18.43
N ILE F 310 8.02 -0.02 -19.44
CA ILE F 310 8.22 0.51 -20.79
C ILE F 310 7.53 1.86 -20.94
N HIS F 311 6.21 1.88 -20.78
CA HIS F 311 5.43 3.09 -20.96
C HIS F 311 4.17 2.99 -20.11
N PRO F 312 3.67 4.10 -19.56
CA PRO F 312 2.42 4.03 -18.78
C PRO F 312 1.20 3.68 -19.61
N LEU F 313 1.07 4.27 -20.79
CA LEU F 313 -0.09 4.05 -21.64
C LEU F 313 0.12 2.80 -22.49
N THR F 314 -0.84 1.88 -22.44
CA THR F 314 -0.75 0.61 -23.15
C THR F 314 -2.10 0.28 -23.77
N ILE F 315 -2.12 -0.75 -24.61
CA ILE F 315 -3.36 -1.34 -25.10
C ILE F 315 -3.15 -2.84 -25.25
N GLY F 316 -4.21 -3.61 -24.98
CA GLY F 316 -4.15 -5.05 -25.09
C GLY F 316 -3.87 -5.72 -23.76
N GLU F 317 -3.68 -7.04 -23.83
CA GLU F 317 -3.30 -7.84 -22.68
C GLU F 317 -1.86 -7.51 -22.34
N CYS F 318 -1.67 -6.73 -21.28
CA CYS F 318 -0.37 -6.14 -20.98
C CYS F 318 0.02 -6.44 -19.54
N PRO F 319 1.32 -6.44 -19.25
CA PRO F 319 1.77 -6.42 -17.85
C PRO F 319 1.48 -5.07 -17.21
N LYS F 320 1.66 -5.04 -15.89
CA LYS F 320 1.34 -3.85 -15.12
C LYS F 320 2.54 -2.92 -15.08
N TYR F 321 2.30 -1.63 -15.31
CA TYR F 321 3.38 -0.68 -15.42
C TYR F 321 3.82 -0.21 -14.04
N VAL F 322 5.13 -0.30 -13.78
CA VAL F 322 5.75 0.27 -12.59
C VAL F 322 6.95 1.09 -13.05
N LYS F 323 7.28 2.10 -12.24
CA LYS F 323 8.40 2.98 -12.53
C LYS F 323 9.74 2.42 -12.05
N SER F 324 9.74 1.24 -11.45
CA SER F 324 10.98 0.62 -11.01
C SER F 324 11.78 0.10 -12.19
N ASN F 325 13.11 0.19 -12.08
CA ASN F 325 14.01 -0.31 -13.10
C ASN F 325 14.54 -1.70 -12.82
N LYS F 326 14.45 -2.17 -11.58
CA LYS F 326 14.81 -3.55 -11.23
C LYS F 326 13.74 -4.10 -10.30
N LEU F 327 13.25 -5.29 -10.62
CA LEU F 327 12.22 -5.95 -9.81
C LEU F 327 12.46 -7.45 -9.96
N VAL F 328 13.22 -8.02 -9.02
CA VAL F 328 13.66 -9.40 -9.07
C VAL F 328 13.23 -10.10 -7.80
N LEU F 329 12.52 -11.22 -7.95
CA LEU F 329 12.09 -12.02 -6.81
C LEU F 329 13.09 -13.14 -6.56
N ALA F 330 13.50 -13.28 -5.31
CA ALA F 330 14.38 -14.39 -4.92
C ALA F 330 13.54 -15.64 -4.75
N THR F 331 13.85 -16.68 -5.54
CA THR F 331 13.25 -17.99 -5.35
C THR F 331 14.22 -18.96 -4.69
N GLY F 332 15.48 -18.95 -5.13
CA GLY F 332 16.51 -19.76 -4.52
C GLY F 332 17.07 -19.12 -3.26
N LEU F 333 17.95 -19.85 -2.61
CA LEU F 333 18.51 -19.45 -1.33
C LEU F 333 19.81 -18.70 -1.56
N ARG F 334 20.46 -18.31 -0.47
CA ARG F 334 21.65 -17.47 -0.55
C ARG F 334 22.84 -18.25 -1.10
N ASN F 335 23.58 -17.62 -1.99
CA ASN F 335 24.67 -18.26 -2.69
C ASN F 335 25.96 -18.15 -1.88
N SER F 336 26.62 -19.29 -1.68
CA SER F 336 27.89 -19.36 -0.97
C SER F 336 28.89 -20.09 -1.86
N PRO F 337 29.51 -19.38 -2.81
CA PRO F 337 30.49 -20.05 -3.69
C PRO F 337 31.80 -20.38 -2.99
N LEU F 338 32.14 -19.70 -1.91
CA LEU F 338 33.34 -19.99 -1.12
C LEU F 338 33.00 -19.77 0.34
N GLY F 346 21.33 -14.94 9.07
CA GLY F 346 19.91 -14.70 8.95
C GLY F 346 19.24 -14.70 10.32
N LEU F 347 17.91 -14.72 10.28
CA LEU F 347 17.16 -14.73 11.52
C LEU F 347 17.29 -16.06 12.26
N PHE F 348 17.54 -17.13 11.53
CA PHE F 348 17.59 -18.46 12.14
C PHE F 348 18.99 -19.03 12.22
N GLY F 349 19.97 -18.37 11.60
CA GLY F 349 21.36 -18.63 11.89
C GLY F 349 21.93 -19.92 11.36
N ALA F 350 21.33 -20.50 10.33
CA ALA F 350 21.85 -21.74 9.74
C ALA F 350 22.59 -21.47 8.43
N ILE F 351 21.97 -20.76 7.50
CA ILE F 351 22.63 -20.39 6.25
C ILE F 351 23.60 -19.25 6.54
N ALA F 352 24.89 -19.49 6.28
CA ALA F 352 26.02 -18.63 6.65
C ALA F 352 26.03 -18.33 8.15
N GLY F 353 25.62 -19.31 8.95
CA GLY F 353 25.63 -19.22 10.39
C GLY F 353 26.56 -20.25 10.97
N PHE F 354 26.00 -21.30 11.58
CA PHE F 354 26.86 -22.40 12.01
C PHE F 354 27.21 -23.34 10.87
N ILE F 355 26.49 -23.26 9.76
CA ILE F 355 26.88 -23.93 8.52
C ILE F 355 27.47 -22.85 7.61
N GLU F 356 28.79 -22.94 7.40
CA GLU F 356 29.53 -21.80 6.86
C GLU F 356 29.29 -21.58 5.37
N GLY F 357 28.89 -22.62 4.65
CA GLY F 357 28.73 -22.45 3.21
C GLY F 357 27.89 -23.55 2.61
N GLY F 358 27.41 -23.28 1.41
CA GLY F 358 26.60 -24.22 0.67
C GLY F 358 27.43 -25.24 -0.07
N TRP F 359 26.75 -26.29 -0.51
CA TRP F 359 27.37 -27.40 -1.22
C TRP F 359 27.08 -27.27 -2.70
N GLN F 360 28.13 -27.18 -3.51
CA GLN F 360 27.96 -27.14 -4.96
C GLN F 360 27.91 -28.52 -5.58
N GLY F 361 28.25 -29.57 -4.83
CA GLY F 361 28.09 -30.93 -5.30
C GLY F 361 26.72 -31.51 -5.09
N MET F 362 25.85 -30.79 -4.38
CA MET F 362 24.50 -31.24 -4.10
C MET F 362 23.55 -30.49 -5.03
N VAL F 363 23.22 -31.11 -6.17
CA VAL F 363 22.45 -30.46 -7.22
C VAL F 363 21.00 -30.90 -7.25
N ASP F 364 20.65 -32.01 -6.61
CA ASP F 364 19.31 -32.58 -6.69
C ASP F 364 18.38 -32.09 -5.58
N GLY F 365 18.67 -30.96 -4.98
CA GLY F 365 17.81 -30.42 -3.95
C GLY F 365 18.35 -29.10 -3.43
N TRP F 366 17.48 -28.36 -2.76
CA TRP F 366 17.86 -27.12 -2.11
C TRP F 366 18.52 -27.39 -0.76
N TYR F 367 18.05 -28.42 -0.05
CA TYR F 367 18.56 -28.78 1.25
C TYR F 367 18.87 -30.27 1.22
N GLY F 368 19.82 -30.70 2.06
CA GLY F 368 20.11 -32.11 2.08
C GLY F 368 21.21 -32.57 3.01
N TYR F 369 21.87 -33.66 2.64
CA TYR F 369 22.79 -34.34 3.52
C TYR F 369 24.06 -34.70 2.78
N HIS F 370 25.14 -34.86 3.55
CA HIS F 370 26.39 -35.43 3.04
C HIS F 370 26.80 -36.49 4.05
N HIS F 371 26.38 -37.73 3.80
CA HIS F 371 26.82 -38.83 4.64
C HIS F 371 28.26 -39.20 4.32
N SER F 372 28.94 -39.79 5.31
CA SER F 372 30.33 -40.18 5.15
C SER F 372 30.60 -41.34 6.12
N ASN F 373 30.60 -42.56 5.59
CA ASN F 373 30.86 -43.74 6.39
C ASN F 373 31.79 -44.66 5.61
N GLU F 374 31.93 -45.90 6.10
CA GLU F 374 32.90 -46.83 5.52
C GLU F 374 32.46 -47.37 4.16
N GLN F 375 31.19 -47.29 3.82
CA GLN F 375 30.71 -47.72 2.52
C GLN F 375 30.84 -46.64 1.45
N GLY F 376 31.33 -45.46 1.82
CA GLY F 376 31.49 -44.36 0.90
C GLY F 376 30.87 -43.08 1.43
N SER F 377 31.20 -41.99 0.77
CA SER F 377 30.67 -40.67 1.10
C SER F 377 30.05 -40.05 -0.13
N GLY F 378 28.95 -39.35 0.07
CA GLY F 378 28.25 -38.71 -1.04
C GLY F 378 27.15 -37.82 -0.52
N TYR F 379 26.55 -37.10 -1.46
CA TYR F 379 25.48 -36.16 -1.17
C TYR F 379 24.12 -36.78 -1.43
N ALA F 380 23.12 -36.26 -0.73
CA ALA F 380 21.73 -36.66 -0.93
C ALA F 380 20.84 -35.50 -0.54
N ALA F 381 19.72 -35.33 -1.22
CA ALA F 381 18.81 -34.24 -0.94
C ALA F 381 17.69 -34.70 -0.02
N ASP F 382 17.21 -33.77 0.80
CA ASP F 382 15.99 -33.99 1.56
C ASP F 382 14.83 -33.54 0.70
N LYS F 383 14.19 -34.49 0.02
CA LYS F 383 13.20 -34.16 -0.99
C LYS F 383 11.90 -33.64 -0.39
N GLU F 384 11.59 -34.04 0.84
CA GLU F 384 10.35 -33.58 1.49
C GLU F 384 10.42 -32.10 1.83
N SER F 385 11.52 -31.68 2.47
CA SER F 385 11.67 -30.27 2.82
C SER F 385 11.91 -29.41 1.60
N THR F 386 12.64 -29.94 0.60
CA THR F 386 12.84 -29.22 -0.65
C THR F 386 11.54 -29.03 -1.40
N GLN F 387 10.69 -30.06 -1.42
CA GLN F 387 9.39 -29.94 -2.09
C GLN F 387 8.46 -29.01 -1.33
N LYS F 388 8.50 -29.02 0.00
CA LYS F 388 7.72 -28.06 0.78
C LYS F 388 8.16 -26.63 0.53
N ALA F 389 9.48 -26.41 0.46
CA ALA F 389 10.00 -25.08 0.16
C ALA F 389 9.66 -24.62 -1.26
N ILE F 390 9.71 -25.55 -2.21
CA ILE F 390 9.41 -25.20 -3.61
C ILE F 390 7.93 -24.93 -3.77
N ASP F 391 7.07 -25.69 -3.08
CA ASP F 391 5.64 -25.41 -3.05
C ASP F 391 5.35 -24.05 -2.43
N GLY F 392 6.03 -23.72 -1.33
CA GLY F 392 5.84 -22.42 -0.70
C GLY F 392 6.31 -21.26 -1.56
N VAL F 393 7.45 -21.43 -2.23
CA VAL F 393 7.98 -20.37 -3.09
C VAL F 393 7.12 -20.19 -4.34
N THR F 394 6.64 -21.30 -4.91
CA THR F 394 5.73 -21.25 -6.06
C THR F 394 4.42 -20.58 -5.70
N ASN F 395 3.85 -20.92 -4.53
CA ASN F 395 2.61 -20.30 -4.10
C ASN F 395 2.81 -18.84 -3.73
N LYS F 396 3.99 -18.49 -3.20
CA LYS F 396 4.31 -17.09 -2.93
C LYS F 396 4.39 -16.28 -4.21
N VAL F 397 5.03 -16.82 -5.25
CA VAL F 397 5.14 -16.13 -6.53
C VAL F 397 3.76 -15.97 -7.17
N ASN F 398 2.94 -17.04 -7.13
CA ASN F 398 1.59 -16.97 -7.65
C ASN F 398 0.73 -15.96 -6.89
N SER F 399 0.91 -15.89 -5.56
CA SER F 399 0.18 -14.91 -4.77
C SER F 399 0.62 -13.50 -5.06
N ILE F 400 1.92 -13.29 -5.29
CA ILE F 400 2.45 -11.97 -5.62
C ILE F 400 1.89 -11.49 -6.96
N ILE F 401 1.81 -12.40 -7.94
CA ILE F 401 1.19 -12.06 -9.22
C ILE F 401 -0.32 -11.83 -9.05
N ASP F 402 -0.97 -12.63 -8.21
CA ASP F 402 -2.43 -12.58 -8.07
C ASP F 402 -2.91 -11.32 -7.36
N LYS F 403 -2.18 -10.87 -6.34
CA LYS F 403 -2.63 -9.70 -5.59
C LYS F 403 -2.49 -8.42 -6.39
N MET F 404 -1.55 -8.38 -7.34
CA MET F 404 -1.32 -7.18 -8.14
C MET F 404 -1.86 -7.31 -9.56
N ASN F 405 -2.86 -8.17 -9.77
CA ASN F 405 -3.57 -8.22 -11.04
C ASN F 405 -4.57 -7.08 -11.20
N THR F 406 -4.96 -6.44 -10.10
CA THR F 406 -5.92 -5.34 -10.12
C THR F 406 -5.24 -3.98 -10.06
N GLN F 407 -4.08 -3.86 -10.70
CA GLN F 407 -3.31 -2.63 -10.70
C GLN F 407 -4.00 -1.55 -11.54
N PHE F 408 -3.69 -0.30 -11.25
CA PHE F 408 -4.20 0.83 -12.01
C PHE F 408 -3.66 0.78 -13.44
N GLU F 409 -4.55 0.99 -14.41
CA GLU F 409 -4.19 1.04 -15.81
C GLU F 409 -4.48 2.45 -16.33
N ALA F 410 -3.42 3.18 -16.66
CA ALA F 410 -3.57 4.54 -17.15
C ALA F 410 -4.03 4.55 -18.61
N VAL F 411 -5.01 5.40 -18.90
CA VAL F 411 -5.52 5.57 -20.25
C VAL F 411 -5.38 7.04 -20.64
N GLY F 412 -5.43 7.28 -21.95
CA GLY F 412 -5.14 8.60 -22.47
C GLY F 412 -6.33 9.55 -22.34
N ARG F 413 -6.09 10.72 -21.77
CA ARG F 413 -7.05 11.80 -21.68
C ARG F 413 -6.41 13.05 -22.25
N GLU F 414 -7.16 13.82 -23.02
CA GLU F 414 -6.63 15.04 -23.61
C GLU F 414 -7.51 16.21 -23.23
N PHE F 415 -6.88 17.37 -23.06
CA PHE F 415 -7.54 18.57 -22.57
C PHE F 415 -7.01 19.75 -23.35
N ASN F 416 -7.82 20.82 -23.43
CA ASN F 416 -7.42 22.00 -24.19
C ASN F 416 -6.69 22.98 -23.28
N ASN F 417 -6.39 24.17 -23.80
CA ASN F 417 -5.57 25.13 -23.05
C ASN F 417 -6.35 25.89 -21.98
N LEU F 418 -7.68 25.85 -22.02
CA LEU F 418 -8.50 26.41 -20.95
C LEU F 418 -8.95 25.35 -19.96
N GLU F 419 -8.32 24.18 -19.98
CA GLU F 419 -8.69 23.07 -19.14
C GLU F 419 -7.41 22.45 -18.56
N ARG F 420 -6.42 23.31 -18.31
CA ARG F 420 -5.13 22.90 -17.78
C ARG F 420 -5.23 22.46 -16.32
N ARG F 421 -6.23 22.92 -15.58
CA ARG F 421 -6.38 22.55 -14.19
C ARG F 421 -6.89 21.13 -14.07
N ILE F 422 -7.88 20.76 -14.90
CA ILE F 422 -8.37 19.38 -14.96
C ILE F 422 -7.30 18.47 -15.57
N GLU F 423 -6.51 19.00 -16.50
CA GLU F 423 -5.38 18.25 -17.07
C GLU F 423 -4.32 17.96 -16.01
N ASN F 424 -3.98 18.94 -15.18
CA ASN F 424 -3.05 18.75 -14.09
C ASN F 424 -3.62 17.79 -13.04
N LEU F 425 -4.93 17.85 -12.82
CA LEU F 425 -5.60 16.94 -11.90
C LEU F 425 -5.49 15.50 -12.40
N ASN F 426 -5.75 15.28 -13.68
CA ASN F 426 -5.64 13.95 -14.29
C ASN F 426 -4.21 13.44 -14.28
N LYS F 427 -3.25 14.32 -14.58
CA LYS F 427 -1.85 13.96 -14.59
C LYS F 427 -1.37 13.56 -13.20
N LYS F 428 -1.76 14.34 -12.18
CA LYS F 428 -1.34 14.01 -10.82
C LYS F 428 -2.08 12.80 -10.27
N MET F 429 -3.32 12.56 -10.71
CA MET F 429 -4.04 11.36 -10.32
C MET F 429 -3.37 10.11 -10.88
N GLU F 430 -3.05 10.11 -12.18
CA GLU F 430 -2.42 8.94 -12.79
C GLU F 430 -0.99 8.76 -12.31
N ASP F 431 -0.26 9.86 -12.10
CA ASP F 431 1.10 9.78 -11.56
C ASP F 431 1.10 9.27 -10.13
N GLY F 432 0.13 9.72 -9.32
CA GLY F 432 0.03 9.23 -7.96
C GLY F 432 -0.36 7.76 -7.88
N PHE F 433 -1.23 7.32 -8.78
CA PHE F 433 -1.58 5.89 -8.80
C PHE F 433 -0.41 5.03 -9.27
N LEU F 434 0.35 5.52 -10.25
CA LEU F 434 1.55 4.80 -10.69
C LEU F 434 2.61 4.77 -9.60
N ASP F 435 2.73 5.86 -8.83
CA ASP F 435 3.68 5.89 -7.72
C ASP F 435 3.25 4.96 -6.59
N VAL F 436 1.95 4.90 -6.32
CA VAL F 436 1.42 4.00 -5.28
C VAL F 436 1.66 2.55 -5.66
N TRP F 437 1.40 2.18 -6.92
CA TRP F 437 1.58 0.80 -7.32
C TRP F 437 3.05 0.44 -7.51
N THR F 438 3.90 1.41 -7.88
CA THR F 438 5.34 1.19 -7.90
C THR F 438 5.88 0.94 -6.50
N TYR F 439 5.41 1.72 -5.52
CA TYR F 439 5.78 1.50 -4.13
C TYR F 439 5.30 0.13 -3.63
N ASN F 440 4.08 -0.25 -4.01
CA ASN F 440 3.52 -1.54 -3.60
C ASN F 440 4.33 -2.70 -4.16
N ALA F 441 4.68 -2.62 -5.46
CA ALA F 441 5.46 -3.68 -6.09
C ALA F 441 6.87 -3.77 -5.49
N GLU F 442 7.54 -2.62 -5.31
CA GLU F 442 8.89 -2.61 -4.76
C GLU F 442 8.91 -3.10 -3.32
N LEU F 443 7.95 -2.66 -2.51
CA LEU F 443 7.92 -3.07 -1.11
C LEU F 443 7.55 -4.53 -0.96
N LEU F 444 6.64 -5.04 -1.82
CA LEU F 444 6.32 -6.46 -1.78
C LEU F 444 7.50 -7.32 -2.19
N VAL F 445 8.27 -6.87 -3.20
CA VAL F 445 9.46 -7.60 -3.61
C VAL F 445 10.50 -7.61 -2.49
N LEU F 446 10.74 -6.47 -1.84
CA LEU F 446 11.73 -6.40 -0.76
C LEU F 446 11.31 -7.26 0.45
N MET F 447 10.04 -7.13 0.86
CA MET F 447 9.54 -7.86 2.02
C MET F 447 9.50 -9.36 1.76
N GLU F 448 9.05 -9.78 0.58
CA GLU F 448 9.04 -11.20 0.30
C GLU F 448 10.42 -11.76 -0.02
N ASN F 449 11.39 -10.91 -0.39
CA ASN F 449 12.76 -11.38 -0.50
C ASN F 449 13.35 -11.67 0.88
N GLU F 450 13.09 -10.79 1.85
CA GLU F 450 13.46 -11.10 3.24
C GLU F 450 12.76 -12.35 3.74
N ARG F 451 11.46 -12.48 3.47
CA ARG F 451 10.71 -13.65 3.92
C ARG F 451 11.20 -14.92 3.25
N THR F 452 11.61 -14.85 1.99
CA THR F 452 12.13 -16.03 1.30
C THR F 452 13.49 -16.45 1.84
N LEU F 453 14.40 -15.50 2.05
CA LEU F 453 15.72 -15.85 2.57
C LEU F 453 15.63 -16.37 4.00
N ASP F 454 14.78 -15.76 4.82
CA ASP F 454 14.57 -16.26 6.18
C ASP F 454 13.83 -17.59 6.17
N PHE F 455 12.99 -17.83 5.17
CA PHE F 455 12.30 -19.11 5.03
C PHE F 455 13.27 -20.23 4.68
N HIS F 456 14.24 -19.95 3.80
CA HIS F 456 15.28 -20.92 3.50
C HIS F 456 16.16 -21.18 4.70
N ASP F 457 16.51 -20.13 5.45
CA ASP F 457 17.30 -20.28 6.67
C ASP F 457 16.56 -21.10 7.72
N SER F 458 15.25 -20.88 7.84
CA SER F 458 14.44 -21.67 8.75
C SER F 458 14.32 -23.11 8.30
N ASN F 459 14.29 -23.37 6.99
CA ASN F 459 14.23 -24.74 6.50
C ASN F 459 15.52 -25.50 6.80
N VAL F 460 16.67 -24.85 6.63
CA VAL F 460 17.94 -25.49 6.98
C VAL F 460 18.04 -25.72 8.49
N LYS F 461 17.59 -24.74 9.29
CA LYS F 461 17.59 -24.87 10.74
C LYS F 461 16.64 -25.97 11.20
N ASN F 462 15.50 -26.11 10.54
CA ASN F 462 14.54 -27.15 10.90
C ASN F 462 15.02 -28.53 10.49
N LEU F 463 15.73 -28.64 9.37
CA LEU F 463 16.34 -29.93 9.00
C LEU F 463 17.42 -30.33 9.99
N TYR F 464 18.24 -29.36 10.41
CA TYR F 464 19.26 -29.63 11.43
C TYR F 464 18.62 -30.03 12.75
N ASP F 465 17.52 -29.36 13.13
CA ASP F 465 16.81 -29.70 14.36
C ASP F 465 16.16 -31.07 14.28
N LYS F 466 15.65 -31.43 13.10
CA LYS F 466 15.04 -32.74 12.90
C LYS F 466 16.05 -33.86 13.06
N VAL F 467 17.23 -33.70 12.45
CA VAL F 467 18.28 -34.70 12.60
C VAL F 467 18.82 -34.72 14.03
N ARG F 468 18.96 -33.55 14.66
CA ARG F 468 19.47 -33.45 16.02
C ARG F 468 18.54 -34.10 17.03
N LEU F 469 17.23 -33.94 16.85
CA LEU F 469 16.26 -34.57 17.73
C LEU F 469 16.01 -36.04 17.38
N GLN F 470 16.32 -36.45 16.15
CA GLN F 470 16.31 -37.87 15.84
C GLN F 470 17.44 -38.60 16.55
N LEU F 471 18.67 -38.09 16.43
CA LEU F 471 19.82 -38.84 16.91
C LEU F 471 19.98 -38.76 18.42
N ARG F 472 19.60 -37.63 19.02
CA ARG F 472 19.71 -37.33 20.46
C ARG F 472 21.18 -37.45 20.85
N ASP F 473 21.53 -38.26 21.87
CA ASP F 473 22.91 -38.40 22.31
C ASP F 473 23.62 -39.60 21.69
N ASN F 474 23.07 -40.15 20.60
CA ASN F 474 23.76 -41.16 19.83
C ASN F 474 24.72 -40.55 18.81
N ALA F 475 24.79 -39.23 18.72
CA ALA F 475 25.71 -38.55 17.82
C ALA F 475 26.17 -37.26 18.46
N LYS F 476 27.45 -36.95 18.29
CA LYS F 476 28.03 -35.73 18.81
C LYS F 476 27.98 -34.66 17.73
N GLU F 477 27.24 -33.57 17.98
CA GLU F 477 27.24 -32.47 17.03
C GLU F 477 28.54 -31.69 17.14
N LEU F 478 29.16 -31.43 15.99
CA LEU F 478 30.45 -30.78 15.94
C LEU F 478 30.37 -29.27 15.80
N GLY F 479 29.16 -28.71 15.80
CA GLY F 479 28.99 -27.27 15.74
C GLY F 479 29.14 -26.65 14.38
N ASN F 480 29.39 -27.45 13.34
CA ASN F 480 29.54 -26.94 11.98
C ASN F 480 28.44 -27.48 11.06
N GLY F 481 27.31 -27.90 11.63
CA GLY F 481 26.25 -28.51 10.86
C GLY F 481 26.36 -30.01 10.69
N CYS F 482 27.33 -30.64 11.33
CA CYS F 482 27.61 -32.06 11.14
C CYS F 482 27.43 -32.82 12.45
N PHE F 483 27.05 -34.09 12.31
CA PHE F 483 26.95 -35.02 13.43
C PHE F 483 27.86 -36.20 13.15
N GLU F 484 28.81 -36.46 14.05
CA GLU F 484 29.56 -37.70 13.98
C GLU F 484 28.90 -38.71 14.90
N PHE F 485 28.74 -39.93 14.41
CA PHE F 485 27.95 -40.92 15.13
C PHE F 485 28.78 -41.61 16.19
N TYR F 486 28.11 -42.03 17.26
CA TYR F 486 28.71 -42.86 18.29
C TYR F 486 28.52 -44.34 18.01
N HIS F 487 28.00 -44.70 16.84
CA HIS F 487 27.76 -46.08 16.48
C HIS F 487 28.06 -46.25 15.00
N LYS F 488 28.20 -47.51 14.59
CA LYS F 488 28.45 -47.84 13.19
C LYS F 488 27.17 -47.67 12.41
N CYS F 489 27.02 -46.50 11.79
CA CYS F 489 25.82 -46.13 11.04
C CYS F 489 26.12 -46.34 9.56
N ASP F 490 25.59 -47.43 9.00
CA ASP F 490 25.84 -47.79 7.61
C ASP F 490 24.83 -47.07 6.71
N ASN F 491 24.74 -47.50 5.45
CA ASN F 491 23.93 -46.78 4.47
C ASN F 491 22.44 -46.90 4.75
N GLU F 492 21.98 -48.06 5.25
CA GLU F 492 20.59 -48.20 5.67
C GLU F 492 20.30 -47.34 6.88
N CYS F 493 21.26 -47.24 7.81
CA CYS F 493 21.16 -46.32 8.94
C CYS F 493 21.10 -44.86 8.48
N MET F 494 21.92 -44.49 7.48
CA MET F 494 21.91 -43.12 6.97
C MET F 494 20.59 -42.79 6.30
N GLU F 495 20.02 -43.73 5.54
CA GLU F 495 18.73 -43.47 4.91
C GLU F 495 17.60 -43.52 5.93
N SER F 496 17.78 -44.23 7.05
CA SER F 496 16.82 -44.16 8.14
C SER F 496 16.87 -42.81 8.84
N VAL F 497 18.06 -42.20 8.90
CA VAL F 497 18.16 -40.80 9.35
C VAL F 497 17.43 -39.89 8.37
N ARG F 498 17.61 -40.13 7.06
CA ARG F 498 17.10 -39.21 6.04
C ARG F 498 15.59 -39.20 5.95
N ASN F 499 14.94 -40.37 6.09
CA ASN F 499 13.48 -40.32 6.06
C ASN F 499 12.86 -40.03 7.42
N GLY F 500 13.67 -39.85 8.47
CA GLY F 500 13.12 -39.61 9.78
C GLY F 500 12.66 -40.85 10.50
N THR F 501 13.12 -42.03 10.08
CA THR F 501 12.77 -43.30 10.69
C THR F 501 13.97 -43.88 11.42
N TYR F 502 14.81 -43.02 11.96
CA TYR F 502 15.91 -43.44 12.82
C TYR F 502 15.38 -44.04 14.10
N ASP F 503 15.98 -45.14 14.53
CA ASP F 503 15.56 -45.86 15.71
C ASP F 503 16.59 -45.66 16.81
N TYR F 504 16.18 -45.01 17.89
CA TYR F 504 17.07 -44.77 19.03
C TYR F 504 17.57 -46.05 19.72
N PRO F 505 16.72 -46.98 20.19
CA PRO F 505 17.26 -48.01 21.10
C PRO F 505 18.03 -49.13 20.42
N GLN F 506 18.08 -49.18 19.08
CA GLN F 506 18.93 -50.16 18.42
C GLN F 506 20.40 -49.82 18.53
N TYR F 507 20.74 -48.54 18.68
CA TYR F 507 22.12 -48.10 18.68
C TYR F 507 22.58 -47.46 19.97
N SER F 508 21.72 -47.35 20.98
CA SER F 508 22.03 -46.56 22.16
C SER F 508 23.09 -47.23 23.03
N GLU F 509 23.08 -48.56 23.11
CA GLU F 509 24.03 -49.26 23.97
C GLU F 509 25.45 -49.18 23.41
N GLU F 510 25.60 -49.36 22.09
CA GLU F 510 26.91 -49.22 21.49
C GLU F 510 27.35 -47.75 21.47
N ALA F 511 26.39 -46.83 21.42
CA ALA F 511 26.70 -45.40 21.51
C ALA F 511 27.28 -45.05 22.88
N ARG F 512 26.66 -45.55 23.96
CA ARG F 512 27.22 -45.28 25.28
C ARG F 512 28.51 -46.06 25.52
N LEU F 513 28.67 -47.21 24.86
CA LEU F 513 29.94 -47.94 24.94
C LEU F 513 31.07 -47.16 24.28
N LYS F 514 30.81 -46.58 23.11
CA LYS F 514 31.80 -45.73 22.46
C LYS F 514 32.04 -44.43 23.21
N ARG F 515 31.02 -43.86 23.85
CA ARG F 515 31.20 -42.67 24.66
C ARG F 515 32.09 -42.97 25.87
N GLU F 516 31.89 -44.13 26.50
CA GLU F 516 32.77 -44.55 27.59
C GLU F 516 34.19 -44.81 27.10
N GLU F 517 34.34 -45.43 25.92
CA GLU F 517 35.67 -45.77 25.44
C GLU F 517 36.44 -44.57 24.90
N ILE F 518 35.75 -43.47 24.56
CA ILE F 518 36.46 -42.24 24.18
C ILE F 518 36.44 -41.20 25.28
N SER F 519 35.81 -41.49 26.43
CA SER F 519 35.90 -40.59 27.57
C SER F 519 37.33 -40.51 28.09
N SER G 1 -25.72 -24.83 43.43
CA SER G 1 -25.20 -25.34 44.68
C SER G 1 -23.73 -25.75 44.54
N ALA G 2 -23.42 -26.94 45.07
CA ALA G 2 -22.13 -27.65 45.03
C ALA G 2 -21.05 -27.02 45.91
N LEU G 3 -21.33 -25.86 46.50
CA LEU G 3 -20.52 -25.29 47.56
C LEU G 3 -21.42 -24.92 48.73
N THR G 4 -21.02 -25.31 49.93
CA THR G 4 -21.83 -25.15 51.13
C THR G 4 -21.28 -24.01 51.96
N GLN G 5 -22.13 -23.05 52.26
CA GLN G 5 -21.82 -21.93 53.15
C GLN G 5 -22.85 -21.88 54.27
N PRO G 6 -22.46 -21.38 55.44
CA PRO G 6 -23.45 -21.03 56.45
C PRO G 6 -24.29 -19.86 55.97
N PRO G 7 -25.61 -19.91 56.14
CA PRO G 7 -26.47 -18.84 55.60
C PRO G 7 -26.32 -17.51 56.32
N ALA G 8 -25.90 -17.50 57.57
CA ALA G 8 -25.78 -16.26 58.32
C ALA G 8 -24.64 -16.35 59.32
N VAL G 9 -23.92 -15.24 59.48
CA VAL G 9 -22.91 -15.09 60.53
C VAL G 9 -23.16 -13.76 61.23
N SER G 10 -22.68 -13.66 62.47
CA SER G 10 -22.89 -12.46 63.27
C SER G 10 -21.63 -12.15 64.08
N GLY G 11 -21.51 -10.89 64.48
CA GLY G 11 -20.40 -10.47 65.30
C GLY G 11 -20.49 -8.99 65.60
N THR G 12 -19.73 -8.58 66.61
CA THR G 12 -19.57 -7.19 67.03
C THR G 12 -18.52 -6.51 66.17
N PRO G 13 -18.54 -5.18 66.09
CA PRO G 13 -17.42 -4.47 65.46
C PRO G 13 -16.12 -4.69 66.20
N GLY G 14 -15.04 -4.90 65.44
CA GLY G 14 -13.76 -5.26 65.99
C GLY G 14 -13.54 -6.75 66.19
N GLN G 15 -14.59 -7.56 66.11
CA GLN G 15 -14.47 -9.00 66.29
C GLN G 15 -14.04 -9.67 64.98
N ARG G 16 -13.18 -10.68 65.11
CA ARG G 16 -12.79 -11.49 63.98
C ARG G 16 -13.85 -12.53 63.70
N VAL G 17 -14.38 -12.53 62.48
CA VAL G 17 -15.39 -13.49 62.07
C VAL G 17 -14.84 -14.29 60.89
N THR G 18 -15.28 -15.54 60.79
CA THR G 18 -14.84 -16.44 59.73
C THR G 18 -16.04 -16.99 58.99
N ILE G 19 -15.88 -17.14 57.67
CA ILE G 19 -16.91 -17.70 56.80
C ILE G 19 -16.32 -18.91 56.11
N SER G 20 -16.98 -20.06 56.24
CA SER G 20 -16.48 -21.30 55.67
C SER G 20 -17.17 -21.60 54.35
N CYS G 21 -16.46 -22.31 53.49
CA CYS G 21 -16.99 -22.72 52.19
C CYS G 21 -16.59 -24.18 51.96
N SER G 22 -17.54 -25.09 52.16
CA SER G 22 -17.28 -26.52 52.02
C SER G 22 -17.69 -27.00 50.64
N GLY G 23 -16.75 -27.64 49.94
CA GLY G 23 -17.02 -28.14 48.61
C GLY G 23 -16.75 -29.62 48.45
N SER G 24 -16.10 -29.99 47.35
CA SER G 24 -15.80 -31.39 47.07
C SER G 24 -14.40 -31.47 46.47
N ASP G 25 -14.09 -32.64 45.90
CA ASP G 25 -12.77 -32.84 45.33
C ASP G 25 -12.59 -32.08 44.02
N SER G 26 -13.63 -32.04 43.18
CA SER G 26 -13.50 -31.52 41.82
C SER G 26 -13.58 -30.00 41.75
N ASN G 27 -14.00 -29.31 42.81
CA ASN G 27 -14.19 -27.87 42.70
C ASN G 27 -13.22 -27.07 43.55
N ILE G 28 -13.15 -27.36 44.85
CA ILE G 28 -12.23 -26.60 45.72
C ILE G 28 -10.88 -27.30 45.79
N GLY G 29 -10.87 -28.62 45.80
CA GLY G 29 -9.63 -29.35 46.04
C GLY G 29 -8.66 -29.29 44.88
N ARG G 30 -9.16 -29.01 43.68
CA ARG G 30 -8.32 -28.98 42.48
C ARG G 30 -8.37 -27.66 41.72
N ARG G 31 -9.15 -26.68 42.17
CA ARG G 31 -9.18 -25.36 41.55
C ARG G 31 -9.11 -24.29 42.63
N SER G 32 -8.81 -23.06 42.19
CA SER G 32 -8.72 -21.94 43.11
C SER G 32 -10.10 -21.37 43.42
N VAL G 33 -10.26 -20.89 44.65
CA VAL G 33 -11.54 -20.39 45.15
C VAL G 33 -11.52 -18.87 45.17
N ASN G 34 -12.54 -18.27 44.56
CA ASN G 34 -12.70 -16.84 44.54
C ASN G 34 -13.78 -16.43 45.53
N TRP G 35 -13.60 -15.29 46.17
CA TRP G 35 -14.55 -14.78 47.16
C TRP G 35 -15.15 -13.47 46.67
N TYR G 36 -16.46 -13.34 46.83
CA TYR G 36 -17.19 -12.18 46.33
C TYR G 36 -18.02 -11.56 47.44
N GLN G 37 -18.00 -10.24 47.48
CA GLN G 37 -18.76 -9.46 48.45
C GLN G 37 -19.83 -8.65 47.72
N GLN G 38 -21.09 -8.83 48.12
CA GLN G 38 -22.21 -8.17 47.46
C GLN G 38 -23.10 -7.53 48.51
N PHE G 39 -23.22 -6.21 48.42
CA PHE G 39 -24.22 -5.42 49.13
C PHE G 39 -25.59 -5.63 48.48
N PRO G 40 -26.69 -5.40 49.21
CA PRO G 40 -28.01 -5.55 48.59
C PRO G 40 -28.28 -4.51 47.52
N GLY G 41 -28.63 -4.99 46.33
CA GLY G 41 -28.96 -4.13 45.22
C GLY G 41 -27.79 -3.68 44.36
N THR G 42 -26.57 -4.12 44.68
CA THR G 42 -25.39 -3.72 43.92
C THR G 42 -24.71 -4.95 43.33
N ALA G 43 -23.76 -4.69 42.42
CA ALA G 43 -22.96 -5.72 41.79
C ALA G 43 -21.98 -6.33 42.79
N PRO G 44 -21.61 -7.60 42.61
CA PRO G 44 -20.58 -8.19 43.46
C PRO G 44 -19.21 -7.59 43.21
N LYS G 45 -18.34 -7.71 44.20
CA LYS G 45 -16.97 -7.20 44.12
C LYS G 45 -16.01 -8.36 44.36
N LEU G 46 -14.89 -8.34 43.65
CA LEU G 46 -13.87 -9.36 43.90
C LEU G 46 -13.16 -9.06 45.21
N LEU G 47 -13.11 -10.06 46.08
CA LEU G 47 -12.57 -9.90 47.42
C LEU G 47 -11.28 -10.68 47.64
N ILE G 48 -11.30 -11.98 47.40
CA ILE G 48 -10.11 -12.84 47.50
C ILE G 48 -10.10 -13.74 46.28
N TYR G 49 -8.93 -13.82 45.62
CA TYR G 49 -8.77 -14.73 44.46
C TYR G 49 -7.55 -15.61 44.73
N SER G 50 -7.32 -16.62 43.89
CA SER G 50 -6.17 -17.54 44.08
C SER G 50 -6.14 -18.05 45.52
N ASN G 51 -7.32 -18.14 46.17
CA ASN G 51 -7.42 -18.70 47.55
C ASN G 51 -6.84 -17.70 48.58
N ASP G 52 -5.67 -17.12 48.33
CA ASP G 52 -5.09 -16.24 49.34
C ASP G 52 -4.72 -14.85 48.86
N GLN G 53 -4.94 -14.52 47.59
CA GLN G 53 -4.48 -13.25 47.06
C GLN G 53 -5.58 -12.21 47.15
N ARG G 54 -5.20 -10.95 47.13
CA ARG G 54 -6.11 -9.85 47.39
C ARG G 54 -5.91 -8.74 46.37
N PRO G 55 -6.98 -8.12 45.87
CA PRO G 55 -6.82 -6.92 45.05
C PRO G 55 -6.30 -5.74 45.88
N SER G 56 -5.73 -4.76 45.18
CA SER G 56 -5.14 -3.61 45.86
C SER G 56 -6.20 -2.72 46.50
N VAL G 57 -7.41 -2.70 45.94
CA VAL G 57 -8.47 -1.87 46.50
C VAL G 57 -9.11 -2.49 47.73
N VAL G 58 -9.02 -3.80 47.89
CA VAL G 58 -9.61 -4.50 49.03
C VAL G 58 -8.70 -4.27 50.25
N PRO G 59 -9.25 -3.86 51.39
CA PRO G 59 -8.42 -3.65 52.59
C PRO G 59 -7.84 -4.95 53.12
N ASP G 60 -6.74 -4.83 53.87
CA ASP G 60 -5.95 -5.97 54.31
C ASP G 60 -6.62 -6.80 55.40
N ARG G 61 -7.75 -6.35 55.95
CA ARG G 61 -8.45 -7.11 56.98
C ARG G 61 -9.18 -8.33 56.40
N PHE G 62 -9.32 -8.43 55.09
CA PHE G 62 -9.91 -9.59 54.44
C PHE G 62 -8.80 -10.54 54.01
N SER G 63 -8.92 -11.81 54.38
CA SER G 63 -7.95 -12.83 54.02
C SER G 63 -8.65 -14.16 53.83
N GLY G 64 -8.07 -15.01 52.99
CA GLY G 64 -8.65 -16.28 52.67
C GLY G 64 -7.65 -17.41 52.78
N SER G 65 -8.17 -18.62 52.98
CA SER G 65 -7.33 -19.80 53.13
C SER G 65 -8.09 -21.00 52.60
N LYS G 66 -7.34 -22.00 52.13
CA LYS G 66 -7.90 -23.21 51.56
C LYS G 66 -7.12 -24.41 52.06
N SER G 67 -7.82 -25.41 52.58
CA SER G 67 -7.21 -26.66 53.00
C SER G 67 -8.11 -27.82 52.60
N GLY G 68 -7.65 -28.62 51.64
CA GLY G 68 -8.43 -29.77 51.20
C GLY G 68 -9.59 -29.35 50.32
N THR G 69 -10.78 -29.81 50.69
CA THR G 69 -12.00 -29.54 49.93
C THR G 69 -12.83 -28.43 50.58
N SER G 70 -12.21 -27.63 51.44
CA SER G 70 -12.89 -26.55 52.14
C SER G 70 -12.08 -25.27 52.02
N ALA G 71 -12.78 -24.15 52.16
CA ALA G 71 -12.13 -22.84 52.13
C ALA G 71 -12.68 -22.01 53.29
N SER G 72 -11.91 -20.99 53.67
CA SER G 72 -12.28 -20.12 54.78
C SER G 72 -11.91 -18.69 54.45
N LEU G 73 -12.83 -17.77 54.74
CA LEU G 73 -12.61 -16.34 54.59
C LEU G 73 -12.64 -15.69 55.96
N ALA G 74 -11.58 -14.96 56.30
CA ALA G 74 -11.42 -14.38 57.62
C ALA G 74 -11.47 -12.86 57.53
N ILE G 75 -12.31 -12.26 58.37
CA ILE G 75 -12.48 -10.80 58.45
C ILE G 75 -12.11 -10.40 59.88
N SER G 76 -10.85 -9.99 60.07
CA SER G 76 -10.39 -9.57 61.38
C SER G 76 -10.60 -8.09 61.58
N GLY G 77 -11.18 -7.72 62.72
CA GLY G 77 -11.54 -6.34 62.96
C GLY G 77 -12.72 -5.90 62.12
N LEU G 78 -13.90 -6.45 62.45
CA LEU G 78 -15.12 -6.19 61.69
C LEU G 78 -15.53 -4.73 61.82
N GLN G 79 -16.12 -4.20 60.75
CA GLN G 79 -16.61 -2.84 60.72
C GLN G 79 -18.12 -2.83 60.41
N SER G 80 -18.68 -1.62 60.37
CA SER G 80 -20.09 -1.48 60.03
C SER G 80 -20.33 -1.66 58.54
N GLU G 81 -19.33 -1.39 57.72
CA GLU G 81 -19.47 -1.48 56.27
C GLU G 81 -19.29 -2.88 55.73
N ASP G 82 -18.98 -3.87 56.58
CA ASP G 82 -18.82 -5.25 56.15
C ASP G 82 -20.12 -6.03 56.19
N GLU G 83 -21.25 -5.37 56.45
CA GLU G 83 -22.55 -6.02 56.41
C GLU G 83 -22.94 -6.26 54.95
N ALA G 84 -22.72 -7.47 54.45
CA ALA G 84 -22.96 -7.80 53.06
C ALA G 84 -23.11 -9.32 52.94
N GLU G 85 -23.51 -9.75 51.75
CA GLU G 85 -23.57 -11.18 51.42
C GLU G 85 -22.24 -11.61 50.82
N TYR G 86 -21.76 -12.77 51.24
CA TYR G 86 -20.43 -13.25 50.85
C TYR G 86 -20.57 -14.57 50.11
N TYR G 87 -19.98 -14.64 48.92
CA TYR G 87 -20.08 -15.80 48.04
C TYR G 87 -18.69 -16.37 47.79
N CYS G 88 -18.56 -17.69 47.91
CA CYS G 88 -17.37 -18.37 47.43
C CYS G 88 -17.64 -18.99 46.07
N ALA G 89 -16.64 -18.97 45.21
CA ALA G 89 -16.81 -19.47 43.86
C ALA G 89 -15.52 -20.14 43.40
N ALA G 90 -15.68 -21.25 42.69
CA ALA G 90 -14.55 -21.97 42.10
C ALA G 90 -15.05 -22.72 40.87
N TRP G 91 -14.10 -23.07 40.00
CA TRP G 91 -14.42 -23.87 38.83
C TRP G 91 -14.63 -25.33 39.23
N ASP G 92 -15.66 -25.94 38.66
CA ASP G 92 -16.00 -27.32 38.93
C ASP G 92 -15.61 -28.15 37.71
N ASP G 93 -14.72 -29.12 37.92
CA ASP G 93 -14.28 -29.98 36.82
C ASP G 93 -15.31 -31.03 36.43
N SER G 94 -16.21 -31.41 37.34
CA SER G 94 -17.23 -32.39 37.02
C SER G 94 -18.39 -31.79 36.25
N LEU G 95 -18.80 -30.57 36.62
CA LEU G 95 -19.89 -29.89 35.92
C LEU G 95 -19.41 -29.08 34.72
N LYS G 96 -18.08 -28.99 34.53
CA LYS G 96 -17.43 -28.19 33.47
C LYS G 96 -17.90 -26.73 33.51
N GLY G 97 -17.94 -26.17 34.71
CA GLY G 97 -18.43 -24.81 34.86
C GLY G 97 -18.12 -24.26 36.23
N ALA G 98 -18.47 -22.97 36.39
CA ALA G 98 -18.26 -22.29 37.66
C ALA G 98 -19.44 -22.54 38.59
N VAL G 99 -19.13 -22.80 39.86
CA VAL G 99 -20.15 -23.01 40.88
C VAL G 99 -20.00 -21.95 41.96
N PHE G 100 -21.10 -21.65 42.63
CA PHE G 100 -21.16 -20.64 43.67
C PHE G 100 -21.68 -21.26 44.95
N GLY G 101 -21.34 -20.65 46.08
CA GLY G 101 -21.92 -21.04 47.33
C GLY G 101 -23.33 -20.51 47.49
N GLY G 102 -23.97 -20.92 48.59
CA GLY G 102 -25.32 -20.47 48.86
C GLY G 102 -25.43 -19.02 49.29
N GLY G 103 -24.35 -18.43 49.78
CA GLY G 103 -24.38 -17.06 50.23
C GLY G 103 -24.38 -16.95 51.74
N THR G 104 -23.55 -16.05 52.27
CA THR G 104 -23.43 -15.86 53.71
C THR G 104 -23.71 -14.40 54.04
N GLN G 105 -24.87 -14.15 54.65
CA GLN G 105 -25.25 -12.82 55.08
C GLN G 105 -24.56 -12.52 56.40
N LEU G 106 -23.80 -11.43 56.45
CA LEU G 106 -23.09 -11.04 57.65
C LEU G 106 -23.86 -9.89 58.32
N THR G 107 -24.20 -10.09 59.58
CA THR G 107 -24.94 -9.11 60.36
C THR G 107 -24.02 -8.49 61.40
N VAL G 108 -23.92 -7.16 61.38
CA VAL G 108 -23.10 -6.43 62.34
C VAL G 108 -23.95 -6.13 63.56
N LEU G 109 -23.57 -6.72 64.70
CA LEU G 109 -24.34 -6.56 65.92
C LEU G 109 -24.08 -5.18 66.54
N GLY G 110 -25.06 -4.71 67.30
CA GLY G 110 -24.96 -3.42 67.97
C GLY G 110 -26.05 -2.45 67.55
N GLN H 1 -9.51 2.91 32.86
CA GLN H 1 -10.19 1.81 33.52
C GLN H 1 -11.27 1.23 32.60
N VAL H 2 -11.64 -0.03 32.84
CA VAL H 2 -12.67 -0.66 32.02
C VAL H 2 -13.94 -0.84 32.83
N GLN H 3 -15.03 -0.28 32.33
CA GLN H 3 -16.35 -0.45 32.93
C GLN H 3 -17.25 -1.20 31.96
N LEU H 4 -17.99 -2.17 32.49
CA LEU H 4 -18.94 -2.96 31.73
C LEU H 4 -20.33 -2.35 31.86
N VAL H 5 -20.89 -1.93 30.74
CA VAL H 5 -22.18 -1.25 30.70
C VAL H 5 -23.19 -2.17 30.04
N GLN H 6 -24.25 -2.53 30.77
CA GLN H 6 -25.26 -3.43 30.26
C GLN H 6 -26.48 -2.68 29.74
N SER H 7 -27.42 -3.44 29.19
CA SER H 7 -28.67 -2.88 28.71
C SER H 7 -29.63 -2.66 29.88
N GLY H 8 -30.76 -2.04 29.57
CA GLY H 8 -31.75 -1.74 30.58
C GLY H 8 -32.56 -2.94 30.99
N ALA H 9 -33.44 -2.72 31.97
CA ALA H 9 -34.28 -3.79 32.49
C ALA H 9 -35.33 -4.20 31.46
N GLU H 10 -35.70 -5.47 31.50
CA GLU H 10 -36.63 -6.04 30.53
C GLU H 10 -37.84 -6.64 31.24
N VAL H 11 -39.02 -6.40 30.68
CA VAL H 11 -40.26 -7.00 31.14
C VAL H 11 -40.75 -7.91 30.03
N LYS H 12 -40.91 -9.19 30.33
CA LYS H 12 -41.18 -10.20 29.32
C LYS H 12 -42.37 -11.07 29.73
N LYS H 13 -43.01 -11.65 28.73
CA LYS H 13 -44.02 -12.67 28.88
C LYS H 13 -43.40 -14.04 28.90
N PRO H 14 -44.04 -15.03 29.52
CA PRO H 14 -43.55 -16.41 29.41
C PRO H 14 -43.61 -16.92 27.98
N GLY H 15 -42.60 -17.71 27.61
CA GLY H 15 -42.49 -18.23 26.27
C GLY H 15 -41.69 -17.37 25.32
N SER H 16 -41.31 -16.16 25.72
CA SER H 16 -40.52 -15.28 24.87
C SER H 16 -39.03 -15.46 25.17
N SER H 17 -38.22 -14.57 24.62
CA SER H 17 -36.78 -14.59 24.81
C SER H 17 -36.26 -13.19 25.08
N VAL H 18 -35.14 -13.11 25.81
CA VAL H 18 -34.53 -11.84 26.18
C VAL H 18 -33.06 -11.87 25.77
N LYS H 19 -32.59 -10.75 25.21
CA LYS H 19 -31.20 -10.60 24.82
C LYS H 19 -30.59 -9.45 25.61
N VAL H 20 -29.53 -9.75 26.37
CA VAL H 20 -28.86 -8.77 27.21
C VAL H 20 -27.43 -8.59 26.70
N SER H 21 -27.02 -7.35 26.52
CA SER H 21 -25.69 -7.02 26.05
C SER H 21 -24.83 -6.51 27.21
N CYS H 22 -23.52 -6.51 26.99
CA CYS H 22 -22.55 -6.04 27.97
C CYS H 22 -21.43 -5.34 27.21
N LYS H 23 -21.55 -4.02 27.05
CA LYS H 23 -20.57 -3.23 26.32
C LYS H 23 -19.39 -2.92 27.22
N SER H 24 -18.18 -3.23 26.75
CA SER H 24 -16.96 -2.91 27.46
C SER H 24 -16.51 -1.50 27.08
N SER H 25 -16.62 -0.56 28.02
CA SER H 25 -16.30 0.83 27.79
C SER H 25 -15.00 1.19 28.49
N GLY H 26 -14.28 2.16 27.93
CA GLY H 26 -13.01 2.57 28.48
C GLY H 26 -11.85 1.66 28.13
N GLY H 27 -12.02 0.76 27.19
CA GLY H 27 -11.00 -0.20 26.82
C GLY H 27 -11.65 -1.49 26.37
N THR H 28 -10.88 -2.30 25.64
CA THR H 28 -11.38 -3.55 25.11
C THR H 28 -11.43 -4.62 26.20
N SER H 29 -12.18 -5.68 25.92
CA SER H 29 -12.27 -6.85 26.78
C SER H 29 -12.18 -8.14 25.98
N ASN H 30 -11.64 -8.06 24.77
CA ASN H 30 -11.57 -9.22 23.89
C ASN H 30 -10.52 -10.22 24.33
N ASN H 31 -9.55 -9.79 25.14
CA ASN H 31 -8.51 -10.69 25.63
C ASN H 31 -8.82 -11.24 27.02
N TYR H 32 -10.03 -10.99 27.53
CA TYR H 32 -10.48 -11.55 28.80
C TYR H 32 -11.78 -12.29 28.59
N ALA H 33 -12.07 -13.22 29.50
CA ALA H 33 -13.33 -13.95 29.47
C ALA H 33 -14.40 -13.17 30.22
N ILE H 34 -15.53 -12.96 29.56
CA ILE H 34 -16.67 -12.27 30.15
C ILE H 34 -17.74 -13.31 30.46
N SER H 35 -18.03 -13.48 31.75
CA SER H 35 -19.00 -14.45 32.22
C SER H 35 -20.35 -13.78 32.43
N TRP H 36 -21.39 -14.60 32.40
CA TRP H 36 -22.74 -14.15 32.68
C TRP H 36 -23.26 -14.86 33.92
N VAL H 37 -23.57 -14.08 34.95
CA VAL H 37 -23.95 -14.60 36.25
C VAL H 37 -25.32 -14.01 36.60
N ARG H 38 -26.28 -14.88 36.93
CA ARG H 38 -27.60 -14.42 37.32
C ARG H 38 -27.80 -14.61 38.82
N GLN H 39 -28.77 -13.86 39.36
CA GLN H 39 -29.04 -13.85 40.79
C GLN H 39 -30.55 -13.76 40.97
N ALA H 40 -31.17 -14.87 41.36
CA ALA H 40 -32.59 -14.89 41.63
C ALA H 40 -32.88 -14.09 42.90
N PRO H 41 -34.07 -13.48 42.99
CA PRO H 41 -34.43 -12.74 44.21
C PRO H 41 -34.55 -13.65 45.42
N GLY H 42 -33.74 -13.38 46.43
CA GLY H 42 -33.68 -14.22 47.61
C GLY H 42 -32.76 -15.42 47.52
N GLN H 43 -32.15 -15.65 46.37
CA GLN H 43 -31.24 -16.78 46.17
C GLN H 43 -29.83 -16.26 45.91
N GLY H 44 -28.91 -17.19 45.64
CA GLY H 44 -27.52 -16.86 45.43
C GLY H 44 -27.18 -16.67 43.95
N LEU H 45 -25.90 -16.38 43.71
CA LEU H 45 -25.42 -16.21 42.35
C LEU H 45 -25.37 -17.55 41.63
N ASP H 46 -25.62 -17.51 40.32
CA ASP H 46 -25.64 -18.71 39.51
C ASP H 46 -24.93 -18.43 38.19
N TRP H 47 -23.94 -19.25 37.85
CA TRP H 47 -23.20 -19.09 36.61
C TRP H 47 -24.02 -19.63 35.44
N MET H 48 -24.13 -18.84 34.38
CA MET H 48 -24.81 -19.27 33.18
C MET H 48 -23.86 -19.71 32.08
N GLY H 49 -22.74 -19.04 31.93
CA GLY H 49 -21.80 -19.33 30.89
C GLY H 49 -20.93 -18.12 30.64
N GLY H 50 -20.18 -18.19 29.54
CA GLY H 50 -19.34 -17.05 29.18
C GLY H 50 -18.79 -17.25 27.78
N ILE H 51 -18.09 -16.22 27.31
CA ILE H 51 -17.40 -16.29 26.03
C ILE H 51 -16.02 -15.67 26.19
N SER H 52 -15.03 -16.35 25.64
CA SER H 52 -13.67 -15.82 25.52
C SER H 52 -13.42 -15.63 24.03
N PRO H 53 -13.62 -14.42 23.50
CA PRO H 53 -13.79 -14.26 22.06
C PRO H 53 -12.55 -14.43 21.20
N ILE H 54 -11.43 -13.81 21.58
CA ILE H 54 -10.19 -13.99 20.82
C ILE H 54 -9.63 -15.38 21.05
N PHE H 55 -9.72 -15.87 22.29
CA PHE H 55 -9.32 -17.24 22.61
C PHE H 55 -10.22 -18.27 21.92
N GLY H 56 -11.46 -17.89 21.63
CA GLY H 56 -12.36 -18.74 20.89
C GLY H 56 -13.16 -19.72 21.70
N SER H 57 -13.28 -19.51 23.01
CA SER H 57 -14.02 -20.41 23.88
C SER H 57 -15.36 -19.80 24.22
N THR H 58 -16.42 -20.60 24.06
CA THR H 58 -17.76 -20.24 24.51
C THR H 58 -18.26 -21.36 25.39
N ALA H 59 -18.36 -21.10 26.68
CA ALA H 59 -18.75 -22.11 27.66
C ALA H 59 -20.17 -21.81 28.14
N TYR H 60 -20.86 -22.87 28.55
CA TYR H 60 -22.22 -22.77 29.06
C TYR H 60 -22.35 -23.66 30.29
N ALA H 61 -23.28 -23.31 31.17
CA ALA H 61 -23.59 -24.17 32.29
C ALA H 61 -24.39 -25.38 31.82
N GLN H 62 -24.27 -26.50 32.55
CA GLN H 62 -24.99 -27.71 32.18
C GLN H 62 -26.48 -27.58 32.45
N LYS H 63 -26.86 -26.76 33.43
CA LYS H 63 -28.27 -26.51 33.68
C LYS H 63 -28.83 -25.42 32.77
N PHE H 64 -27.97 -24.71 32.03
CA PHE H 64 -28.41 -23.74 31.04
C PHE H 64 -28.07 -24.15 29.62
N GLN H 65 -27.54 -25.36 29.41
CA GLN H 65 -27.09 -25.80 28.10
C GLN H 65 -28.28 -26.02 27.17
N GLY H 66 -28.21 -25.46 25.96
CA GLY H 66 -29.25 -25.56 24.98
C GLY H 66 -30.33 -24.50 25.09
N ARG H 67 -30.33 -23.73 26.18
CA ARG H 67 -31.34 -22.71 26.40
C ARG H 67 -30.81 -21.29 26.34
N VAL H 68 -29.53 -21.08 26.67
CA VAL H 68 -28.90 -19.77 26.62
C VAL H 68 -27.92 -19.74 25.45
N THR H 69 -27.85 -18.60 24.78
CA THR H 69 -26.91 -18.36 23.70
C THR H 69 -26.07 -17.14 24.06
N ILE H 70 -24.76 -17.34 24.15
CA ILE H 70 -23.82 -16.28 24.52
C ILE H 70 -22.88 -16.06 23.36
N SER H 71 -22.83 -14.82 22.86
CA SER H 71 -21.96 -14.48 21.74
C SER H 71 -21.22 -13.21 22.09
N ALA H 72 -20.17 -12.93 21.33
CA ALA H 72 -19.37 -11.73 21.56
C ALA H 72 -19.14 -11.01 20.24
N ASP H 73 -19.02 -9.70 20.33
CA ASP H 73 -18.66 -8.84 19.21
C ASP H 73 -17.33 -8.20 19.57
N ILE H 74 -16.28 -8.49 18.79
CA ILE H 74 -14.97 -7.96 19.13
C ILE H 74 -14.71 -6.61 18.48
N PHE H 75 -15.61 -6.16 17.62
CA PHE H 75 -15.41 -4.87 16.97
C PHE H 75 -16.13 -3.75 17.71
N SER H 76 -17.23 -4.08 18.40
CA SER H 76 -17.92 -3.14 19.28
C SER H 76 -17.62 -3.39 20.74
N ASN H 77 -16.76 -4.39 21.05
CA ASN H 77 -16.37 -4.78 22.40
C ASN H 77 -17.58 -5.14 23.27
N THR H 78 -18.55 -5.81 22.67
CA THR H 78 -19.81 -6.12 23.34
C THR H 78 -20.00 -7.63 23.41
N ALA H 79 -20.33 -8.11 24.61
CA ALA H 79 -20.70 -9.50 24.82
C ALA H 79 -22.20 -9.59 25.04
N TYR H 80 -22.82 -10.58 24.38
CA TYR H 80 -24.26 -10.71 24.38
C TYR H 80 -24.66 -12.01 25.07
N MET H 81 -25.87 -12.02 25.62
CA MET H 81 -26.45 -13.19 26.24
C MET H 81 -27.92 -13.25 25.86
N GLU H 82 -28.31 -14.30 25.14
CA GLU H 82 -29.68 -14.50 24.72
C GLU H 82 -30.22 -15.73 25.43
N LEU H 83 -31.30 -15.56 26.19
CA LEU H 83 -31.94 -16.64 26.91
C LEU H 83 -33.33 -16.88 26.33
N ASN H 84 -33.59 -18.10 25.89
CA ASN H 84 -34.85 -18.46 25.26
C ASN H 84 -35.74 -19.23 26.24
N SER H 85 -37.02 -19.34 25.88
CA SER H 85 -38.05 -20.10 26.61
C SER H 85 -38.18 -19.63 28.05
N LEU H 86 -38.50 -18.35 28.22
CA LEU H 86 -38.58 -17.75 29.55
C LEU H 86 -39.79 -18.27 30.31
N THR H 87 -39.55 -18.65 31.57
CA THR H 87 -40.60 -19.00 32.52
C THR H 87 -40.46 -18.10 33.73
N SER H 88 -41.29 -18.34 34.75
CA SER H 88 -41.22 -17.56 35.97
C SER H 88 -39.98 -17.86 36.79
N GLU H 89 -39.34 -19.02 36.57
CA GLU H 89 -38.10 -19.34 37.25
C GLU H 89 -36.91 -18.55 36.71
N ASP H 90 -37.04 -17.94 35.53
CA ASP H 90 -35.99 -17.14 34.94
C ASP H 90 -36.00 -15.69 35.40
N THR H 91 -36.83 -15.34 36.36
CA THR H 91 -36.79 -14.00 36.93
C THR H 91 -35.60 -13.88 37.85
N ALA H 92 -34.65 -13.03 37.47
CA ALA H 92 -33.39 -12.87 38.21
C ALA H 92 -32.77 -11.55 37.80
N VAL H 93 -31.67 -11.22 38.47
CA VAL H 93 -30.83 -10.07 38.11
C VAL H 93 -29.57 -10.59 37.44
N TYR H 94 -29.35 -10.16 36.20
CA TYR H 94 -28.34 -10.77 35.33
C TYR H 94 -27.13 -9.86 35.25
N PHE H 95 -25.96 -10.39 35.60
CA PHE H 95 -24.71 -9.65 35.63
C PHE H 95 -23.76 -10.18 34.57
N CYS H 96 -23.09 -9.27 33.88
CA CYS H 96 -21.92 -9.62 33.10
C CYS H 96 -20.68 -9.31 33.92
N ALA H 97 -19.70 -10.21 33.85
CA ALA H 97 -18.54 -10.09 34.72
C ALA H 97 -17.28 -10.52 33.96
N ARG H 98 -16.30 -9.64 33.94
CA ARG H 98 -15.04 -9.87 33.23
C ARG H 98 -14.06 -10.55 34.17
N HIS H 99 -13.43 -11.63 33.68
CA HIS H 99 -12.48 -12.38 34.48
C HIS H 99 -11.13 -11.69 34.50
N GLY H 100 -10.21 -12.25 35.29
CA GLY H 100 -8.87 -11.70 35.40
C GLY H 100 -7.94 -12.09 34.26
N ASN H 101 -8.30 -13.08 33.47
CA ASN H 101 -7.50 -13.48 32.32
C ASN H 101 -8.44 -13.97 31.23
N TYR H 102 -7.89 -14.69 30.26
CA TYR H 102 -8.62 -15.17 29.09
C TYR H 102 -9.63 -16.26 29.41
N TYR H 103 -9.44 -16.93 30.55
CA TYR H 103 -10.32 -18.09 30.88
C TYR H 103 -11.28 -17.74 32.01
N TYR H 104 -11.87 -18.75 32.65
CA TYR H 104 -12.89 -18.48 33.68
C TYR H 104 -12.43 -19.00 35.04
N TYR H 105 -11.17 -19.46 35.18
CA TYR H 105 -10.70 -19.86 36.50
C TYR H 105 -10.46 -18.66 37.39
N SER H 106 -10.06 -17.54 36.81
CA SER H 106 -9.67 -16.37 37.59
C SER H 106 -10.90 -15.68 38.17
N GLY H 107 -10.65 -14.81 39.15
CA GLY H 107 -11.72 -14.07 39.77
C GLY H 107 -12.30 -13.00 38.88
N MET H 108 -13.61 -12.80 38.97
CA MET H 108 -14.31 -11.79 38.20
C MET H 108 -14.15 -10.45 38.91
N ASP H 109 -13.23 -9.62 38.42
CA ASP H 109 -12.87 -8.37 39.06
C ASP H 109 -13.61 -7.16 38.53
N VAL H 110 -14.16 -7.23 37.32
CA VAL H 110 -14.97 -6.16 36.74
C VAL H 110 -16.36 -6.71 36.53
N TRP H 111 -17.37 -6.01 37.04
CA TRP H 111 -18.75 -6.43 36.94
C TRP H 111 -19.59 -5.32 36.32
N GLY H 112 -20.66 -5.73 35.64
CA GLY H 112 -21.64 -4.79 35.15
C GLY H 112 -22.60 -4.40 36.26
N GLN H 113 -23.45 -3.41 35.94
CA GLN H 113 -24.40 -2.91 36.93
C GLN H 113 -25.59 -3.85 37.13
N GLY H 114 -25.78 -4.82 36.26
CA GLY H 114 -26.88 -5.75 36.40
C GLY H 114 -28.05 -5.40 35.50
N THR H 115 -28.84 -6.42 35.16
CA THR H 115 -30.04 -6.27 34.35
C THR H 115 -31.14 -7.12 34.95
N THR H 116 -32.21 -6.48 35.40
CA THR H 116 -33.31 -7.19 36.02
C THR H 116 -34.30 -7.64 34.96
N VAL H 117 -34.54 -8.96 34.91
CA VAL H 117 -35.51 -9.55 33.99
C VAL H 117 -36.67 -10.09 34.81
N THR H 118 -37.87 -9.62 34.53
CA THR H 118 -39.08 -10.06 35.21
C THR H 118 -40.00 -10.71 34.19
N VAL H 119 -40.40 -11.95 34.47
CA VAL H 119 -41.28 -12.71 33.58
C VAL H 119 -42.63 -12.84 34.26
N SER H 120 -43.68 -12.39 33.58
CA SER H 120 -45.03 -12.44 34.12
C SER H 120 -46.06 -12.50 33.00
N VAL I 14 36.11 -22.26 45.36
CA VAL I 14 36.76 -21.84 44.13
C VAL I 14 35.71 -21.50 43.08
N LYS I 15 35.78 -20.29 42.55
CA LYS I 15 34.82 -19.82 41.55
C LYS I 15 35.33 -20.18 40.15
N SER I 16 34.66 -21.10 39.49
CA SER I 16 35.02 -21.45 38.12
C SER I 16 34.57 -20.35 37.16
N ASP I 17 35.16 -20.36 35.97
CA ASP I 17 34.99 -19.27 35.03
C ASP I 17 33.62 -19.32 34.35
N GLN I 18 33.06 -18.14 34.10
CA GLN I 18 31.76 -18.01 33.44
C GLN I 18 31.87 -16.98 32.32
N ILE I 19 31.11 -17.21 31.26
CA ILE I 19 30.84 -16.18 30.27
C ILE I 19 29.33 -16.17 30.03
N CYS I 20 28.78 -14.97 29.82
CA CYS I 20 27.36 -14.79 29.61
C CYS I 20 27.14 -13.98 28.35
N ILE I 21 26.09 -14.30 27.61
CA ILE I 21 25.68 -13.52 26.44
C ILE I 21 24.49 -12.68 26.85
N GLY I 22 24.62 -11.38 26.68
CA GLY I 22 23.56 -10.45 27.04
C GLY I 22 23.43 -9.40 25.98
N TYR I 23 22.83 -8.27 26.34
CA TYR I 23 22.54 -7.23 25.36
C TYR I 23 22.45 -5.89 26.05
N HIS I 24 22.51 -4.84 25.23
CA HIS I 24 22.64 -3.48 25.71
C HIS I 24 21.32 -2.95 26.26
N ALA I 25 21.39 -2.28 27.40
CA ALA I 25 20.25 -1.57 27.97
C ALA I 25 20.73 -0.20 28.44
N ASN I 26 19.80 0.75 28.50
CA ASN I 26 20.11 2.10 28.98
C ASN I 26 18.92 2.60 29.79
N ASN I 27 18.91 3.90 30.05
CA ASN I 27 17.85 4.56 30.79
C ASN I 27 16.86 5.28 29.88
N SER I 28 16.75 4.84 28.64
CA SER I 28 15.89 5.50 27.66
C SER I 28 14.42 5.21 27.91
N THR I 29 13.59 6.21 27.68
CA THR I 29 12.14 6.08 27.76
C THR I 29 11.48 6.25 26.40
N GLU I 30 12.24 6.11 25.31
CA GLU I 30 11.69 6.22 23.97
C GLU I 30 10.81 5.02 23.66
N GLN I 31 9.62 5.28 23.13
CA GLN I 31 8.63 4.25 22.90
C GLN I 31 8.27 4.18 21.42
N VAL I 32 8.22 2.96 20.89
CA VAL I 32 7.78 2.71 19.52
C VAL I 32 6.55 1.81 19.57
N ASP I 33 5.81 1.82 18.48
CA ASP I 33 4.60 1.02 18.35
C ASP I 33 4.80 -0.07 17.31
N THR I 34 4.32 -1.26 17.62
CA THR I 34 4.27 -2.39 16.71
C THR I 34 2.82 -2.78 16.48
N ILE I 35 2.59 -3.78 15.63
CA ILE I 35 1.23 -4.25 15.38
C ILE I 35 0.70 -5.00 16.59
N MET I 36 1.51 -5.90 17.14
CA MET I 36 1.09 -6.73 18.26
C MET I 36 1.28 -6.07 19.62
N GLU I 37 2.02 -4.97 19.70
CA GLU I 37 2.27 -4.32 20.97
C GLU I 37 2.42 -2.83 20.76
N LYS I 38 1.79 -2.05 21.63
CA LYS I 38 1.88 -0.60 21.60
C LYS I 38 2.70 -0.12 22.78
N ASN I 39 3.38 1.03 22.56
CA ASN I 39 4.23 1.70 23.54
C ASN I 39 5.34 0.79 24.05
N VAL I 40 6.15 0.30 23.11
CA VAL I 40 7.26 -0.58 23.41
C VAL I 40 8.49 0.28 23.68
N THR I 41 9.00 0.23 24.90
CA THR I 41 10.18 1.02 25.27
C THR I 41 11.42 0.38 24.67
N VAL I 42 12.13 1.12 23.84
CA VAL I 42 13.32 0.64 23.16
C VAL I 42 14.53 1.43 23.65
N THR I 43 15.71 0.85 23.43
CA THR I 43 16.95 1.50 23.85
C THR I 43 17.23 2.74 23.01
N HIS I 44 17.08 2.61 21.69
CA HIS I 44 17.26 3.75 20.79
C HIS I 44 16.15 3.75 19.77
N ALA I 45 15.64 4.94 19.49
CA ALA I 45 14.54 5.10 18.55
C ALA I 45 14.84 6.29 17.66
N GLN I 46 14.11 6.39 16.56
CA GLN I 46 14.34 7.40 15.56
C GLN I 46 13.02 8.02 15.14
N ASP I 47 12.81 9.29 15.47
CA ASP I 47 11.67 10.02 14.98
C ASP I 47 11.89 10.37 13.52
N ILE I 48 11.01 9.92 12.64
CA ILE I 48 11.10 10.22 11.22
C ILE I 48 10.04 11.23 10.79
N LEU I 49 9.32 11.81 11.75
CA LEU I 49 8.24 12.74 11.46
C LEU I 49 8.55 14.09 12.08
N GLU I 50 8.48 15.15 11.27
CA GLU I 50 8.65 16.50 11.76
C GLU I 50 7.31 17.07 12.19
N LYS I 51 7.22 17.47 13.45
CA LYS I 51 5.96 17.97 13.99
C LYS I 51 6.02 19.46 14.34
N THR I 52 7.13 20.14 14.07
CA THR I 52 7.32 21.50 14.51
C THR I 52 7.45 22.45 13.33
N HIS I 53 6.99 23.68 13.55
CA HIS I 53 7.22 24.80 12.65
C HIS I 53 7.18 26.06 13.51
N ASN I 54 7.85 27.11 13.05
CA ASN I 54 7.91 28.34 13.82
C ASN I 54 6.81 29.33 13.45
N GLY I 55 5.90 28.95 12.55
CA GLY I 55 4.70 29.73 12.27
C GLY I 55 4.92 31.08 11.63
N LYS I 56 5.77 31.15 10.62
CA LYS I 56 5.99 32.39 9.88
C LYS I 56 6.21 32.05 8.41
N LEU I 57 5.97 33.03 7.55
CA LEU I 57 6.28 32.91 6.13
C LEU I 57 7.71 33.38 5.90
N CYS I 58 8.50 32.57 5.23
CA CYS I 58 9.90 32.86 4.97
C CYS I 58 10.14 33.05 3.49
N ASP I 59 11.38 33.39 3.15
CA ASP I 59 11.82 33.39 1.77
C ASP I 59 12.14 31.97 1.32
N LEU I 60 11.73 31.63 0.11
CA LEU I 60 12.01 30.32 -0.46
C LEU I 60 13.33 30.42 -1.22
N ASN I 61 14.40 29.90 -0.59
CA ASN I 61 15.78 29.93 -1.10
C ASN I 61 16.24 31.34 -1.41
N GLY I 62 15.91 32.28 -0.52
CA GLY I 62 16.38 33.64 -0.64
C GLY I 62 15.56 34.56 -1.51
N VAL I 63 14.39 34.13 -1.96
CA VAL I 63 13.50 34.95 -2.79
C VAL I 63 12.28 35.33 -1.95
N LYS I 64 12.03 36.63 -1.85
CA LYS I 64 10.90 37.12 -1.07
C LYS I 64 9.59 36.74 -1.76
N PRO I 65 8.60 36.23 -1.02
CA PRO I 65 7.33 35.89 -1.65
C PRO I 65 6.49 37.13 -1.94
N LEU I 66 5.50 36.95 -2.81
CA LEU I 66 4.52 38.00 -3.08
C LEU I 66 3.38 37.81 -2.09
N ILE I 67 3.36 38.66 -1.05
CA ILE I 67 2.32 38.62 -0.04
C ILE I 67 1.35 39.74 -0.39
N LEU I 68 0.14 39.36 -0.80
CA LEU I 68 -0.82 40.33 -1.32
C LEU I 68 -1.61 41.03 -0.22
N LYS I 69 -1.43 40.62 1.04
CA LYS I 69 -2.12 41.17 2.23
C LYS I 69 -3.62 40.99 2.03
N ASP I 70 -4.42 42.05 2.02
CA ASP I 70 -5.86 41.92 1.87
C ASP I 70 -6.31 41.97 0.41
N CYS I 71 -5.37 42.02 -0.53
CA CYS I 71 -5.71 42.01 -1.94
C CYS I 71 -5.87 40.59 -2.45
N SER I 72 -6.50 40.48 -3.61
CA SER I 72 -6.68 39.21 -4.30
C SER I 72 -5.82 39.18 -5.55
N VAL I 73 -5.84 38.04 -6.23
CA VAL I 73 -5.15 37.91 -7.51
C VAL I 73 -5.80 38.78 -8.57
N ALA I 74 -7.14 38.85 -8.58
CA ALA I 74 -7.84 39.68 -9.56
C ALA I 74 -7.63 41.16 -9.28
N GLY I 75 -7.60 41.56 -8.00
CA GLY I 75 -7.35 42.95 -7.67
C GLY I 75 -5.92 43.37 -7.98
N TRP I 76 -4.96 42.48 -7.76
CA TRP I 76 -3.57 42.75 -8.12
C TRP I 76 -3.37 42.83 -9.63
N LEU I 77 -3.91 41.85 -10.37
CA LEU I 77 -3.67 41.79 -11.80
C LEU I 77 -4.50 42.80 -12.57
N LEU I 78 -5.61 43.28 -12.00
CA LEU I 78 -6.38 44.33 -12.64
C LEU I 78 -6.03 45.71 -12.11
N GLY I 79 -5.22 45.81 -11.07
CA GLY I 79 -4.81 47.09 -10.56
C GLY I 79 -5.86 47.77 -9.72
N ASN I 80 -6.24 47.13 -8.62
CA ASN I 80 -7.18 47.71 -7.67
C ASN I 80 -6.58 48.97 -7.06
N PRO I 81 -7.37 50.05 -6.91
CA PRO I 81 -6.86 51.25 -6.22
C PRO I 81 -6.43 51.02 -4.78
N MET I 82 -6.98 50.01 -4.10
CA MET I 82 -6.56 49.64 -2.77
C MET I 82 -5.42 48.61 -2.78
N CYS I 83 -4.76 48.42 -3.93
CA CYS I 83 -3.63 47.50 -4.06
C CYS I 83 -2.45 48.17 -4.74
N ASP I 84 -2.30 49.48 -4.56
CA ASP I 84 -1.24 50.24 -5.22
C ASP I 84 0.15 49.94 -4.66
N GLU I 85 0.22 49.19 -3.56
CA GLU I 85 1.49 48.61 -3.11
C GLU I 85 2.08 47.67 -4.14
N PHE I 86 1.23 46.99 -4.91
CA PHE I 86 1.68 45.98 -5.87
C PHE I 86 1.62 46.47 -7.31
N ILE I 87 1.84 47.76 -7.54
CA ILE I 87 1.93 48.28 -8.91
C ILE I 87 3.21 47.78 -9.57
N ARG I 88 4.33 47.90 -8.88
CA ARG I 88 5.62 47.37 -9.33
C ARG I 88 6.04 46.26 -8.39
N VAL I 89 6.07 45.03 -8.89
CA VAL I 89 6.28 43.84 -8.07
C VAL I 89 7.59 43.19 -8.53
N PRO I 90 8.54 42.91 -7.63
CA PRO I 90 9.74 42.19 -8.03
C PRO I 90 9.51 40.70 -8.21
N GLU I 91 10.58 39.95 -8.45
CA GLU I 91 10.46 38.52 -8.63
C GLU I 91 10.12 37.84 -7.30
N TRP I 92 9.10 36.98 -7.32
CA TRP I 92 8.67 36.26 -6.14
C TRP I 92 8.97 34.78 -6.30
N SER I 93 8.81 34.05 -5.20
CA SER I 93 8.91 32.59 -5.19
C SER I 93 7.57 31.92 -5.06
N TYR I 94 6.67 32.49 -4.26
CA TYR I 94 5.30 32.01 -4.15
C TYR I 94 4.40 33.19 -3.83
N ILE I 95 3.12 33.03 -4.11
CA ILE I 95 2.12 34.08 -3.89
C ILE I 95 1.33 33.74 -2.64
N VAL I 96 1.20 34.71 -1.74
CA VAL I 96 0.41 34.55 -0.53
C VAL I 96 -0.87 35.37 -0.67
N GLU I 97 -2.00 34.71 -0.47
CA GLU I 97 -3.31 35.34 -0.55
C GLU I 97 -4.08 34.98 0.72
N ARG I 98 -4.94 35.90 1.15
CA ARG I 98 -5.77 35.59 2.29
C ARG I 98 -6.92 34.67 1.89
N ALA I 99 -7.53 34.04 2.89
CA ALA I 99 -8.64 33.12 2.62
C ALA I 99 -9.86 33.86 2.11
N ASN I 100 -10.15 35.03 2.67
CA ASN I 100 -11.20 35.92 2.16
C ASN I 100 -10.61 37.32 2.06
N PRO I 101 -9.91 37.62 0.97
CA PRO I 101 -9.29 38.94 0.82
C PRO I 101 -10.33 40.03 0.59
N ALA I 102 -10.13 41.16 1.25
CA ALA I 102 -11.10 42.24 1.16
C ALA I 102 -11.02 42.97 -0.17
N ASN I 103 -9.81 43.17 -0.69
CA ASN I 103 -9.63 43.92 -1.93
C ASN I 103 -9.65 42.94 -3.10
N ASP I 104 -10.85 42.51 -3.44
CA ASP I 104 -11.15 41.74 -4.64
C ASP I 104 -11.48 42.72 -5.76
N LEU I 105 -12.18 42.26 -6.80
CA LEU I 105 -12.80 43.15 -7.78
C LEU I 105 -13.66 44.19 -7.08
N CYS I 106 -13.24 45.45 -7.14
CA CYS I 106 -13.94 46.53 -6.43
C CYS I 106 -15.29 46.81 -7.08
N TYR I 107 -15.30 46.98 -8.40
CA TYR I 107 -16.56 46.97 -9.12
C TYR I 107 -17.08 45.54 -9.17
N PRO I 108 -18.40 45.35 -8.97
CA PRO I 108 -18.95 44.00 -9.02
C PRO I 108 -18.87 43.40 -10.42
N GLY I 109 -18.78 42.09 -10.47
CA GLY I 109 -18.61 41.38 -11.70
C GLY I 109 -17.77 40.14 -11.48
N SER I 110 -17.05 39.74 -12.52
CA SER I 110 -16.23 38.53 -12.45
C SER I 110 -15.07 38.64 -13.41
N LEU I 111 -14.03 37.85 -13.14
CA LEU I 111 -12.95 37.62 -14.09
C LEU I 111 -13.16 36.22 -14.66
N ASN I 112 -13.40 36.15 -15.97
CA ASN I 112 -13.66 34.88 -16.62
C ASN I 112 -12.39 34.04 -16.67
N ASP I 113 -12.54 32.75 -16.34
CA ASP I 113 -11.44 31.80 -16.16
C ASP I 113 -10.43 32.33 -15.14
N TYR I 114 -10.95 32.76 -13.99
CA TYR I 114 -10.11 33.25 -12.90
C TYR I 114 -9.26 32.14 -12.32
N GLU I 115 -9.82 30.94 -12.20
CA GLU I 115 -9.08 29.82 -11.64
C GLU I 115 -8.08 29.25 -12.64
N GLU I 116 -8.36 29.36 -13.93
CA GLU I 116 -7.35 29.05 -14.95
C GLU I 116 -6.18 30.02 -14.89
N LEU I 117 -6.47 31.30 -14.66
CA LEU I 117 -5.41 32.30 -14.51
C LEU I 117 -4.60 32.06 -13.25
N LYS I 118 -5.26 31.63 -12.17
CA LYS I 118 -4.54 31.30 -10.95
C LYS I 118 -3.73 30.01 -11.09
N HIS I 119 -4.18 29.09 -11.94
CA HIS I 119 -3.38 27.93 -12.25
C HIS I 119 -2.17 28.28 -13.10
N MET I 120 -2.31 29.29 -13.97
CA MET I 120 -1.16 29.76 -14.74
C MET I 120 -0.16 30.51 -13.86
N LEU I 121 -0.62 31.07 -12.75
CA LEU I 121 0.25 31.79 -11.83
C LEU I 121 1.04 30.88 -10.90
N SER I 122 0.79 29.57 -10.92
CA SER I 122 1.65 28.64 -10.23
C SER I 122 2.86 28.24 -11.05
N ARG I 123 3.06 28.85 -12.22
CA ARG I 123 4.20 28.59 -13.08
C ARG I 123 4.89 29.90 -13.48
N ILE I 124 4.46 31.02 -12.90
CA ILE I 124 5.02 32.33 -13.20
C ILE I 124 5.66 32.88 -11.93
N ASN I 125 6.92 33.32 -12.03
CA ASN I 125 7.64 33.89 -10.90
C ASN I 125 7.85 35.40 -10.99
N HIS I 126 7.66 36.00 -12.16
CA HIS I 126 7.89 37.43 -12.31
C HIS I 126 7.11 37.96 -13.49
N PHE I 127 6.60 39.18 -13.35
CA PHE I 127 6.03 39.92 -14.47
C PHE I 127 6.81 41.21 -14.70
N GLU I 128 6.79 41.67 -15.94
CA GLU I 128 7.22 43.01 -16.30
C GLU I 128 6.01 43.72 -16.87
N LYS I 129 5.36 44.54 -16.03
CA LYS I 129 4.18 45.27 -16.48
C LYS I 129 4.60 46.39 -17.42
N ILE I 130 4.00 46.42 -18.61
CA ILE I 130 4.28 47.45 -19.60
C ILE I 130 2.97 48.04 -20.09
N GLN I 131 3.02 49.32 -20.45
CA GLN I 131 1.88 50.03 -21.01
C GLN I 131 1.78 49.67 -22.48
N ILE I 132 0.92 48.71 -22.81
CA ILE I 132 0.80 48.30 -24.20
C ILE I 132 -0.07 49.28 -24.98
N ILE I 133 -1.11 49.84 -24.36
CA ILE I 133 -1.93 50.88 -24.98
C ILE I 133 -1.98 52.06 -24.02
N PRO I 134 -1.28 53.15 -24.28
CA PRO I 134 -1.35 54.32 -23.40
C PRO I 134 -2.69 55.02 -23.53
N LYS I 135 -2.98 55.87 -22.53
CA LYS I 135 -4.23 56.61 -22.51
C LYS I 135 -4.30 57.71 -23.56
N SER I 136 -3.17 58.05 -24.19
CA SER I 136 -3.16 58.97 -25.33
C SER I 136 -3.58 58.32 -26.63
N SER I 137 -3.81 57.00 -26.63
CA SER I 137 -4.28 56.28 -27.80
C SER I 137 -5.79 56.31 -27.95
N TRP I 138 -6.49 57.03 -27.08
CA TRP I 138 -7.95 57.19 -27.16
C TRP I 138 -8.25 58.68 -27.23
N PRO I 139 -8.14 59.29 -28.41
CA PRO I 139 -8.43 60.73 -28.52
C PRO I 139 -9.91 61.03 -28.57
N ASN I 140 -10.70 60.09 -29.10
CA ASN I 140 -12.13 60.30 -29.32
C ASN I 140 -12.99 59.64 -28.25
N HIS I 141 -12.39 59.18 -27.16
CA HIS I 141 -13.14 58.61 -26.05
C HIS I 141 -12.65 59.22 -24.75
N GLU I 142 -13.54 59.29 -23.77
CA GLU I 142 -13.23 59.89 -22.47
C GLU I 142 -12.57 58.84 -21.58
N THR I 143 -11.29 59.04 -21.28
CA THR I 143 -10.54 58.14 -20.43
C THR I 143 -10.48 58.59 -18.98
N SER I 144 -11.13 59.71 -18.63
CA SER I 144 -11.04 60.26 -17.29
C SER I 144 -12.34 60.17 -16.50
N LEU I 145 -13.48 60.02 -17.17
CA LEU I 145 -14.76 59.95 -16.47
C LEU I 145 -15.13 58.55 -16.03
N GLY I 146 -14.36 57.53 -16.43
CA GLY I 146 -14.70 56.16 -16.10
C GLY I 146 -14.31 55.77 -14.70
N VAL I 147 -14.99 56.33 -13.69
CA VAL I 147 -14.75 56.04 -12.29
C VAL I 147 -16.05 55.61 -11.64
N SER I 148 -15.94 55.02 -10.46
CA SER I 148 -17.11 54.62 -9.69
C SER I 148 -16.78 54.67 -8.21
N ALA I 149 -17.83 54.79 -7.39
CA ALA I 149 -17.67 54.78 -5.95
C ALA I 149 -17.46 53.39 -5.38
N ALA I 150 -17.66 52.34 -6.18
CA ALA I 150 -17.35 50.99 -5.75
C ALA I 150 -15.85 50.72 -5.72
N CYS I 151 -15.05 51.58 -6.36
CA CYS I 151 -13.60 51.50 -6.35
C CYS I 151 -13.06 52.81 -5.81
N PRO I 152 -13.10 53.02 -4.50
CA PRO I 152 -12.67 54.30 -3.95
C PRO I 152 -11.17 54.37 -3.72
N TYR I 153 -10.61 55.55 -3.98
CA TYR I 153 -9.21 55.82 -3.70
C TYR I 153 -9.14 57.08 -2.86
N GLN I 154 -8.79 56.91 -1.58
CA GLN I 154 -8.68 57.99 -0.59
C GLN I 154 -9.98 58.78 -0.46
N GLY I 155 -11.11 58.07 -0.51
CA GLY I 155 -12.42 58.67 -0.36
C GLY I 155 -13.04 59.15 -1.65
N ALA I 156 -12.27 59.31 -2.72
CA ALA I 156 -12.77 59.73 -4.01
C ALA I 156 -13.02 58.53 -4.90
N PRO I 157 -14.02 58.60 -5.78
CA PRO I 157 -14.24 57.50 -6.74
C PRO I 157 -13.09 57.36 -7.72
N SER I 158 -12.77 56.11 -8.06
CA SER I 158 -11.66 55.80 -8.94
C SER I 158 -12.01 54.53 -9.70
N PHE I 159 -11.01 53.88 -10.27
CA PHE I 159 -11.22 52.69 -11.08
C PHE I 159 -9.95 51.83 -11.03
N PHE I 160 -10.04 50.65 -11.65
CA PHE I 160 -8.87 49.82 -11.87
C PHE I 160 -7.83 50.57 -12.70
N ARG I 161 -6.56 50.33 -12.38
CA ARG I 161 -5.48 51.08 -13.03
C ARG I 161 -4.90 50.36 -14.24
N ASN I 162 -5.00 49.03 -14.29
CA ASN I 162 -4.46 48.31 -15.45
C ASN I 162 -5.40 48.35 -16.66
N VAL I 163 -6.65 48.73 -16.47
CA VAL I 163 -7.61 48.83 -17.56
C VAL I 163 -8.28 50.19 -17.51
N VAL I 164 -8.82 50.61 -18.65
CA VAL I 164 -9.47 51.91 -18.81
C VAL I 164 -10.94 51.71 -19.13
N TRP I 165 -11.80 52.32 -18.33
CA TRP I 165 -13.22 52.43 -18.65
C TRP I 165 -13.40 53.60 -19.61
N LEU I 166 -13.82 53.31 -20.84
CA LEU I 166 -13.96 54.32 -21.87
C LEU I 166 -15.41 54.79 -21.94
N ILE I 167 -15.62 56.08 -21.68
CA ILE I 167 -16.92 56.71 -21.76
C ILE I 167 -16.94 57.48 -23.08
N LYS I 168 -18.14 57.81 -23.55
CA LYS I 168 -18.29 58.60 -24.76
C LYS I 168 -17.71 60.00 -24.57
N LYS I 169 -17.12 60.52 -25.65
CA LYS I 169 -16.61 61.88 -25.69
C LYS I 169 -17.34 62.64 -26.78
N ASN I 170 -17.72 63.89 -26.46
CA ASN I 170 -18.48 64.79 -27.32
C ASN I 170 -19.81 64.19 -27.75
N ASP I 171 -20.45 63.47 -26.80
CA ASP I 171 -21.74 62.80 -26.97
C ASP I 171 -21.71 61.83 -28.15
N ALA I 172 -20.61 61.10 -28.29
CA ALA I 172 -20.44 60.14 -29.37
C ALA I 172 -19.44 59.08 -28.95
N TYR I 173 -19.60 57.88 -29.53
CA TYR I 173 -18.69 56.76 -29.31
C TYR I 173 -18.37 56.16 -30.67
N PRO I 174 -17.27 56.57 -31.30
CA PRO I 174 -16.85 55.90 -32.53
C PRO I 174 -16.39 54.47 -32.26
N THR I 175 -16.47 53.65 -33.30
CA THR I 175 -16.13 52.24 -33.18
C THR I 175 -14.62 52.08 -33.02
N ILE I 176 -14.21 51.47 -31.91
CA ILE I 176 -12.80 51.23 -31.65
C ILE I 176 -12.30 50.12 -32.57
N LYS I 177 -11.20 50.38 -33.27
CA LYS I 177 -10.50 49.37 -34.06
C LYS I 177 -9.02 49.53 -33.74
N ILE I 178 -8.54 48.82 -32.72
CA ILE I 178 -7.17 48.96 -32.26
C ILE I 178 -6.53 47.57 -32.23
N SER I 179 -5.21 47.55 -32.40
CA SER I 179 -4.45 46.31 -32.40
C SER I 179 -3.15 46.52 -31.63
N TYR I 180 -2.58 45.42 -31.14
CA TYR I 180 -1.27 45.45 -30.51
C TYR I 180 -0.50 44.20 -30.91
N ASN I 181 0.57 44.39 -31.68
CA ASN I 181 1.44 43.30 -32.10
C ASN I 181 2.51 43.07 -31.05
N ASN I 182 2.62 41.84 -30.57
CA ASN I 182 3.56 41.51 -29.50
C ASN I 182 4.96 41.41 -30.08
N THR I 183 5.70 42.51 -29.98
CA THR I 183 7.08 42.57 -30.47
C THR I 183 8.08 42.06 -29.44
N ASN I 184 7.63 41.69 -28.25
CA ASN I 184 8.52 41.15 -27.23
C ASN I 184 8.86 39.69 -27.53
N ARG I 185 9.81 39.16 -26.76
CA ARG I 185 10.27 37.79 -26.95
C ARG I 185 9.64 36.80 -25.98
N GLU I 186 8.69 37.24 -25.16
CA GLU I 186 8.01 36.36 -24.22
C GLU I 186 6.50 36.62 -24.28
N ASP I 187 5.76 35.74 -23.60
CA ASP I 187 4.31 35.79 -23.61
C ASP I 187 3.80 37.03 -22.88
N LEU I 188 2.61 37.47 -23.26
CA LEU I 188 2.03 38.69 -22.72
C LEU I 188 0.64 38.40 -22.19
N LEU I 189 0.40 38.73 -20.92
CA LEU I 189 -0.89 38.54 -20.28
C LEU I 189 -1.67 39.85 -20.37
N ILE I 190 -2.75 39.84 -21.12
CA ILE I 190 -3.57 41.02 -21.38
C ILE I 190 -4.95 40.79 -20.79
N LEU I 191 -5.41 41.73 -19.96
CA LEU I 191 -6.75 41.67 -19.39
C LEU I 191 -7.58 42.83 -19.93
N TRP I 192 -8.79 42.53 -20.38
CA TRP I 192 -9.76 43.54 -20.78
C TRP I 192 -11.08 43.23 -20.11
N GLY I 193 -12.15 43.91 -20.49
CA GLY I 193 -13.44 43.62 -19.87
C GLY I 193 -14.60 44.19 -20.65
N ILE I 194 -15.80 43.83 -20.19
CA ILE I 194 -17.05 44.34 -20.72
C ILE I 194 -17.88 44.85 -19.55
N HIS I 195 -18.48 46.02 -19.71
CA HIS I 195 -19.38 46.57 -18.70
C HIS I 195 -20.81 46.21 -19.06
N HIS I 196 -21.48 45.51 -18.16
CA HIS I 196 -22.91 45.22 -18.30
C HIS I 196 -23.68 46.34 -17.61
N SER I 197 -24.43 47.10 -18.38
CA SER I 197 -25.13 48.26 -17.83
C SER I 197 -26.38 47.82 -17.06
N ASN I 198 -27.09 48.81 -16.53
CA ASN I 198 -28.26 48.54 -15.72
C ASN I 198 -29.55 48.63 -16.54
N ASN I 199 -29.70 49.69 -17.31
CA ASN I 199 -30.86 49.88 -18.18
C ASN I 199 -30.42 50.60 -19.45
N ALA I 200 -31.37 50.83 -20.36
CA ALA I 200 -31.04 51.47 -21.62
C ALA I 200 -30.72 52.96 -21.44
N GLU I 201 -31.28 53.58 -20.40
CA GLU I 201 -30.96 54.97 -20.10
C GLU I 201 -29.50 55.12 -19.68
N GLU I 202 -29.00 54.19 -18.84
CA GLU I 202 -27.59 54.19 -18.47
C GLU I 202 -26.71 53.87 -19.67
N GLN I 203 -27.18 52.99 -20.56
CA GLN I 203 -26.41 52.64 -21.75
C GLN I 203 -26.25 53.83 -22.68
N THR I 204 -27.32 54.59 -22.91
CA THR I 204 -27.19 55.79 -23.74
C THR I 204 -26.48 56.92 -23.00
N ASN I 205 -26.53 56.92 -21.67
CA ASN I 205 -25.84 57.94 -20.90
C ASN I 205 -24.34 57.71 -20.84
N LEU I 206 -23.90 56.46 -20.95
CA LEU I 206 -22.48 56.14 -20.87
C LEU I 206 -21.82 55.94 -22.23
N TYR I 207 -22.51 55.33 -23.19
CA TYR I 207 -21.86 54.93 -24.43
C TYR I 207 -22.56 55.37 -25.70
N LYS I 208 -23.76 55.95 -25.62
CA LYS I 208 -24.56 56.53 -26.71
C LYS I 208 -25.07 55.49 -27.73
N ASN I 209 -24.66 54.23 -27.61
CA ASN I 209 -25.07 53.18 -28.52
C ASN I 209 -25.90 52.16 -27.75
N PRO I 210 -27.12 51.86 -28.18
CA PRO I 210 -27.96 50.95 -27.40
C PRO I 210 -27.54 49.49 -27.50
N ILE I 211 -27.13 49.05 -28.68
CA ILE I 211 -26.70 47.68 -28.91
C ILE I 211 -25.21 47.72 -29.25
N THR I 212 -24.37 47.34 -28.30
CA THR I 212 -22.93 47.35 -28.47
C THR I 212 -22.39 45.94 -28.49
N TYR I 213 -21.12 45.82 -28.89
CA TYR I 213 -20.42 44.55 -28.92
C TYR I 213 -18.99 44.78 -28.50
N ILE I 214 -18.29 43.68 -28.22
CA ILE I 214 -16.84 43.68 -28.05
C ILE I 214 -16.30 42.50 -28.84
N SER I 215 -15.44 42.76 -29.81
CA SER I 215 -14.79 41.72 -30.59
C SER I 215 -13.31 41.70 -30.25
N VAL I 216 -12.83 40.56 -29.78
CA VAL I 216 -11.41 40.36 -29.47
C VAL I 216 -10.91 39.19 -30.32
N GLY I 217 -9.82 39.39 -31.04
CA GLY I 217 -9.30 38.36 -31.91
C GLY I 217 -7.79 38.24 -31.92
N THR I 218 -7.30 37.03 -31.63
CA THR I 218 -5.87 36.73 -31.68
C THR I 218 -5.65 35.53 -32.60
N SER I 219 -4.45 34.94 -32.53
CA SER I 219 -4.16 33.71 -33.26
C SER I 219 -5.07 32.57 -32.83
N THR I 220 -5.28 32.41 -31.53
CA THR I 220 -6.08 31.30 -31.01
C THR I 220 -7.36 31.75 -30.32
N LEU I 221 -7.63 33.05 -30.22
CA LEU I 221 -8.81 33.56 -29.53
C LEU I 221 -9.74 34.22 -30.52
N ASN I 222 -11.00 33.79 -30.51
CA ASN I 222 -12.07 34.42 -31.29
C ASN I 222 -13.21 34.68 -30.31
N GLN I 223 -13.44 35.95 -29.99
CA GLN I 223 -14.39 36.31 -28.95
C GLN I 223 -15.29 37.43 -29.45
N ARG I 224 -16.60 37.25 -29.25
CA ARG I 224 -17.56 38.32 -29.47
C ARG I 224 -18.48 38.37 -28.26
N LEU I 225 -18.73 39.57 -27.76
CA LEU I 225 -19.54 39.76 -26.57
C LEU I 225 -20.62 40.79 -26.83
N ALA I 226 -21.52 40.92 -25.86
CA ALA I 226 -22.59 41.88 -25.87
C ALA I 226 -22.94 42.10 -24.40
N PRO I 227 -23.27 43.33 -24.00
CA PRO I 227 -23.62 43.56 -22.59
C PRO I 227 -24.97 42.94 -22.25
N LYS I 228 -25.05 42.44 -21.02
CA LYS I 228 -26.29 41.88 -20.49
C LYS I 228 -26.97 42.97 -19.69
N ILE I 229 -27.67 43.85 -20.41
CA ILE I 229 -28.36 44.99 -19.82
C ILE I 229 -29.61 44.46 -19.10
N ALA I 230 -29.56 44.44 -17.78
CA ALA I 230 -30.60 43.80 -16.99
C ALA I 230 -30.63 44.43 -15.61
N THR I 231 -31.70 44.16 -14.87
CA THR I 231 -31.82 44.58 -13.49
C THR I 231 -31.28 43.47 -12.59
N ARG I 232 -30.40 43.84 -11.66
CA ARG I 232 -29.82 42.87 -10.75
C ARG I 232 -29.51 43.54 -9.43
N SER I 233 -29.19 42.71 -8.43
CA SER I 233 -29.07 43.16 -7.05
C SER I 233 -27.82 44.01 -6.86
N GLN I 234 -27.86 44.86 -5.84
CA GLN I 234 -26.77 45.76 -5.52
C GLN I 234 -25.64 44.99 -4.86
N VAL I 235 -24.48 44.97 -5.52
CA VAL I 235 -23.23 44.50 -4.91
C VAL I 235 -22.29 45.69 -4.89
N ASN I 236 -21.77 46.01 -3.70
CA ASN I 236 -20.86 47.14 -3.46
C ASN I 236 -21.47 48.48 -3.90
N GLY I 237 -22.78 48.61 -3.77
CA GLY I 237 -23.47 49.83 -4.13
C GLY I 237 -23.75 50.01 -5.60
N GLN I 238 -23.45 49.03 -6.45
CA GLN I 238 -23.62 49.14 -7.89
C GLN I 238 -24.49 48.00 -8.41
N ARG I 239 -25.41 48.35 -9.31
CA ARG I 239 -26.22 47.37 -10.03
C ARG I 239 -25.65 47.01 -11.39
N GLY I 240 -24.51 47.59 -11.78
CA GLY I 240 -23.83 47.17 -12.97
C GLY I 240 -22.79 46.11 -12.68
N ARG I 241 -22.39 45.39 -13.73
CA ARG I 241 -21.38 44.36 -13.61
C ARG I 241 -20.25 44.62 -14.58
N MET I 242 -19.13 43.95 -14.33
CA MET I 242 -17.98 44.00 -15.22
C MET I 242 -17.38 42.59 -15.33
N ASP I 243 -17.60 41.96 -16.47
CA ASP I 243 -16.98 40.67 -16.76
C ASP I 243 -15.62 40.93 -17.39
N PHE I 244 -14.56 40.48 -16.72
CA PHE I 244 -13.20 40.68 -17.17
C PHE I 244 -12.67 39.42 -17.81
N PHE I 245 -11.86 39.58 -18.85
CA PHE I 245 -11.37 38.48 -19.65
C PHE I 245 -9.87 38.63 -19.81
N TRP I 246 -9.18 37.50 -19.93
CA TRP I 246 -7.73 37.52 -20.09
C TRP I 246 -7.32 36.56 -21.20
N THR I 247 -6.13 36.82 -21.75
CA THR I 247 -5.54 35.93 -22.74
C THR I 247 -4.03 36.01 -22.61
N ILE I 248 -3.36 35.02 -23.19
CA ILE I 248 -1.90 34.99 -23.26
C ILE I 248 -1.51 35.21 -24.71
N LEU I 249 -0.85 36.33 -24.97
CA LEU I 249 -0.46 36.71 -26.34
C LEU I 249 0.95 36.21 -26.60
N LYS I 250 1.09 35.36 -27.62
CA LYS I 250 2.38 34.79 -27.98
C LYS I 250 3.27 35.84 -28.65
N PRO I 251 4.59 35.63 -28.66
CA PRO I 251 5.45 36.52 -29.45
C PRO I 251 5.16 36.42 -30.94
N ASP I 252 5.37 37.55 -31.64
CA ASP I 252 5.03 37.74 -33.06
C ASP I 252 3.56 37.43 -33.33
N ASP I 253 2.69 37.86 -32.42
CA ASP I 253 1.26 37.67 -32.54
C ASP I 253 0.57 38.96 -32.13
N ALA I 254 -0.57 39.23 -32.74
CA ALA I 254 -1.32 40.44 -32.47
C ALA I 254 -2.66 40.12 -31.83
N ILE I 255 -3.12 41.02 -30.97
CA ILE I 255 -4.47 40.99 -30.43
C ILE I 255 -5.22 42.19 -31.01
N HIS I 256 -6.43 41.94 -31.49
CA HIS I 256 -7.22 42.98 -32.14
C HIS I 256 -8.49 43.21 -31.31
N PHE I 257 -8.73 44.46 -30.95
CA PHE I 257 -9.90 44.84 -30.17
C PHE I 257 -10.85 45.62 -31.05
N GLU I 258 -12.13 45.26 -31.02
CA GLU I 258 -13.16 45.99 -31.73
C GLU I 258 -14.37 46.13 -30.82
N SER I 259 -14.84 47.37 -30.66
CA SER I 259 -16.01 47.64 -29.83
C SER I 259 -16.58 48.99 -30.21
N ASN I 260 -17.90 49.13 -30.04
CA ASN I 260 -18.57 50.41 -30.14
C ASN I 260 -19.25 50.80 -28.84
N GLY I 261 -18.84 50.20 -27.74
CA GLY I 261 -19.39 50.50 -26.44
C GLY I 261 -19.06 49.42 -25.44
N ASN I 262 -19.25 49.78 -24.16
CA ASN I 262 -19.10 48.88 -23.00
C ASN I 262 -17.71 48.28 -22.88
N PHE I 263 -16.69 48.98 -23.36
CA PHE I 263 -15.33 48.44 -23.43
C PHE I 263 -14.53 48.91 -22.23
N ILE I 264 -14.04 47.95 -21.45
CA ILE I 264 -13.05 48.22 -20.40
C ILE I 264 -11.70 47.89 -21.03
N ALA I 265 -11.12 48.87 -21.70
CA ALA I 265 -9.97 48.72 -22.57
C ALA I 265 -8.70 48.48 -21.75
N PRO I 266 -7.80 47.61 -22.22
CA PRO I 266 -6.55 47.40 -21.50
C PRO I 266 -5.60 48.57 -21.66
N GLU I 267 -4.85 48.85 -20.60
CA GLU I 267 -3.77 49.81 -20.63
C GLU I 267 -2.43 49.18 -20.33
N TYR I 268 -2.35 48.38 -19.27
CA TYR I 268 -1.12 47.72 -18.86
C TYR I 268 -1.30 46.22 -19.01
N ALA I 269 -0.41 45.59 -19.76
CA ALA I 269 -0.34 44.14 -19.83
C ALA I 269 0.81 43.68 -18.95
N TYR I 270 1.13 42.39 -19.02
CA TYR I 270 2.13 41.80 -18.15
C TYR I 270 3.00 40.85 -18.96
N LYS I 271 4.28 41.19 -19.10
CA LYS I 271 5.22 40.29 -19.77
C LYS I 271 5.60 39.16 -18.82
N ILE I 272 5.38 37.93 -19.26
CA ILE I 272 5.78 36.78 -18.46
C ILE I 272 7.28 36.54 -18.66
N VAL I 273 8.09 37.12 -17.76
CA VAL I 273 9.53 37.15 -17.97
C VAL I 273 10.27 36.00 -17.27
N LYS I 274 9.63 35.29 -16.35
CA LYS I 274 10.27 34.16 -15.70
C LYS I 274 9.24 33.07 -15.44
N LYS I 275 9.63 31.83 -15.74
CA LYS I 275 8.82 30.66 -15.46
C LYS I 275 9.56 29.73 -14.49
N GLY I 276 8.80 29.03 -13.66
CA GLY I 276 9.38 28.10 -12.72
C GLY I 276 8.35 27.67 -11.70
N ASP I 277 8.83 26.98 -10.67
CA ASP I 277 7.93 26.46 -9.64
C ASP I 277 7.38 27.58 -8.78
N SER I 278 6.07 27.60 -8.60
CA SER I 278 5.39 28.61 -7.81
C SER I 278 4.08 28.03 -7.33
N THR I 279 3.44 28.73 -6.39
CA THR I 279 2.12 28.36 -5.91
C THR I 279 1.43 29.61 -5.39
N ILE I 280 0.11 29.51 -5.23
CA ILE I 280 -0.69 30.53 -4.57
C ILE I 280 -1.09 29.98 -3.22
N MET I 281 -0.60 30.62 -2.16
CA MET I 281 -0.76 30.14 -0.80
C MET I 281 -1.93 30.86 -0.14
N LYS I 282 -2.84 30.09 0.46
CA LYS I 282 -3.93 30.65 1.26
C LYS I 282 -3.46 30.68 2.70
N SER I 283 -3.06 31.85 3.19
CA SER I 283 -2.44 31.95 4.49
C SER I 283 -2.65 33.33 5.09
N GLY I 284 -3.08 33.38 6.34
CA GLY I 284 -3.16 34.59 7.12
C GLY I 284 -1.96 34.85 8.00
N VAL I 285 -0.88 34.08 7.84
CA VAL I 285 0.31 34.21 8.64
C VAL I 285 1.14 35.39 8.13
N GLU I 286 1.71 36.16 9.06
CA GLU I 286 2.49 37.33 8.70
C GLU I 286 3.89 36.93 8.23
N TYR I 287 4.55 37.87 7.55
CA TYR I 287 5.90 37.67 7.08
C TYR I 287 6.89 37.65 8.25
N GLY I 288 7.90 36.79 8.15
CA GLY I 288 8.79 36.58 9.26
C GLY I 288 10.23 37.06 9.09
N HIS I 289 10.55 37.57 7.90
CA HIS I 289 11.89 38.07 7.53
C HIS I 289 12.96 36.99 7.73
N CYS I 290 12.81 35.91 6.95
CA CYS I 290 13.54 34.68 7.17
C CYS I 290 13.65 33.93 5.85
N ASN I 291 14.58 32.97 5.80
CA ASN I 291 14.77 32.14 4.62
C ASN I 291 14.58 30.68 4.98
N THR I 292 14.15 29.89 4.00
CA THR I 292 13.81 28.50 4.22
C THR I 292 13.94 27.72 2.93
N LYS I 293 13.84 26.39 3.05
CA LYS I 293 13.76 25.51 1.90
C LYS I 293 12.38 24.90 1.71
N CYS I 294 11.61 24.76 2.77
CA CYS I 294 10.26 24.22 2.72
C CYS I 294 9.30 25.20 3.38
N GLN I 295 8.14 25.42 2.75
CA GLN I 295 7.17 26.39 3.24
C GLN I 295 5.78 25.81 3.18
N THR I 296 5.02 25.97 4.27
CA THR I 296 3.61 25.62 4.36
C THR I 296 2.81 26.90 4.59
N PRO I 297 1.49 26.87 4.35
CA PRO I 297 0.65 28.03 4.70
C PRO I 297 0.67 28.40 6.18
N VAL I 298 0.93 27.45 7.08
CA VAL I 298 0.96 27.78 8.50
C VAL I 298 2.35 28.10 9.01
N GLY I 299 3.41 27.75 8.28
CA GLY I 299 4.76 28.03 8.71
C GLY I 299 5.82 27.17 8.05
N ALA I 300 7.04 27.69 7.94
CA ALA I 300 8.10 26.99 7.24
C ALA I 300 8.65 25.82 8.07
N ILE I 301 9.25 24.86 7.38
CA ILE I 301 9.80 23.66 7.99
C ILE I 301 11.30 23.67 7.75
N ASN I 302 12.06 24.06 8.77
CA ASN I 302 13.52 24.08 8.66
C ASN I 302 14.10 22.81 9.31
N SER I 303 13.89 21.68 8.63
CA SER I 303 14.39 20.41 9.10
C SER I 303 14.65 19.51 7.90
N SER I 304 15.24 18.35 8.18
CA SER I 304 15.60 17.38 7.15
C SER I 304 14.92 16.03 7.37
N MET I 305 13.77 16.02 8.04
CA MET I 305 13.05 14.79 8.29
C MET I 305 12.49 14.22 6.98
N PRO I 306 12.29 12.90 6.90
CA PRO I 306 11.62 12.34 5.72
C PRO I 306 10.11 12.59 5.68
N PHE I 307 9.50 12.95 6.82
CA PHE I 307 8.06 13.13 6.89
C PHE I 307 7.74 14.38 7.70
N HIS I 308 6.53 14.90 7.49
CA HIS I 308 6.00 15.96 8.33
C HIS I 308 4.48 15.82 8.35
N ASN I 309 3.86 16.41 9.38
CA ASN I 309 2.42 16.41 9.50
C ASN I 309 1.88 17.83 9.65
N ILE I 310 2.55 18.79 9.03
CA ILE I 310 2.23 20.20 9.25
C ILE I 310 1.04 20.62 8.40
N HIS I 311 1.17 20.53 7.08
CA HIS I 311 0.12 20.96 6.17
C HIS I 311 0.23 20.14 4.88
N PRO I 312 -0.89 19.84 4.23
CA PRO I 312 -0.80 19.11 2.94
C PRO I 312 -0.13 19.90 1.83
N LEU I 313 -0.48 21.17 1.68
CA LEU I 313 0.05 22.00 0.61
C LEU I 313 1.40 22.57 1.03
N THR I 314 2.42 22.39 0.19
CA THR I 314 3.77 22.85 0.48
C THR I 314 4.38 23.44 -0.78
N ILE I 315 5.54 24.06 -0.62
CA ILE I 315 6.37 24.48 -1.75
C ILE I 315 7.84 24.34 -1.35
N GLY I 316 8.67 23.95 -2.30
CA GLY I 316 10.09 23.78 -2.07
C GLY I 316 10.47 22.35 -1.78
N GLU I 317 11.74 22.16 -1.43
CA GLU I 317 12.25 20.86 -1.02
C GLU I 317 11.67 20.54 0.36
N CYS I 318 10.69 19.66 0.39
CA CYS I 318 9.90 19.42 1.57
C CYS I 318 9.87 17.94 1.92
N PRO I 319 9.65 17.62 3.19
CA PRO I 319 9.33 16.23 3.54
C PRO I 319 7.93 15.86 3.06
N LYS I 320 7.65 14.56 3.13
CA LYS I 320 6.39 14.02 2.63
C LYS I 320 5.31 14.13 3.70
N TYR I 321 4.13 14.61 3.32
CA TYR I 321 3.08 14.86 4.27
C TYR I 321 2.30 13.59 4.57
N VAL I 322 2.17 13.26 5.86
CA VAL I 322 1.29 12.20 6.33
C VAL I 322 0.40 12.77 7.43
N LYS I 323 -0.75 12.16 7.60
CA LYS I 323 -1.70 12.58 8.63
C LYS I 323 -1.42 11.95 9.99
N SER I 324 -0.37 11.15 10.10
CA SER I 324 -0.01 10.53 11.36
C SER I 324 0.54 11.57 12.33
N ASN I 325 0.28 11.35 13.61
CA ASN I 325 0.77 12.25 14.65
C ASN I 325 2.05 11.74 15.30
N LYS I 326 2.30 10.43 15.26
CA LYS I 326 3.54 9.85 15.75
C LYS I 326 4.06 8.87 14.71
N LEU I 327 5.34 8.98 14.37
CA LEU I 327 5.97 8.10 13.40
C LEU I 327 7.42 7.93 13.83
N VAL I 328 7.68 6.89 14.61
CA VAL I 328 8.99 6.67 15.22
C VAL I 328 9.49 5.28 14.80
N LEU I 329 10.70 5.24 14.26
CA LEU I 329 11.34 4.00 13.86
C LEU I 329 12.24 3.51 14.98
N ALA I 330 12.09 2.24 15.36
CA ALA I 330 12.98 1.63 16.33
C ALA I 330 14.28 1.26 15.64
N THR I 331 15.39 1.81 16.12
CA THR I 331 16.72 1.39 15.70
C THR I 331 17.40 0.53 16.74
N GLY I 332 17.29 0.90 18.01
CA GLY I 332 17.82 0.10 19.09
C GLY I 332 16.90 -1.02 19.49
N LEU I 333 17.38 -1.82 20.42
CA LEU I 333 16.67 -3.01 20.88
C LEU I 333 15.81 -2.69 22.08
N ARG I 334 15.11 -3.70 22.59
CA ARG I 334 14.16 -3.49 23.67
C ARG I 334 14.87 -3.16 24.98
N ASN I 335 14.31 -2.21 25.72
CA ASN I 335 14.94 -1.67 26.90
C ASN I 335 14.54 -2.46 28.14
N SER I 336 15.52 -2.81 28.96
CA SER I 336 15.31 -3.52 30.22
C SER I 336 16.01 -2.73 31.32
N PRO I 337 15.37 -1.68 31.86
CA PRO I 337 16.01 -0.93 32.94
C PRO I 337 16.04 -1.68 34.26
N LEU I 338 15.04 -2.52 34.52
CA LEU I 338 15.00 -3.36 35.71
C LEU I 338 14.52 -4.74 35.29
N GLY I 346 9.76 -12.22 22.58
CA GLY I 346 9.93 -12.11 21.15
C GLY I 346 9.79 -13.44 20.45
N LEU I 347 10.01 -13.41 19.14
CA LEU I 347 9.86 -14.63 18.35
C LEU I 347 11.00 -15.62 18.60
N PHE I 348 12.17 -15.13 18.97
CA PHE I 348 13.33 -15.98 19.11
C PHE I 348 13.70 -16.24 20.57
N GLY I 349 13.05 -15.57 21.51
CA GLY I 349 13.09 -15.95 22.90
C GLY I 349 14.39 -15.69 23.63
N ALA I 350 15.22 -14.77 23.14
CA ALA I 350 16.46 -14.44 23.83
C ALA I 350 16.35 -13.12 24.60
N ILE I 351 15.89 -12.06 23.95
CA ILE I 351 15.67 -10.79 24.63
C ILE I 351 14.38 -10.90 25.43
N ALA I 352 14.50 -10.70 26.75
CA ALA I 352 13.44 -10.95 27.73
C ALA I 352 12.90 -12.38 27.64
N GLY I 353 13.80 -13.32 27.35
CA GLY I 353 13.48 -14.72 27.28
C GLY I 353 14.26 -15.49 28.32
N PHE I 354 15.26 -16.26 27.89
CA PHE I 354 16.16 -16.86 28.87
C PHE I 354 17.23 -15.89 29.35
N ILE I 355 17.45 -14.79 28.63
CA ILE I 355 18.22 -13.67 29.12
C ILE I 355 17.22 -12.59 29.50
N GLU I 356 16.88 -12.54 30.79
CA GLU I 356 15.74 -11.75 31.25
C GLU I 356 15.99 -10.26 31.31
N GLY I 357 17.24 -9.81 31.26
CA GLY I 357 17.53 -8.40 31.39
C GLY I 357 18.73 -7.98 30.57
N GLY I 358 18.71 -6.72 30.15
CA GLY I 358 19.84 -6.16 29.44
C GLY I 358 20.88 -5.59 30.39
N TRP I 359 22.07 -5.38 29.85
CA TRP I 359 23.20 -4.91 30.62
C TRP I 359 23.38 -3.41 30.39
N GLN I 360 23.32 -2.64 31.47
CA GLN I 360 23.55 -1.21 31.38
C GLN I 360 25.02 -0.85 31.53
N GLY I 361 25.86 -1.78 31.98
CA GLY I 361 27.28 -1.56 32.03
C GLY I 361 28.00 -1.85 30.74
N MET I 362 27.29 -2.35 29.73
CA MET I 362 27.86 -2.66 28.42
C MET I 362 27.44 -1.55 27.46
N VAL I 363 28.35 -0.61 27.20
CA VAL I 363 28.04 0.57 26.42
C VAL I 363 28.68 0.56 25.03
N ASP I 364 29.67 -0.30 24.79
CA ASP I 364 30.42 -0.31 23.55
C ASP I 364 29.84 -1.23 22.49
N GLY I 365 28.59 -1.64 22.65
CA GLY I 365 27.95 -2.48 21.65
C GLY I 365 26.52 -2.78 22.04
N TRP I 366 25.76 -3.24 21.04
CA TRP I 366 24.39 -3.68 21.26
C TRP I 366 24.35 -5.07 21.87
N TYR I 367 25.27 -5.94 21.47
CA TYR I 367 25.33 -7.31 21.94
C TYR I 367 26.74 -7.59 22.43
N GLY I 368 26.88 -8.48 23.39
CA GLY I 368 28.20 -8.78 23.87
C GLY I 368 28.31 -9.83 24.95
N TYR I 369 29.36 -9.73 25.77
CA TYR I 369 29.75 -10.76 26.70
C TYR I 369 30.03 -10.16 28.07
N HIS I 370 30.07 -11.04 29.07
CA HIS I 370 30.53 -10.68 30.41
C HIS I 370 31.29 -11.87 30.97
N HIS I 371 32.61 -11.86 30.81
CA HIS I 371 33.44 -12.93 31.36
C HIS I 371 33.67 -12.71 32.85
N SER I 372 33.85 -13.80 33.57
CA SER I 372 33.99 -13.76 35.03
C SER I 372 35.07 -14.71 35.50
N ASN I 373 36.23 -14.68 34.85
CA ASN I 373 37.31 -15.62 35.19
C ASN I 373 38.06 -15.16 36.44
N GLU I 374 39.19 -15.81 36.73
CA GLU I 374 39.96 -15.51 37.92
C GLU I 374 40.80 -14.25 37.78
N GLN I 375 41.05 -13.79 36.56
CA GLN I 375 41.82 -12.57 36.34
C GLN I 375 41.00 -11.30 36.51
N GLY I 376 39.69 -11.43 36.66
CA GLY I 376 38.83 -10.28 36.81
C GLY I 376 37.49 -10.56 36.17
N SER I 377 36.72 -9.49 35.98
CA SER I 377 35.44 -9.59 35.30
C SER I 377 35.16 -8.26 34.60
N GLY I 378 34.28 -8.31 33.62
CA GLY I 378 33.93 -7.12 32.89
C GLY I 378 33.18 -7.46 31.63
N TYR I 379 32.70 -6.41 30.97
CA TYR I 379 31.90 -6.54 29.77
C TYR I 379 32.75 -6.34 28.53
N ALA I 380 32.32 -6.97 27.44
CA ALA I 380 32.99 -6.83 26.15
C ALA I 380 31.97 -7.02 25.05
N ALA I 381 31.93 -6.09 24.11
CA ALA I 381 30.97 -6.15 23.03
C ALA I 381 31.43 -7.10 21.93
N ASP I 382 30.46 -7.71 21.25
CA ASP I 382 30.72 -8.46 20.03
C ASP I 382 30.57 -7.48 18.88
N LYS I 383 31.70 -6.94 18.43
CA LYS I 383 31.68 -5.86 17.43
C LYS I 383 31.27 -6.35 16.06
N GLU I 384 31.47 -7.64 15.78
CA GLU I 384 31.10 -8.19 14.46
C GLU I 384 29.59 -8.24 14.29
N SER I 385 28.88 -8.82 15.27
CA SER I 385 27.43 -8.92 15.18
C SER I 385 26.78 -7.55 15.38
N THR I 386 27.37 -6.70 16.23
CA THR I 386 26.86 -5.35 16.42
C THR I 386 27.02 -4.52 15.15
N GLN I 387 28.16 -4.66 14.46
CA GLN I 387 28.37 -3.93 13.22
C GLN I 387 27.44 -4.42 12.12
N LYS I 388 27.20 -5.74 12.05
CA LYS I 388 26.25 -6.26 11.07
C LYS I 388 24.83 -5.80 11.37
N ALA I 389 24.45 -5.75 12.65
CA ALA I 389 23.13 -5.26 13.02
C ALA I 389 22.96 -3.78 12.72
N ILE I 390 24.01 -2.98 12.96
CA ILE I 390 23.96 -1.55 12.70
C ILE I 390 23.92 -1.29 11.19
N ASP I 391 24.65 -2.09 10.41
CA ASP I 391 24.56 -2.03 8.95
C ASP I 391 23.16 -2.36 8.46
N GLY I 392 22.54 -3.40 9.03
CA GLY I 392 21.19 -3.77 8.64
C GLY I 392 20.15 -2.73 9.02
N VAL I 393 20.27 -2.15 10.21
CA VAL I 393 19.33 -1.12 10.66
C VAL I 393 19.51 0.17 9.84
N THR I 394 20.76 0.54 9.53
CA THR I 394 21.03 1.70 8.70
C THR I 394 20.49 1.52 7.29
N ASN I 395 20.66 0.33 6.71
CA ASN I 395 20.17 0.07 5.37
C ASN I 395 18.65 -0.03 5.36
N LYS I 396 18.06 -0.52 6.46
CA LYS I 396 16.61 -0.52 6.59
C LYS I 396 16.03 0.90 6.64
N VAL I 397 16.68 1.78 7.39
CA VAL I 397 16.23 3.17 7.48
C VAL I 397 16.38 3.88 6.14
N ASN I 398 17.50 3.65 5.45
CA ASN I 398 17.72 4.22 4.13
C ASN I 398 16.71 3.69 3.12
N SER I 399 16.37 2.41 3.20
CA SER I 399 15.39 1.82 2.30
C SER I 399 13.98 2.36 2.58
N ILE I 400 13.66 2.58 3.85
CA ILE I 400 12.36 3.14 4.23
C ILE I 400 12.23 4.58 3.71
N ILE I 401 13.31 5.36 3.80
CA ILE I 401 13.32 6.71 3.25
C ILE I 401 13.23 6.69 1.72
N ASP I 402 13.99 5.80 1.08
CA ASP I 402 14.10 5.82 -0.38
C ASP I 402 12.85 5.28 -1.07
N LYS I 403 12.17 4.31 -0.45
CA LYS I 403 10.97 3.76 -1.08
C LYS I 403 9.79 4.71 -1.01
N MET I 404 9.80 5.65 -0.06
CA MET I 404 8.71 6.61 0.09
C MET I 404 9.13 8.01 -0.35
N ASN I 405 10.10 8.10 -1.26
CA ASN I 405 10.46 9.36 -1.88
C ASN I 405 9.54 9.76 -3.01
N THR I 406 8.75 8.82 -3.55
CA THR I 406 7.82 9.08 -4.63
C THR I 406 6.39 9.26 -4.12
N GLN I 407 6.25 9.88 -2.95
CA GLN I 407 4.95 10.09 -2.34
C GLN I 407 4.16 11.15 -3.12
N PHE I 408 2.84 11.08 -3.02
CA PHE I 408 1.96 12.08 -3.62
C PHE I 408 2.19 13.45 -2.99
N GLU I 409 2.31 14.46 -3.83
CA GLU I 409 2.46 15.85 -3.39
C GLU I 409 1.22 16.62 -3.83
N ALA I 410 0.43 17.08 -2.87
CA ALA I 410 -0.79 17.81 -3.17
C ALA I 410 -0.48 19.24 -3.59
N VAL I 411 -1.20 19.72 -4.61
CA VAL I 411 -1.05 21.08 -5.08
C VAL I 411 -2.43 21.75 -5.04
N GLY I 412 -2.41 23.08 -4.95
CA GLY I 412 -3.64 23.83 -4.82
C GLY I 412 -4.35 24.07 -6.14
N ARG I 413 -5.57 23.57 -6.26
CA ARG I 413 -6.44 23.85 -7.39
C ARG I 413 -7.74 24.46 -6.86
N GLU I 414 -8.22 25.50 -7.54
CA GLU I 414 -9.39 26.22 -7.10
C GLU I 414 -10.50 26.10 -8.13
N PHE I 415 -11.74 26.08 -7.66
CA PHE I 415 -12.91 25.88 -8.50
C PHE I 415 -13.99 26.86 -8.07
N ASN I 416 -14.87 27.21 -9.01
CA ASN I 416 -15.93 28.17 -8.72
C ASN I 416 -17.15 27.42 -8.16
N ASN I 417 -18.24 28.15 -7.94
CA ASN I 417 -19.41 27.57 -7.29
C ASN I 417 -20.19 26.64 -8.20
N LEU I 418 -20.06 26.79 -9.52
CA LEU I 418 -20.67 25.87 -10.46
C LEU I 418 -19.73 24.73 -10.85
N GLU I 419 -18.62 24.59 -10.13
CA GLU I 419 -17.65 23.53 -10.36
C GLU I 419 -17.39 22.77 -9.07
N ARG I 420 -18.44 22.63 -8.25
CA ARG I 420 -18.34 21.96 -6.96
C ARG I 420 -18.16 20.45 -7.10
N ARG I 421 -18.61 19.88 -8.22
CA ARG I 421 -18.48 18.45 -8.43
C ARG I 421 -17.04 18.06 -8.73
N ILE I 422 -16.38 18.83 -9.60
CA ILE I 422 -14.95 18.63 -9.86
C ILE I 422 -14.11 19.04 -8.65
N GLU I 423 -14.58 20.00 -7.86
CA GLU I 423 -13.89 20.37 -6.63
C GLU I 423 -13.94 19.26 -5.60
N ASN I 424 -15.11 18.64 -5.44
CA ASN I 424 -15.24 17.49 -4.55
C ASN I 424 -14.44 16.30 -5.06
N LEU I 425 -14.38 16.14 -6.39
CA LEU I 425 -13.57 15.08 -6.99
C LEU I 425 -12.09 15.30 -6.70
N ASN I 426 -11.62 16.55 -6.82
CA ASN I 426 -10.22 16.88 -6.57
C ASN I 426 -9.86 16.69 -5.10
N LYS I 427 -10.72 17.15 -4.20
CA LYS I 427 -10.42 17.01 -2.78
C LYS I 427 -10.54 15.57 -2.32
N LYS I 428 -11.41 14.78 -2.96
CA LYS I 428 -11.49 13.36 -2.62
C LYS I 428 -10.29 12.59 -3.16
N MET I 429 -9.80 12.97 -4.34
CA MET I 429 -8.58 12.37 -4.89
C MET I 429 -7.37 12.66 -4.02
N GLU I 430 -7.22 13.93 -3.61
CA GLU I 430 -6.05 14.31 -2.82
C GLU I 430 -6.14 13.76 -1.40
N ASP I 431 -7.34 13.75 -0.80
CA ASP I 431 -7.51 13.15 0.52
C ASP I 431 -7.31 11.65 0.49
N GLY I 432 -7.76 10.98 -0.58
CA GLY I 432 -7.53 9.56 -0.70
C GLY I 432 -6.07 9.20 -0.89
N PHE I 433 -5.34 10.02 -1.66
CA PHE I 433 -3.91 9.79 -1.83
C PHE I 433 -3.15 10.05 -0.53
N LEU I 434 -3.52 11.09 0.21
CA LEU I 434 -2.90 11.34 1.51
C LEU I 434 -3.23 10.24 2.51
N ASP I 435 -4.44 9.69 2.46
CA ASP I 435 -4.81 8.58 3.34
C ASP I 435 -4.05 7.30 2.97
N VAL I 436 -3.87 7.05 1.66
CA VAL I 436 -3.11 5.90 1.19
C VAL I 436 -1.66 5.99 1.64
N TRP I 437 -1.05 7.16 1.49
CA TRP I 437 0.36 7.30 1.87
C TRP I 437 0.55 7.35 3.39
N THR I 438 -0.44 7.87 4.12
CA THR I 438 -0.42 7.81 5.58
C THR I 438 -0.49 6.37 6.07
N TYR I 439 -1.38 5.57 5.45
CA TYR I 439 -1.47 4.16 5.77
C TYR I 439 -0.17 3.43 5.43
N ASN I 440 0.44 3.76 4.30
CA ASN I 440 1.69 3.12 3.89
C ASN I 440 2.82 3.45 4.86
N ALA I 441 2.93 4.71 5.28
CA ALA I 441 3.96 5.11 6.22
C ALA I 441 3.77 4.47 7.59
N GLU I 442 2.53 4.50 8.10
CA GLU I 442 2.23 3.90 9.41
C GLU I 442 2.44 2.40 9.40
N LEU I 443 2.00 1.71 8.36
CA LEU I 443 2.13 0.26 8.30
C LEU I 443 3.58 -0.15 8.09
N LEU I 444 4.36 0.61 7.31
CA LEU I 444 5.76 0.31 7.16
C LEU I 444 6.52 0.53 8.46
N VAL I 445 6.17 1.57 9.21
CA VAL I 445 6.79 1.80 10.52
C VAL I 445 6.46 0.67 11.50
N LEU I 446 5.20 0.24 11.54
CA LEU I 446 4.80 -0.84 12.45
C LEU I 446 5.46 -2.18 12.08
N MET I 447 5.44 -2.52 10.79
CA MET I 447 6.00 -3.78 10.32
C MET I 447 7.51 -3.82 10.48
N GLU I 448 8.20 -2.72 10.16
CA GLU I 448 9.64 -2.70 10.34
C GLU I 448 10.04 -2.55 11.80
N ASN I 449 9.15 -2.05 12.67
CA ASN I 449 9.45 -2.08 14.10
C ASN I 449 9.39 -3.50 14.64
N GLU I 450 8.38 -4.27 14.22
CA GLU I 450 8.37 -5.71 14.54
C GLU I 450 9.60 -6.43 13.98
N ARG I 451 9.95 -6.15 12.72
CA ARG I 451 11.08 -6.81 12.10
C ARG I 451 12.39 -6.40 12.76
N THR I 452 12.51 -5.15 13.24
CA THR I 452 13.72 -4.72 13.93
C THR I 452 13.85 -5.37 15.29
N LEU I 453 12.77 -5.42 16.07
CA LEU I 453 12.85 -6.05 17.40
C LEU I 453 13.10 -7.55 17.29
N ASP I 454 12.47 -8.20 16.31
CA ASP I 454 12.74 -9.61 16.06
C ASP I 454 14.14 -9.83 15.51
N PHE I 455 14.67 -8.87 14.77
CA PHE I 455 16.04 -8.94 14.28
C PHE I 455 17.05 -8.86 15.41
N HIS I 456 16.79 -7.98 16.39
CA HIS I 456 17.65 -7.90 17.57
C HIS I 456 17.57 -9.17 18.42
N ASP I 457 16.36 -9.70 18.57
CA ASP I 457 16.17 -10.96 19.31
C ASP I 457 16.88 -12.11 18.62
N SER I 458 16.82 -12.17 17.29
CA SER I 458 17.53 -13.18 16.52
C SER I 458 19.03 -13.00 16.61
N ASN I 459 19.51 -11.76 16.69
CA ASN I 459 20.96 -11.54 16.83
C ASN I 459 21.48 -12.03 18.18
N VAL I 460 20.72 -11.76 19.26
CA VAL I 460 21.12 -12.27 20.57
C VAL I 460 21.05 -13.79 20.60
N LYS I 461 20.00 -14.38 20.00
CA LYS I 461 19.87 -15.83 19.93
C LYS I 461 20.99 -16.45 19.09
N ASN I 462 21.39 -15.79 18.01
CA ASN I 462 22.44 -16.32 17.14
C ASN I 462 23.80 -16.21 17.81
N LEU I 463 24.04 -15.15 18.58
CA LEU I 463 25.27 -15.03 19.35
C LEU I 463 25.36 -16.11 20.43
N TYR I 464 24.24 -16.35 21.12
CA TYR I 464 24.18 -17.42 22.11
C TYR I 464 24.40 -18.79 21.48
N ASP I 465 23.80 -19.03 20.32
CA ASP I 465 23.97 -20.29 19.61
C ASP I 465 25.40 -20.46 19.11
N LYS I 466 26.03 -19.36 18.69
CA LYS I 466 27.42 -19.41 18.23
C LYS I 466 28.36 -19.79 19.36
N VAL I 467 28.17 -19.18 20.53
CA VAL I 467 29.01 -19.54 21.68
C VAL I 467 28.70 -20.96 22.16
N ARG I 468 27.43 -21.37 22.14
CA ARG I 468 27.03 -22.71 22.57
C ARG I 468 27.61 -23.79 21.67
N LEU I 469 27.60 -23.56 20.35
CA LEU I 469 28.19 -24.51 19.43
C LEU I 469 29.71 -24.44 19.40
N GLN I 470 30.31 -23.33 19.83
CA GLN I 470 31.76 -23.32 20.04
C GLN I 470 32.15 -24.17 21.22
N LEU I 471 31.48 -24.00 22.36
CA LEU I 471 31.93 -24.64 23.59
C LEU I 471 31.60 -26.12 23.64
N ARG I 472 30.43 -26.50 23.11
CA ARG I 472 29.88 -27.88 23.08
C ARG I 472 29.76 -28.36 24.53
N ASP I 473 30.33 -29.50 24.89
CA ASP I 473 30.23 -30.05 26.24
C ASP I 473 31.38 -29.62 27.14
N ASN I 474 32.23 -28.70 26.69
CA ASN I 474 33.28 -28.15 27.54
C ASN I 474 32.78 -27.11 28.51
N ALA I 475 31.52 -26.69 28.37
CA ALA I 475 30.91 -25.72 29.29
C ALA I 475 29.52 -26.18 29.66
N LYS I 476 29.12 -25.88 30.89
CA LYS I 476 27.79 -26.20 31.38
C LYS I 476 26.84 -25.05 31.06
N GLU I 477 25.75 -25.36 30.38
CA GLU I 477 24.76 -24.36 30.00
C GLU I 477 23.85 -24.09 31.19
N LEU I 478 23.99 -22.91 31.79
CA LEU I 478 23.25 -22.57 33.00
C LEU I 478 21.81 -22.17 32.73
N GLY I 479 21.42 -21.96 31.49
CA GLY I 479 20.04 -21.70 31.14
C GLY I 479 19.57 -20.27 31.35
N ASN I 480 20.44 -19.38 31.81
CA ASN I 480 20.08 -17.98 32.00
C ASN I 480 20.88 -17.06 31.08
N GLY I 481 21.43 -17.60 30.00
CA GLY I 481 22.30 -16.86 29.12
C GLY I 481 23.78 -17.04 29.39
N CYS I 482 24.15 -17.76 30.45
CA CYS I 482 25.53 -17.91 30.88
C CYS I 482 26.02 -19.33 30.61
N PHE I 483 27.34 -19.48 30.58
CA PHE I 483 27.99 -20.77 30.38
C PHE I 483 28.99 -21.01 31.49
N GLU I 484 28.80 -22.09 32.24
CA GLU I 484 29.70 -22.48 33.31
C GLU I 484 30.83 -23.32 32.72
N PHE I 485 32.03 -22.75 32.65
CA PHE I 485 33.16 -23.46 32.06
C PHE I 485 33.62 -24.59 32.97
N TYR I 486 33.81 -25.77 32.38
CA TYR I 486 34.41 -26.87 33.13
C TYR I 486 35.91 -26.68 33.27
N HIS I 487 36.57 -26.17 32.23
CA HIS I 487 38.00 -25.93 32.27
C HIS I 487 38.29 -24.49 32.70
N LYS I 488 39.55 -24.25 33.03
CA LYS I 488 40.00 -22.91 33.43
C LYS I 488 40.19 -22.08 32.17
N CYS I 489 39.26 -21.14 31.95
CA CYS I 489 39.26 -20.29 30.77
C CYS I 489 39.78 -18.92 31.18
N ASP I 490 41.04 -18.64 30.86
CA ASP I 490 41.66 -17.37 31.20
C ASP I 490 41.28 -16.32 30.16
N ASN I 491 41.95 -15.16 30.21
CA ASN I 491 41.56 -14.04 29.36
C ASN I 491 41.86 -14.30 27.89
N GLU I 492 42.91 -15.06 27.59
CA GLU I 492 43.16 -15.47 26.21
C GLU I 492 42.09 -16.44 25.71
N CYS I 493 41.60 -17.32 26.60
CA CYS I 493 40.52 -18.22 26.23
C CYS I 493 39.20 -17.48 26.05
N MET I 494 38.95 -16.44 26.86
CA MET I 494 37.77 -15.61 26.67
C MET I 494 37.85 -14.79 25.38
N GLU I 495 39.03 -14.31 25.02
CA GLU I 495 39.18 -13.67 23.71
C GLU I 495 39.02 -14.67 22.58
N SER I 496 39.41 -15.93 22.80
CA SER I 496 39.22 -16.96 21.78
C SER I 496 37.75 -17.28 21.58
N VAL I 497 36.97 -17.35 22.66
CA VAL I 497 35.53 -17.57 22.49
C VAL I 497 34.80 -16.32 22.05
N ARG I 498 35.44 -15.14 22.15
CA ARG I 498 34.78 -13.91 21.75
C ARG I 498 34.76 -13.73 20.23
N ASN I 499 35.83 -14.10 19.52
CA ASN I 499 35.89 -13.92 18.07
C ASN I 499 35.87 -15.24 17.31
N GLY I 500 35.19 -16.24 17.85
CA GLY I 500 34.92 -17.45 17.10
C GLY I 500 36.09 -18.38 16.88
N THR I 501 37.14 -18.28 17.69
CA THR I 501 38.35 -19.06 17.52
C THR I 501 38.69 -19.87 18.77
N TYR I 502 37.66 -20.38 19.45
CA TYR I 502 37.89 -21.27 20.58
C TYR I 502 38.29 -22.64 20.08
N ASP I 503 39.36 -23.19 20.63
CA ASP I 503 39.88 -24.48 20.23
C ASP I 503 39.34 -25.52 21.19
N TYR I 504 38.44 -26.37 20.70
CA TYR I 504 37.87 -27.45 21.51
C TYR I 504 38.88 -28.48 22.03
N PRO I 505 39.77 -29.09 21.22
CA PRO I 505 40.60 -30.17 21.78
C PRO I 505 41.73 -29.71 22.69
N GLN I 506 42.04 -28.41 22.75
CA GLN I 506 43.01 -27.94 23.75
C GLN I 506 42.45 -28.08 25.16
N TYR I 507 41.17 -27.78 25.34
CA TYR I 507 40.55 -27.75 26.66
C TYR I 507 39.63 -28.94 26.91
N SER I 508 39.42 -29.81 25.91
CA SER I 508 38.45 -30.90 26.06
C SER I 508 38.88 -31.94 27.08
N GLU I 509 40.20 -32.22 27.18
CA GLU I 509 40.70 -33.24 28.10
C GLU I 509 40.49 -32.83 29.56
N GLU I 510 40.90 -31.61 29.91
CA GLU I 510 40.62 -31.10 31.24
C GLU I 510 39.14 -30.81 31.44
N ALA I 511 38.37 -30.54 30.38
CA ALA I 511 36.92 -30.33 30.61
C ALA I 511 36.27 -31.66 30.94
N ARG I 512 36.54 -32.70 30.14
CA ARG I 512 35.97 -34.06 30.41
C ARG I 512 36.41 -34.48 31.82
N LEU I 513 37.68 -34.28 32.15
CA LEU I 513 38.17 -34.62 33.51
C LEU I 513 37.31 -33.87 34.52
N LYS I 514 37.33 -32.54 34.47
CA LYS I 514 36.60 -31.77 35.47
C LYS I 514 35.15 -32.20 35.56
N ARG I 515 34.57 -32.67 34.45
CA ARG I 515 33.23 -33.25 34.51
C ARG I 515 33.19 -34.49 35.38
N GLU I 516 34.21 -35.36 35.25
CA GLU I 516 34.30 -36.54 36.09
C GLU I 516 34.53 -36.17 37.56
N GLU I 517 35.40 -35.20 37.84
CA GLU I 517 35.71 -34.89 39.23
C GLU I 517 34.66 -33.99 39.89
N ILE I 518 33.80 -33.34 39.11
CA ILE I 518 32.71 -32.54 39.69
C ILE I 518 31.45 -33.39 39.82
N SER I 519 31.20 -34.30 38.87
CA SER I 519 30.09 -35.25 39.00
C SER I 519 30.28 -36.16 40.20
C1 GAL J . -8.15 37.85 -49.15
C2 GAL J . -7.47 36.61 -49.70
C3 GAL J . -8.30 35.43 -49.24
C4 GAL J . -8.18 35.40 -47.73
C5 GAL J . -8.73 36.67 -47.12
C6 GAL J . -8.44 36.69 -45.63
O2 GAL J . -7.41 36.63 -51.12
O3 GAL J . -7.84 34.18 -49.80
O4 GAL J . -6.80 35.27 -47.37
O5 GAL J . -8.14 37.82 -47.72
O6 GAL J . -8.38 35.36 -45.09
C1 SIA J . -8.14 31.86 -49.90
C2 SIA J . -8.88 33.17 -50.15
C3 SIA J . -9.46 33.01 -51.55
C4 SIA J . -10.44 31.87 -51.59
C5 SIA J . -11.58 32.16 -50.63
C6 SIA J . -11.08 32.36 -49.20
C7 SIA J . -12.19 33.09 -48.45
C8 SIA J . -12.10 33.07 -46.93
C9 SIA J . -10.95 33.88 -46.37
C10 SIA J . -13.90 31.38 -50.79
C11 SIA J . -14.82 30.21 -50.60
N5 SIA J . -12.59 31.12 -50.66
O1A SIA J . -8.33 31.24 -48.89
O1B SIA J . -7.35 31.46 -50.71
O4 SIA J . -10.93 31.71 -52.92
O6 SIA J . -9.95 33.28 -49.19
O7 SIA J . -12.24 34.45 -48.88
O8 SIA J . -13.31 33.58 -46.39
O9 SIA J . -11.03 33.98 -44.95
O10 SIA J . -14.30 32.50 -51.05
C1 GAL K . -26.82 55.95 -9.81
C2 GAL K . -25.53 56.15 -9.04
C3 GAL K . -24.40 55.64 -9.91
C4 GAL K . -24.64 54.15 -10.04
C5 GAL K . -25.97 53.89 -10.74
C6 GAL K . -26.29 52.40 -10.80
O2 GAL K . -25.33 57.54 -8.74
O3 GAL K . -23.11 55.89 -9.33
O4 GAL K . -24.65 53.56 -8.74
O5 GAL K . -27.02 54.55 -10.04
O6 GAL K . -25.27 51.60 -10.20
C1 SIA K . -20.91 55.17 -9.44
C2 SIA K . -21.93 55.97 -10.24
C3 SIA K . -21.23 57.28 -10.59
C4 SIA K . -20.01 57.03 -11.46
C5 SIA K . -20.41 56.27 -12.71
C6 SIA K . -21.11 54.95 -12.36
C7 SIA K . -21.75 54.39 -13.62
C8 SIA K . -21.93 52.87 -13.62
C9 SIA K . -22.91 52.38 -12.58
C10 SIA K . -19.28 56.25 -14.88
C11 SIA K . -18.06 55.84 -15.62
N5 SIA K . -19.27 56.01 -13.57
O1A SIA K . -20.69 54.01 -9.70
O1B SIA K . -20.33 55.70 -8.53
O4 SIA K . -19.41 58.28 -11.81
O6 SIA K . -22.19 55.23 -11.45
O7 SIA K . -23.03 55.01 -13.83
O8 SIA K . -22.39 52.47 -14.90
O9 SIA K . -23.24 51.01 -12.79
O10 SIA K . -20.22 56.81 -15.43
C1 GAL L . -48.40 22.06 -32.70
C2 GAL L . -49.40 21.39 -31.76
C3 GAL L . -48.70 21.13 -30.46
C4 GAL L . -47.63 20.15 -30.77
C5 GAL L . -46.60 20.95 -31.54
C6 GAL L . -45.32 20.15 -31.75
O2 GAL L . -50.51 22.24 -31.52
O3 GAL L . -49.57 20.65 -29.41
O4 GAL L . -48.23 19.12 -31.56
O5 GAL L . -47.18 21.34 -32.80
O6 GAL L . -44.36 20.59 -30.78
C1 SIA L . -49.06 20.51 -27.06
C2 SIA L . -49.61 21.45 -28.13
C3 SIA L . -50.95 21.95 -27.60
C4 SIA L . -50.77 22.76 -26.33
C5 SIA L . -49.80 23.90 -26.57
C6 SIA L . -48.46 23.38 -27.10
C7 SIA L . -47.68 24.57 -27.66
C8 SIA L . -46.19 24.35 -27.53
C9 SIA L . -45.79 22.92 -27.73
C10 SIA L . -49.47 25.98 -25.34
C11 SIA L . -49.12 26.60 -24.04
N5 SIA L . -49.55 24.65 -25.35
O1A SIA L . -47.94 20.62 -26.68
O1B SIA L . -49.77 19.64 -26.65
O4 SIA L . -52.06 23.27 -25.98
O6 SIA L . -48.71 22.57 -28.24
O7 SIA L . -48.02 24.79 -29.01
O8 SIA L . -45.52 25.13 -28.52
O9 SIA L . -44.52 22.82 -28.38
O10 SIA L . -49.66 26.64 -26.34
C1 NAG M . -13.45 -33.68 18.10
C2 NAG M . -13.48 -33.61 19.63
C3 NAG M . -13.04 -34.97 20.19
C4 NAG M . -13.85 -36.12 19.59
C5 NAG M . -13.84 -36.03 18.07
C6 NAG M . -14.70 -37.05 17.37
C7 NAG M . -13.08 -31.39 20.59
C8 NAG M . -12.01 -30.42 21.05
N2 NAG M . -12.62 -32.56 20.11
O3 NAG M . -13.18 -34.91 21.59
O4 NAG M . -13.27 -37.32 20.05
O5 NAG M . -14.29 -34.74 17.68
O6 NAG M . -16.06 -36.76 17.60
O7 NAG M . -14.27 -31.10 20.67
C1 NAG N . -10.06 -23.68 -0.73
C2 NAG N . -9.83 -23.99 -2.22
C3 NAG N . -11.06 -23.56 -3.02
C4 NAG N . -12.36 -24.13 -2.45
C5 NAG N . -12.45 -23.78 -0.96
C6 NAG N . -13.66 -24.33 -0.25
C7 NAG N . -7.46 -23.92 -2.91
C8 NAG N . -6.36 -23.00 -3.40
N2 NAG N . -8.64 -23.32 -2.68
O3 NAG N . -10.85 -23.97 -4.36
O4 NAG N . -13.42 -23.58 -3.18
O5 NAG N . -11.28 -24.27 -0.32
O6 NAG N . -13.66 -25.74 -0.30
O7 NAG N . -7.25 -25.11 -2.72
C1 NAG O . -33.79 43.08 -0.24
C2 NAG O . -33.06 44.21 -0.99
C3 NAG O . -32.00 44.85 -0.09
C4 NAG O . -32.53 45.22 1.30
C5 NAG O . -33.20 43.99 1.91
C6 NAG O . -33.82 44.24 3.26
C7 NAG O . -32.65 44.23 -3.45
C8 NAG O . -33.63 45.37 -3.60
N2 NAG O . -32.45 43.75 -2.21
O3 NAG O . -31.51 45.98 -0.76
O4 NAG O . -31.44 45.66 2.06
O5 NAG O . -34.22 43.54 1.03
O6 NAG O . -34.82 45.23 3.14
O7 NAG O . -32.09 43.77 -4.44
C1 NAG P . -31.16 -3.94 11.46
C2 NAG P . -32.47 -4.76 11.45
C3 NAG P . -33.62 -3.87 11.92
C4 NAG P . -33.33 -3.26 13.29
C5 NAG P . -31.98 -2.53 13.24
C6 NAG P . -31.53 -1.96 14.57
C7 NAG P . -32.83 -6.64 9.91
C8 NAG P . -33.11 -7.03 8.48
N2 NAG P . -32.73 -5.32 10.15
O3 NAG P . -34.79 -4.66 11.94
O4 NAG P . -34.39 -2.38 13.60
O5 NAG P . -30.98 -3.42 12.77
O6 NAG P . -31.23 -3.02 15.45
O7 NAG P . -32.69 -7.49 10.79
C1 NAG Q . 3.92 -21.19 41.26
C2 NAG Q . 3.19 -22.55 41.46
C3 NAG Q . 3.51 -23.13 42.83
C4 NAG Q . 4.99 -23.03 43.21
C5 NAG Q . 5.45 -21.59 42.99
C6 NAG Q . 6.88 -21.30 43.42
C7 NAG Q . 1.11 -22.48 40.13
C8 NAG Q . -0.38 -22.29 40.23
N2 NAG Q . 1.77 -22.39 41.30
O3 NAG Q . 3.08 -24.47 42.86
O4 NAG Q . 5.11 -23.42 44.56
O5 NAG Q . 5.28 -21.30 41.61
O6 NAG Q . 7.15 -19.93 43.27
O7 NAG Q . 1.65 -22.69 39.06
C1 NAG R . 31.91 -22.79 -9.52
C2 NAG R . 32.81 -23.28 -10.68
C3 NAG R . 33.86 -24.26 -10.14
C4 NAG R . 34.62 -23.69 -8.94
C5 NAG R . 33.61 -23.22 -7.88
C6 NAG R . 34.24 -22.57 -6.67
C7 NAG R . 32.29 -23.78 -13.03
C8 NAG R . 31.35 -24.54 -13.94
N2 NAG R . 32.04 -23.91 -11.72
O3 NAG R . 34.74 -24.56 -11.20
O4 NAG R . 35.45 -24.71 -8.44
O5 NAG R . 32.72 -22.30 -8.48
O6 NAG R . 33.23 -22.05 -5.84
O7 NAG R . 33.20 -23.10 -13.48
C1 NAG S . 24.43 -3.19 -6.30
C2 NAG S . 25.64 -3.29 -5.33
C3 NAG S . 26.73 -2.31 -5.79
C4 NAG S . 27.04 -2.36 -7.28
C5 NAG S . 25.73 -2.27 -8.07
C6 NAG S . 25.88 -2.39 -9.56
C7 NAG S . 25.82 -3.54 -2.89
C8 NAG S . 25.31 -3.03 -1.56
N2 NAG S . 25.28 -2.97 -3.98
O3 NAG S . 27.89 -2.56 -5.02
O4 NAG S . 27.90 -1.27 -7.57
O5 NAG S . 24.92 -3.32 -7.62
O6 NAG S . 26.22 -3.71 -9.91
O7 NAG S . 26.68 -4.41 -2.94
C1 NAG T . -37.45 9.42 -39.07
C2 NAG T . -38.55 10.35 -38.51
C3 NAG T . -39.58 9.55 -37.69
C4 NAG T . -40.06 8.30 -38.39
C5 NAG T . -38.84 7.47 -38.79
C6 NAG T . -39.16 6.18 -39.51
C7 NAG T . -38.17 12.72 -37.83
C8 NAG T . -39.08 13.17 -38.95
N2 NAG T . -37.98 11.39 -37.70
O3 NAG T . -40.64 10.43 -37.40
O4 NAG T . -40.90 7.60 -37.49
O5 NAG T . -38.03 8.26 -39.64
O6 NAG T . -39.05 6.37 -40.90
O7 NAG T . -37.65 13.53 -37.09
C1 NAG U . 6.95 -10.36 -30.88
C2 NAG U . 8.19 -9.44 -30.91
C3 NAG U . 9.24 -10.05 -31.84
C4 NAG U . 9.53 -11.51 -31.50
C5 NAG U . 8.21 -12.30 -31.42
C6 NAG U . 8.39 -13.75 -31.01
C7 NAG U . 8.07 -7.00 -30.59
C8 NAG U . 7.64 -5.71 -31.24
N2 NAG U . 7.86 -8.10 -31.34
O3 NAG U . 10.40 -9.25 -31.75
O4 NAG U . 10.38 -12.02 -32.50
O5 NAG U . 7.33 -11.67 -30.50
O6 NAG U . 9.14 -14.42 -32.00
O7 NAG U . 8.57 -7.03 -29.48
C1 NAG V . 13.31 -44.45 4.05
C2 NAG V . 14.71 -45.10 3.92
C3 NAG V . 14.69 -46.56 4.41
C4 NAG V . 13.85 -46.83 5.64
C5 NAG V . 12.47 -46.18 5.45
C6 NAG V . 11.48 -46.40 6.57
C7 NAG V . 15.58 -44.10 1.78
C8 NAG V . 15.95 -44.46 0.36
N2 NAG V . 15.13 -45.12 2.54
O3 NAG V . 16.02 -46.97 4.61
O4 NAG V . 13.74 -48.23 5.74
O5 NAG V . 12.69 -44.79 5.29
O6 NAG V . 11.06 -47.74 6.58
O7 NAG V . 15.69 -42.94 2.17
C1 NAG W . 20.67 4.75 34.75
C2 NAG W . 22.16 4.46 34.57
C3 NAG W . 22.67 3.77 35.84
C4 NAG W . 22.36 4.58 37.10
C5 NAG W . 20.86 4.94 37.12
C6 NAG W . 20.47 5.86 38.26
C7 NAG W . 22.99 4.12 32.29
C8 NAG W . 23.16 3.12 31.18
N2 NAG W . 22.40 3.66 33.41
O3 NAG W . 24.04 3.55 35.69
O4 NAG W . 22.73 3.80 38.21
O5 NAG W . 20.50 5.57 35.90
O6 NAG W . 20.82 5.29 39.49
O7 NAG W . 23.38 5.27 32.16
C1 NAG X . 1.33 5.38 25.08
C2 NAG X . -0.17 5.33 25.40
C3 NAG X . -0.77 6.73 25.26
C4 NAG X . 0.02 7.78 26.07
C5 NAG X . 1.50 7.69 25.66
C6 NAG X . 2.40 8.64 26.43
C7 NAG X . -1.18 3.14 24.87
C8 NAG X . -1.87 2.36 23.78
N2 NAG X . -0.84 4.40 24.53
O3 NAG X . -2.11 6.67 25.68
O4 NAG X . -0.54 9.04 25.78
O5 NAG X . 1.95 6.36 25.88
O6 NAG X . 2.32 8.38 27.80
O7 NAG X . -0.96 2.66 25.97
C1 NAG Y . 4.19 41.75 -35.96
C2 NAG Y . 3.41 41.17 -37.16
C3 NAG Y . 4.33 40.27 -37.98
C4 NAG Y . 5.64 40.97 -38.37
C5 NAG Y . 6.30 41.51 -37.09
C6 NAG Y . 7.57 42.28 -37.34
C7 NAG Y . 1.05 40.54 -37.33
C8 NAG Y . -0.03 39.67 -36.75
N2 NAG Y . 2.26 40.43 -36.74
O3 NAG Y . 3.61 39.85 -39.12
O4 NAG Y . 6.45 40.02 -39.02
O5 NAG Y . 5.38 42.36 -36.43
O6 NAG Y . 7.93 42.99 -36.18
O7 NAG Y . 0.84 41.29 -38.28
C1 NAG Z . 14.61 28.30 10.14
C2 NAG Z . 13.52 28.40 11.23
C3 NAG Z . 14.09 29.09 12.46
C4 NAG Z . 15.41 28.46 12.92
C5 NAG Z . 16.39 28.40 11.74
C6 NAG Z . 17.71 27.75 12.06
C7 NAG Z . 11.12 28.61 10.68
C8 NAG Z . 10.07 29.55 10.15
N2 NAG Z . 12.37 29.13 10.75
O3 NAG Z . 13.11 29.04 13.47
O4 NAG Z . 15.92 29.26 13.97
O5 NAG Z . 15.78 27.69 10.67
O6 NAG Z . 18.40 28.53 13.01
O7 NAG Z . 10.85 27.47 11.01
C1 NAG AA . 40.53 -12.37 19.18
C2 NAG AA . 41.63 -13.20 18.47
C3 NAG AA . 43.02 -12.54 18.49
C4 NAG AA . 42.99 -11.02 18.36
C5 NAG AA . 42.09 -10.50 19.47
C6 NAG AA . 42.03 -8.99 19.53
C7 NAG AA . 42.31 -15.59 18.66
C8 NAG AA . 42.36 -16.75 19.63
N2 NAG AA . 41.79 -14.46 19.17
O3 NAG AA . 43.78 -13.12 17.46
O4 NAG AA . 44.32 -10.57 18.49
O5 NAG AA . 40.80 -10.98 19.21
O6 NAG AA . 41.61 -8.49 18.28
O7 NAG AA . 42.71 -15.69 17.51
#